data_9CZ7
#
_entry.id   9CZ7
#
_cell.length_a   96.494
_cell.length_b   132.501
_cell.length_c   168.366
_cell.angle_alpha   90.00
_cell.angle_beta   90.00
_cell.angle_gamma   90.00
#
_symmetry.space_group_name_H-M   'P 21 21 21'
#
loop_
_entity.id
_entity.type
_entity.pdbx_description
1 polymer 'Integrin alpha-V heavy chain'
2 polymer 'Integrin beta-6'
3 polymer '17E6 Fab light chain'
4 polymer '17E6 Fab heavy chain'
5 branched beta-D-mannopyranose-(1-4)-2-acetamido-2-deoxy-beta-D-glucopyranose-(1-4)-2-acetamido-2-deoxy-beta-D-glucopyranose
6 branched alpha-D-mannopyranose-(1-3)-[alpha-D-mannopyranose-(1-6)]alpha-D-mannopyranose-(1-6)-beta-D-mannopyranose-(1-4)-2-acetamido-2-deoxy-beta-D-glucopyranose-(1-4)-2-acetamido-2-deoxy-beta-D-glucopyranose
7 branched alpha-D-mannopyranose-(1-3)-[alpha-D-mannopyranose-(1-6)]beta-D-mannopyranose-(1-4)-2-acetamido-2-deoxy-beta-D-glucopyranose-(1-4)-2-acetamido-2-deoxy-beta-D-glucopyranose
8 non-polymer 'CALCIUM ION'
9 non-polymer GLYCEROL
10 non-polymer 'MAGNESIUM ION'
11 non-polymer '(2S)-phenyl{(3S)-3-[4-(5,6,7,8-tetrahydro-1,8-naphthyridin-2-yl)butoxy]pyrrolidin-1-yl}acetic acid'
12 non-polymer 2-acetamido-2-deoxy-beta-D-glucopyranose
13 non-polymer 'ACETATE ION'
14 water water
#
loop_
_entity_poly.entity_id
_entity_poly.type
_entity_poly.pdbx_seq_one_letter_code
_entity_poly.pdbx_strand_id
1 'polypeptide(L)'
;FNLDVDSPAEYSGPEGSYFGFAVDFFVPSASSRMFLLVGAPKANTTQPGIVEGGQVLKCDWSSTRRCQPIEFDATGNRDY
AKDDPLEFKSHQWFGASVRSKQDKILACAPLYHWRTEMKQEREPVGTCFLQDGTKTVEYAPCRSQDIDADGQGFCQGGFS
IDFTKADRVLLGGPGSFYWQGQLISDQVAEIVSKYDPNVYSIKYNNQLATRTAQAIFDDSYLGYSVAVGDFNGDGIDDFV
SGVPRAARTLGMVYIYDGKNMSSLYNFTGEQMAAYFGFSVAATDINGDDYADVFIGAPLFMDRGSDGKLQEVGQVSVSLQ
RASGDFQTTKLNGFEVFARFGSAIAPLGDLDQDGFNDIAIAAPYGGEDKKGIVYIFNGRSTGLNAVPSQILEGQWAARSC
PPSFGYSMKGATDIDKNGYPDLIVGAFGVDRAILYRARPVITVNAGLEVYPSILNQDNKTCSLPGTALKVSCFNVRFCLK
ADGKGVLPRKLNFQVELLLDKLKQKGAIRRALFLYSRSPSHSKNMTISRGGLMQCEELIAYLRDESEFRDKLTPITIFME
YRLDYRTAADTTGLQPILNQFTPANISRQAHILLDGGSLEVLFQG
;
A
2 'polypeptide(L)'
;GCALGGAETCEDCLLIGPQCAWCAQENFTHPSGVGERCDTPANLLAKGCQLNFIENPVSQVEILKNKPLSVGRQKNSSDI
VQIAPQSLILKLRPGGAQTLQVHVRQTEDYPVDLYYLMDLSASMDDDLNTIKELGSRLSKEMSKLTSNFRLGFGSFVEKP
VSPFVKTTPEEIANPCSSIPYFCLPTFGFKHILPLTNDAERFNEIVKNQKISANIDTPEGGFDAIMQAAVCKEKIGWRND
SLHLLVFVSDADSHFGMDSKLAGIVCPNDGLCHLDSKNEYSMSTVLEYPTIGQLIDKLVQNNVLLIFAVTQEQVHLYENY
AKLIPGATVGLLQKDSGNILQLIISAYEELRSEVELEVLGDTEGLNLSFTAICNNGTLFQHQKKCSHMKVGDTASFSVTV
NIPHCERRSRHIIIKPVGLGDALELLVSPECNCDCQKEVEVNSSKCHHGNGSFQCGVCACHPGHMGPRCESGHSLEVLFQ
G
;
B
3 'polypeptide(L)'
;DIQMTQTTSSLSASLGDRVIISCRASQDISNYLSWYQQKPDGTVKLLIFYTSKLHSGVPSRFSGSGSGTDYSLTISNLDQ
EDIATYFCQQGNTFPYTFGGGTKVEMRRADAAPTVSIFPPSSEQLTSGGASVVCFLNNFYPKDINVKWKIDGSERQNGVL
NSWTDQDSKDSTYSFSSTLTLTKDEYERHNSYTCEATHKTSTSPIVKSFNRNEC
;
C
4 'polypeptide(L)'
;QVQLQQSGAELAEPGASVKMSCKASGYTFSSFWMHWVKQRPGQGLEWIGYINPNSGYTECNEIFRDKATMTADTSSSTAY
MQLSGLTSEDSAVYYCASFLGRGAMDYWGQGTSVTVSSAKTTAPSVYPLAPVCGDTTGSSVTLGCLVKGYFPEPVTLTWN
SGSLSAGVHTFPAVLQSSLYTLSSSVTVVASTWPSQSITCNVAHPASSTKVDKKIEPR
;
D
#
# COMPACT_ATOMS: atom_id res chain seq x y z
N PHE A 1 24.33 -5.78 -17.89
CA PHE A 1 25.05 -6.83 -18.65
C PHE A 1 26.20 -7.49 -17.88
N ASN A 2 26.64 -6.90 -16.76
CA ASN A 2 27.85 -7.35 -16.09
C ASN A 2 27.59 -8.18 -14.83
N LEU A 3 26.36 -8.58 -14.57
CA LEU A 3 26.10 -9.45 -13.43
C LEU A 3 26.69 -10.84 -13.68
N ASP A 4 27.32 -11.39 -12.64
CA ASP A 4 27.93 -12.71 -12.72
C ASP A 4 26.87 -13.77 -12.46
N VAL A 5 26.46 -14.48 -13.51
CA VAL A 5 25.48 -15.54 -13.39
C VAL A 5 26.10 -16.93 -13.35
N ASP A 6 27.40 -17.05 -13.63
CA ASP A 6 28.03 -18.36 -13.65
C ASP A 6 28.17 -18.94 -12.25
N SER A 7 28.40 -18.10 -11.24
CA SER A 7 28.65 -18.57 -9.88
C SER A 7 28.09 -17.56 -8.88
N PRO A 8 26.77 -17.57 -8.67
CA PRO A 8 26.18 -16.73 -7.63
C PRO A 8 26.14 -17.43 -6.27
N ALA A 9 25.93 -16.62 -5.24
CA ALA A 9 25.85 -17.12 -3.88
C ALA A 9 24.42 -17.56 -3.59
N GLU A 10 24.26 -18.83 -3.22
CA GLU A 10 22.97 -19.48 -3.10
C GLU A 10 22.70 -19.78 -1.63
N TYR A 11 21.68 -19.14 -1.06
CA TYR A 11 21.27 -19.34 0.31
C TYR A 11 19.92 -20.05 0.34
N SER A 12 19.72 -20.86 1.38
CA SER A 12 18.50 -21.64 1.53
C SER A 12 17.94 -21.49 2.93
N GLY A 13 16.63 -21.64 3.05
CA GLY A 13 15.96 -21.63 4.33
C GLY A 13 15.15 -22.89 4.53
N PRO A 14 14.45 -22.96 5.66
CA PRO A 14 13.62 -24.15 5.93
C PRO A 14 12.56 -24.34 4.86
N GLU A 15 12.29 -25.59 4.52
CA GLU A 15 11.27 -25.89 3.52
C GLU A 15 9.90 -25.42 4.00
N GLY A 16 9.21 -24.67 3.15
CA GLY A 16 7.88 -24.19 3.46
C GLY A 16 7.84 -22.89 4.23
N SER A 17 8.98 -22.28 4.50
CA SER A 17 9.05 -21.04 5.27
C SER A 17 8.96 -19.80 4.40
N TYR A 18 8.84 -19.95 3.08
CA TYR A 18 8.86 -18.81 2.16
C TYR A 18 10.11 -17.98 2.37
N PHE A 19 11.21 -18.64 2.75
CA PHE A 19 12.51 -18.00 2.80
C PHE A 19 12.81 -17.32 1.47
N GLY A 20 12.99 -16.00 1.51
CA GLY A 20 13.20 -15.22 0.30
C GLY A 20 12.02 -14.38 -0.11
N PHE A 21 10.92 -14.40 0.66
CA PHE A 21 9.77 -13.54 0.36
C PHE A 21 10.14 -12.06 0.42
N ALA A 22 11.20 -11.71 1.15
CA ALA A 22 11.68 -10.34 1.26
C ALA A 22 13.19 -10.39 1.44
N VAL A 23 13.89 -9.41 0.87
CA VAL A 23 15.34 -9.38 0.90
C VAL A 23 15.83 -7.95 1.01
N ASP A 24 16.93 -7.76 1.74
CA ASP A 24 17.56 -6.45 1.83
C ASP A 24 19.02 -6.64 2.24
N PHE A 25 19.83 -5.62 1.93
CA PHE A 25 21.21 -5.58 2.38
C PHE A 25 21.28 -5.00 3.78
N PHE A 26 22.26 -5.49 4.55
CA PHE A 26 22.52 -4.98 5.90
C PHE A 26 23.94 -4.44 5.97
N VAL A 27 24.07 -3.15 6.26
CA VAL A 27 25.38 -2.51 6.40
C VAL A 27 25.47 -1.86 7.77
N PRO A 28 26.24 -2.40 8.70
CA PRO A 28 26.43 -1.71 9.98
C PRO A 28 27.15 -0.39 9.80
N SER A 29 26.91 0.53 10.74
CA SER A 29 27.47 1.87 10.66
C SER A 29 28.97 1.91 10.90
N ALA A 30 29.53 0.87 11.53
CA ALA A 30 30.96 0.84 11.86
C ALA A 30 31.82 0.24 10.75
N SER A 31 31.35 0.29 9.50
CA SER A 31 32.10 -0.22 8.36
C SER A 31 32.59 -1.65 8.61
N SER A 32 31.74 -2.45 9.26
CA SER A 32 32.07 -3.84 9.54
C SER A 32 31.67 -4.69 8.34
N ARG A 33 31.68 -6.01 8.51
CA ARG A 33 31.23 -6.89 7.44
C ARG A 33 29.79 -6.55 7.07
N MET A 34 29.45 -6.84 5.83
CA MET A 34 28.09 -6.67 5.33
C MET A 34 27.41 -8.03 5.31
N PHE A 35 26.09 -8.00 5.47
CA PHE A 35 25.28 -9.21 5.52
C PHE A 35 24.06 -9.07 4.63
N LEU A 36 23.34 -10.17 4.49
CA LEU A 36 22.07 -10.21 3.78
C LEU A 36 20.95 -10.46 4.77
N LEU A 37 19.87 -9.70 4.63
CA LEU A 37 18.65 -9.92 5.40
C LEU A 37 17.65 -10.63 4.51
N VAL A 38 17.04 -11.70 5.03
CA VAL A 38 16.10 -12.51 4.27
C VAL A 38 14.88 -12.80 5.15
N GLY A 39 13.70 -12.46 4.63
CA GLY A 39 12.47 -12.78 5.33
C GLY A 39 12.01 -14.19 5.02
N ALA A 40 11.57 -14.90 6.06
CA ALA A 40 10.98 -16.22 5.94
C ALA A 40 9.66 -16.19 6.71
N PRO A 41 8.63 -15.54 6.15
CA PRO A 41 7.44 -15.21 6.94
C PRO A 41 6.64 -16.42 7.41
N LYS A 42 6.88 -17.62 6.89
CA LYS A 42 6.18 -18.82 7.36
C LYS A 42 7.07 -19.73 8.18
N ALA A 43 8.27 -19.28 8.55
CA ALA A 43 9.18 -20.11 9.32
C ALA A 43 8.66 -20.33 10.73
N ASN A 44 8.81 -21.55 11.21
CA ASN A 44 8.51 -21.85 12.61
C ASN A 44 9.59 -21.26 13.51
N THR A 45 9.21 -20.91 14.72
CA THR A 45 10.09 -20.26 15.67
C THR A 45 10.02 -20.95 17.02
N THR A 46 10.93 -20.57 17.91
CA THR A 46 10.95 -21.08 19.28
C THR A 46 9.97 -20.37 20.19
N GLN A 47 9.28 -19.35 19.70
CA GLN A 47 8.32 -18.63 20.51
C GLN A 47 7.30 -19.59 21.09
N PRO A 48 7.08 -19.60 22.40
CA PRO A 48 6.16 -20.58 23.00
C PRO A 48 4.76 -20.47 22.42
N GLY A 49 4.27 -21.58 21.87
CA GLY A 49 2.90 -21.68 21.41
C GLY A 49 2.60 -21.02 20.07
N ILE A 50 3.61 -20.49 19.39
CA ILE A 50 3.41 -19.77 18.14
C ILE A 50 3.77 -20.71 16.98
N VAL A 51 2.83 -20.90 16.06
CA VAL A 51 3.05 -21.68 14.86
C VAL A 51 3.28 -20.71 13.70
N GLU A 52 4.35 -20.96 12.95
CA GLU A 52 4.68 -20.16 11.77
C GLU A 52 4.58 -18.66 12.04
N GLY A 53 5.22 -18.25 13.14
CA GLY A 53 5.36 -16.82 13.39
C GLY A 53 6.27 -16.12 12.39
N GLY A 54 7.08 -16.87 11.66
CA GLY A 54 8.01 -16.29 10.72
C GLY A 54 9.20 -15.67 11.42
N GLN A 55 10.22 -15.35 10.62
CA GLN A 55 11.43 -14.75 11.18
C GLN A 55 12.22 -14.09 10.07
N VAL A 56 13.15 -13.23 10.49
CA VAL A 56 14.11 -12.58 9.60
C VAL A 56 15.48 -13.16 9.91
N LEU A 57 16.26 -13.46 8.87
CA LEU A 57 17.57 -14.07 9.02
C LEU A 57 18.65 -13.14 8.50
N LYS A 58 19.77 -13.09 9.24
CA LYS A 58 20.99 -12.43 8.79
C LYS A 58 21.91 -13.49 8.21
N CYS A 59 22.48 -13.21 7.05
CA CYS A 59 23.28 -14.18 6.31
C CYS A 59 24.67 -13.64 6.06
N ASP A 60 25.70 -14.40 6.46
CA ASP A 60 27.07 -14.04 6.16
C ASP A 60 27.28 -14.00 4.65
N TRP A 61 28.18 -13.11 4.21
CA TRP A 61 28.61 -13.10 2.81
C TRP A 61 29.90 -13.89 2.68
N SER A 62 29.81 -15.06 2.08
CA SER A 62 30.97 -15.80 1.60
C SER A 62 31.83 -16.38 2.73
N SER A 63 31.91 -15.69 3.86
CA SER A 63 32.62 -16.27 5.00
C SER A 63 32.23 -17.72 5.19
N THR A 64 30.95 -18.02 5.05
CA THR A 64 30.43 -19.36 5.27
C THR A 64 29.17 -19.62 4.43
N ARG A 65 28.44 -18.56 4.08
CA ARG A 65 27.12 -18.64 3.46
C ARG A 65 26.06 -19.14 4.45
N ARG A 66 26.27 -18.89 5.74
CA ARG A 66 25.34 -19.33 6.78
C ARG A 66 24.36 -18.21 7.11
N CYS A 67 23.14 -18.62 7.47
CA CYS A 67 22.09 -17.70 7.88
C CYS A 67 21.63 -18.05 9.30
N GLN A 68 21.46 -17.04 10.14
CA GLN A 68 21.00 -17.22 11.50
C GLN A 68 19.86 -16.26 11.79
N PRO A 69 18.79 -16.72 12.45
CA PRO A 69 17.65 -15.83 12.69
C PRO A 69 18.01 -14.67 13.60
N ILE A 70 17.45 -13.50 13.31
CA ILE A 70 17.57 -12.33 14.18
C ILE A 70 16.49 -12.42 15.24
N GLU A 71 16.88 -12.29 16.51
CA GLU A 71 15.93 -12.33 17.62
C GLU A 71 15.33 -10.94 17.80
N PHE A 72 14.24 -10.68 17.09
CA PHE A 72 13.46 -9.48 17.33
C PHE A 72 12.56 -9.63 18.55
N ASP A 73 11.94 -10.79 18.69
CA ASP A 73 10.99 -11.05 19.78
C ASP A 73 10.98 -12.55 20.03
N ALA A 74 11.31 -12.94 21.27
CA ALA A 74 11.41 -14.35 21.63
C ALA A 74 10.17 -14.88 22.33
N THR A 75 9.17 -14.04 22.55
CA THR A 75 8.02 -14.38 23.39
C THR A 75 6.84 -14.85 22.55
N GLY A 76 5.91 -15.50 23.23
CA GLY A 76 4.63 -15.87 22.65
C GLY A 76 3.61 -14.77 22.79
N ASN A 77 2.34 -15.17 22.93
CA ASN A 77 1.25 -14.23 22.99
C ASN A 77 1.06 -13.71 24.41
N ARG A 78 1.02 -12.38 24.56
CA ARG A 78 0.60 -11.79 25.83
C ARG A 78 -0.84 -12.16 26.13
N ASP A 79 -1.19 -12.15 27.42
CA ASP A 79 -2.53 -12.46 27.87
C ASP A 79 -3.22 -11.18 28.33
N TYR A 80 -4.47 -10.99 27.90
CA TYR A 80 -5.32 -10.00 28.54
C TYR A 80 -5.89 -10.52 29.84
N ALA A 81 -6.15 -11.83 29.90
CA ALA A 81 -6.60 -12.51 31.11
C ALA A 81 -6.27 -13.99 30.91
N LYS A 82 -6.46 -14.78 31.96
CA LYS A 82 -6.17 -16.20 31.85
C LYS A 82 -7.02 -16.81 30.74
N ASP A 83 -6.36 -17.52 29.82
CA ASP A 83 -7.05 -18.13 28.68
C ASP A 83 -7.75 -17.08 27.82
N ASP A 84 -7.20 -15.86 27.80
CA ASP A 84 -7.76 -14.76 27.03
C ASP A 84 -6.59 -13.97 26.43
N PRO A 85 -6.04 -14.44 25.31
CA PRO A 85 -4.84 -13.82 24.77
C PRO A 85 -5.11 -12.39 24.31
N LEU A 86 -4.10 -11.53 24.49
CA LEU A 86 -4.17 -10.16 24.01
C LEU A 86 -3.88 -10.07 22.53
N GLU A 87 -3.05 -10.98 22.01
CA GLU A 87 -2.57 -10.93 20.64
C GLU A 87 -2.48 -12.34 20.09
N PHE A 88 -2.27 -12.45 18.78
CA PHE A 88 -2.19 -13.73 18.10
C PHE A 88 -1.05 -13.67 17.09
N LYS A 89 0.09 -14.27 17.46
CA LYS A 89 1.30 -14.19 16.64
C LYS A 89 1.44 -15.35 15.67
N SER A 90 0.69 -16.43 15.84
CA SER A 90 0.78 -17.55 14.90
C SER A 90 0.35 -17.11 13.52
N HIS A 91 1.13 -17.50 12.50
CA HIS A 91 0.84 -17.16 11.11
C HIS A 91 0.77 -15.65 10.90
N GLN A 92 1.47 -14.89 11.73
CA GLN A 92 1.48 -13.44 11.59
C GLN A 92 2.32 -12.98 10.42
N TRP A 93 3.09 -13.87 9.79
CA TRP A 93 3.92 -13.51 8.64
C TRP A 93 4.99 -12.49 9.01
N PHE A 94 5.68 -12.73 10.11
CA PHE A 94 6.77 -11.84 10.47
C PHE A 94 7.92 -12.01 9.48
N GLY A 95 8.41 -10.90 8.96
CA GLY A 95 9.38 -10.94 7.89
C GLY A 95 8.80 -10.88 6.51
N ALA A 96 7.49 -10.64 6.39
CA ALA A 96 6.91 -10.38 5.07
C ALA A 96 7.53 -9.15 4.44
N SER A 97 7.98 -8.20 5.26
CA SER A 97 8.64 -6.99 4.79
C SER A 97 9.81 -6.70 5.71
N VAL A 98 10.96 -6.42 5.12
CA VAL A 98 12.18 -6.15 5.87
C VAL A 98 12.93 -5.01 5.17
N ARG A 99 13.31 -4.01 5.95
CA ARG A 99 14.09 -2.87 5.47
CA ARG A 99 14.12 -2.91 5.43
C ARG A 99 15.24 -2.60 6.42
N SER A 100 16.33 -2.06 5.88
CA SER A 100 17.50 -1.75 6.67
C SER A 100 18.04 -0.39 6.30
N LYS A 101 18.53 0.33 7.29
CA LYS A 101 19.19 1.62 7.07
C LYS A 101 20.30 1.73 8.11
N GLN A 102 21.54 1.55 7.67
CA GLN A 102 22.70 1.61 8.56
C GLN A 102 22.49 0.57 9.66
N ASP A 103 22.39 0.96 10.93
CA ASP A 103 22.29 -0.01 12.02
C ASP A 103 20.87 -0.56 12.19
N LYS A 104 19.87 0.13 11.66
CA LYS A 104 18.47 -0.18 11.96
C LYS A 104 17.95 -1.26 11.03
N ILE A 105 17.16 -2.17 11.59
CA ILE A 105 16.44 -3.18 10.82
C ILE A 105 14.97 -3.07 11.20
N LEU A 106 14.11 -2.85 10.21
CA LEU A 106 12.67 -2.84 10.39
C LEU A 106 12.09 -4.08 9.72
N ALA A 107 11.41 -4.90 10.51
CA ALA A 107 10.73 -6.09 10.02
C ALA A 107 9.31 -6.10 10.58
N CYS A 108 8.35 -6.52 9.75
CA CYS A 108 6.94 -6.37 10.09
C CYS A 108 6.19 -7.69 9.88
N ALA A 109 5.09 -7.82 10.63
CA ALA A 109 4.19 -8.99 10.58
C ALA A 109 2.81 -8.49 10.18
N PRO A 110 2.49 -8.43 8.88
CA PRO A 110 1.23 -7.80 8.46
C PRO A 110 -0.02 -8.59 8.80
N LEU A 111 0.10 -9.82 9.32
CA LEU A 111 -1.06 -10.61 9.71
C LEU A 111 -1.09 -10.88 11.20
N TYR A 112 -0.33 -10.11 11.98
CA TYR A 112 -0.47 -10.11 13.42
C TYR A 112 -1.85 -9.58 13.82
N HIS A 113 -2.64 -10.41 14.50
CA HIS A 113 -3.93 -10.01 15.02
C HIS A 113 -3.82 -9.64 16.49
N TRP A 114 -4.80 -8.89 16.98
CA TRP A 114 -4.86 -8.59 18.40
C TRP A 114 -6.31 -8.43 18.83
N ARG A 115 -6.50 -8.45 20.16
CA ARG A 115 -7.81 -8.63 20.77
C ARG A 115 -8.56 -7.33 21.02
N THR A 116 -7.84 -6.22 21.23
CA THR A 116 -8.42 -5.00 21.77
C THR A 116 -8.69 -5.20 23.25
N GLU A 117 -8.78 -4.11 24.01
CA GLU A 117 -8.93 -4.20 25.46
C GLU A 117 -10.38 -4.26 25.91
N MET A 118 -11.33 -4.03 25.01
CA MET A 118 -12.75 -4.01 25.40
C MET A 118 -13.38 -5.36 25.13
N LYS A 119 -13.74 -5.63 23.87
CA LYS A 119 -14.37 -6.89 23.50
C LYS A 119 -13.30 -7.91 23.07
N GLN A 120 -13.71 -9.18 23.02
CA GLN A 120 -12.86 -10.25 22.51
C GLN A 120 -12.92 -10.22 20.99
N GLU A 121 -11.91 -9.62 20.37
CA GLU A 121 -11.83 -9.51 18.93
C GLU A 121 -10.56 -10.20 18.43
N ARG A 122 -10.35 -10.15 17.11
CA ARG A 122 -9.15 -10.69 16.47
C ARG A 122 -8.92 -9.86 15.21
N GLU A 123 -8.34 -8.67 15.41
CA GLU A 123 -8.26 -7.67 14.36
C GLU A 123 -6.85 -7.58 13.82
N PRO A 124 -6.63 -7.82 12.52
CA PRO A 124 -5.25 -7.81 11.97
C PRO A 124 -4.71 -6.40 11.79
N VAL A 125 -4.35 -5.76 12.90
CA VAL A 125 -3.77 -4.43 12.84
C VAL A 125 -2.34 -4.46 12.33
N GLY A 126 -1.68 -5.61 12.42
CA GLY A 126 -0.28 -5.70 12.02
C GLY A 126 0.65 -5.09 13.05
N THR A 127 1.89 -5.56 13.07
CA THR A 127 2.90 -5.01 13.97
C THR A 127 4.25 -5.05 13.27
N CYS A 128 5.17 -4.22 13.78
CA CYS A 128 6.54 -4.21 13.31
C CYS A 128 7.47 -4.22 14.52
N PHE A 129 8.72 -4.62 14.26
CA PHE A 129 9.78 -4.53 15.24
C PHE A 129 10.94 -3.76 14.64
N LEU A 130 11.48 -2.83 15.43
CA LEU A 130 12.61 -2.01 15.01
C LEU A 130 13.78 -2.32 15.93
N GLN A 131 14.88 -2.78 15.34
CA GLN A 131 16.09 -3.11 16.08
C GLN A 131 17.20 -2.18 15.64
N ASP A 132 17.80 -1.47 16.58
CA ASP A 132 18.93 -0.59 16.27
C ASP A 132 20.23 -1.35 16.53
N GLY A 133 20.66 -1.39 17.79
CA GLY A 133 21.79 -2.21 18.19
C GLY A 133 21.33 -3.28 19.16
N THR A 134 21.50 -3.02 20.45
CA THR A 134 20.85 -3.85 21.46
C THR A 134 19.36 -3.58 21.50
N LYS A 135 18.98 -2.32 21.33
CA LYS A 135 17.59 -1.90 21.56
C LYS A 135 16.69 -2.41 20.44
N THR A 136 15.59 -3.04 20.84
CA THR A 136 14.52 -3.44 19.94
C THR A 136 13.21 -2.92 20.51
N VAL A 137 12.38 -2.33 19.66
CA VAL A 137 11.07 -1.82 20.08
C VAL A 137 10.01 -2.29 19.10
N GLU A 138 8.81 -2.49 19.63
CA GLU A 138 7.66 -2.80 18.78
C GLU A 138 7.08 -1.51 18.21
N TYR A 139 6.67 -1.57 16.95
CA TYR A 139 6.09 -0.43 16.25
C TYR A 139 4.82 -0.89 15.55
N ALA A 140 3.68 -0.70 16.21
CA ALA A 140 2.36 -1.06 15.69
C ALA A 140 1.54 0.22 15.61
N PRO A 141 1.79 1.08 14.61
CA PRO A 141 1.06 2.36 14.54
C PRO A 141 -0.43 2.19 14.31
N CYS A 142 -0.86 1.07 13.73
CA CYS A 142 -2.28 0.82 13.49
C CYS A 142 -2.98 0.15 14.66
N ARG A 143 -2.23 -0.31 15.67
CA ARG A 143 -2.82 -0.83 16.89
C ARG A 143 -3.23 0.35 17.77
N SER A 144 -4.23 1.08 17.28
CA SER A 144 -4.73 2.27 17.93
C SER A 144 -6.05 1.95 18.64
N GLN A 145 -6.78 2.99 19.01
CA GLN A 145 -8.11 2.86 19.60
C GLN A 145 -9.22 3.07 18.58
N ASP A 146 -8.85 3.24 17.31
CA ASP A 146 -9.78 3.35 16.19
C ASP A 146 -9.95 1.93 15.62
N ILE A 147 -10.99 1.25 16.10
CA ILE A 147 -11.07 -0.20 15.99
C ILE A 147 -12.03 -0.62 14.88
N ASP A 148 -11.92 -1.89 14.48
CA ASP A 148 -12.78 -2.53 13.49
C ASP A 148 -12.41 -2.08 12.08
N ALA A 149 -13.14 -2.60 11.08
CA ALA A 149 -12.89 -2.20 9.70
C ALA A 149 -13.10 -0.70 9.50
N ASP A 150 -14.10 -0.14 10.20
CA ASP A 150 -14.31 1.30 10.16
C ASP A 150 -13.01 2.05 10.39
N GLY A 151 -12.23 1.62 11.38
CA GLY A 151 -11.00 2.28 11.73
C GLY A 151 -9.77 1.58 11.20
N GLN A 152 -8.80 1.31 12.07
CA GLN A 152 -7.54 0.69 11.69
C GLN A 152 -7.43 -0.74 12.20
N GLY A 153 -8.56 -1.37 12.54
CA GLY A 153 -8.51 -2.72 13.07
C GLY A 153 -8.02 -3.74 12.07
N PHE A 154 -8.26 -3.51 10.78
CA PHE A 154 -7.84 -4.42 9.72
C PHE A 154 -6.77 -3.78 8.84
N CYS A 155 -5.98 -2.88 9.43
CA CYS A 155 -5.07 -2.05 8.66
C CYS A 155 -3.89 -2.85 8.12
N GLN A 156 -3.48 -3.92 8.80
CA GLN A 156 -2.33 -4.72 8.39
C GLN A 156 -1.10 -3.83 8.21
N GLY A 157 -0.86 -2.97 9.18
CA GLY A 157 0.27 -2.06 9.13
C GLY A 157 1.59 -2.79 9.03
N GLY A 158 2.43 -2.40 8.07
CA GLY A 158 3.67 -3.09 7.77
C GLY A 158 3.61 -3.90 6.50
N PHE A 159 2.44 -4.01 5.86
CA PHE A 159 2.33 -4.64 4.55
C PHE A 159 3.42 -4.15 3.60
N SER A 160 3.88 -2.92 3.78
CA SER A 160 4.98 -2.37 2.98
C SER A 160 5.64 -1.26 3.79
N ILE A 161 6.96 -1.12 3.61
CA ILE A 161 7.75 -0.19 4.41
C ILE A 161 8.93 0.32 3.60
N ASP A 162 9.50 1.44 4.06
CA ASP A 162 10.73 2.00 3.53
C ASP A 162 11.24 3.06 4.50
N PHE A 163 12.53 3.36 4.40
CA PHE A 163 13.15 4.42 5.17
C PHE A 163 13.34 5.65 4.29
N THR A 164 13.17 6.83 4.87
CA THR A 164 13.57 8.07 4.22
C THR A 164 15.03 8.36 4.57
N LYS A 165 15.66 9.20 3.75
CA LYS A 165 17.07 9.51 3.97
C LYS A 165 17.30 10.21 5.29
N ALA A 166 16.25 10.79 5.89
CA ALA A 166 16.36 11.51 7.16
C ALA A 166 15.83 10.71 8.33
N ASP A 167 15.91 9.38 8.25
CA ASP A 167 15.52 8.50 9.36
C ASP A 167 14.06 8.74 9.77
N ARG A 168 13.18 8.75 8.78
CA ARG A 168 11.75 8.57 8.97
C ARG A 168 11.36 7.21 8.41
N VAL A 169 10.39 6.58 9.04
CA VAL A 169 9.81 5.36 8.52
C VAL A 169 8.61 5.72 7.68
N LEU A 170 8.46 5.06 6.53
CA LEU A 170 7.24 5.11 5.75
C LEU A 170 6.62 3.72 5.80
N LEU A 171 5.38 3.64 6.25
CA LEU A 171 4.71 2.37 6.47
C LEU A 171 3.35 2.39 5.77
N GLY A 172 3.04 1.29 5.11
CA GLY A 172 1.78 1.13 4.39
C GLY A 172 0.90 0.08 5.06
N GLY A 173 -0.40 0.37 5.10
CA GLY A 173 -1.37 -0.56 5.63
C GLY A 173 -2.65 -0.54 4.79
N PRO A 174 -2.80 -1.52 3.91
CA PRO A 174 -3.85 -1.43 2.89
C PRO A 174 -5.28 -1.60 3.40
N GLY A 175 -5.48 -1.84 4.69
CA GLY A 175 -6.81 -2.20 5.18
C GLY A 175 -7.57 -1.12 5.92
N SER A 176 -6.90 -0.01 6.24
CA SER A 176 -7.54 1.02 7.06
C SER A 176 -8.79 1.57 6.39
N PHE A 177 -9.80 1.87 7.21
CA PHE A 177 -10.99 2.61 6.78
C PHE A 177 -11.70 1.87 5.64
N TYR A 178 -12.15 0.66 5.95
CA TYR A 178 -12.78 -0.23 4.97
C TYR A 178 -11.93 -0.33 3.70
N TRP A 179 -10.66 -0.69 3.92
CA TRP A 179 -9.70 -0.99 2.86
C TRP A 179 -9.48 0.19 1.91
N GLN A 180 -9.76 1.41 2.39
CA GLN A 180 -9.22 2.59 1.71
C GLN A 180 -7.69 2.54 1.70
N GLY A 181 -7.10 2.05 2.78
CA GLY A 181 -5.67 2.06 2.94
C GLY A 181 -5.18 3.31 3.65
N GLN A 182 -3.89 3.32 3.96
CA GLN A 182 -3.34 4.41 4.77
C GLN A 182 -1.83 4.38 4.72
N LEU A 183 -1.23 5.56 4.71
CA LEU A 183 0.21 5.74 4.88
C LEU A 183 0.47 6.40 6.22
N ILE A 184 1.47 5.91 6.94
CA ILE A 184 1.87 6.48 8.23
C ILE A 184 3.38 6.61 8.22
N SER A 185 3.87 7.78 8.62
CA SER A 185 5.30 8.03 8.71
C SER A 185 5.63 8.54 10.10
N ASP A 186 6.62 7.89 10.74
CA ASP A 186 7.05 8.26 12.08
C ASP A 186 8.56 8.37 12.11
N GLN A 187 9.04 9.30 12.94
CA GLN A 187 10.47 9.45 13.15
C GLN A 187 10.99 8.29 13.99
N VAL A 188 12.07 7.66 13.53
CA VAL A 188 12.62 6.54 14.29
C VAL A 188 12.93 6.98 15.71
N ALA A 189 13.30 8.25 15.90
CA ALA A 189 13.58 8.74 17.25
C ALA A 189 12.33 8.66 18.13
N GLU A 190 11.16 9.02 17.58
CA GLU A 190 9.93 8.87 18.33
C GLU A 190 9.62 7.40 18.59
N ILE A 191 9.81 6.55 17.57
CA ILE A 191 9.41 5.16 17.68
C ILE A 191 10.11 4.49 18.88
N VAL A 192 11.38 4.80 19.08
CA VAL A 192 12.14 4.15 20.15
C VAL A 192 11.97 4.90 21.47
N SER A 193 11.96 6.24 21.44
CA SER A 193 11.92 7.01 22.68
C SER A 193 10.58 6.87 23.39
N LYS A 194 9.49 6.88 22.63
CA LYS A 194 8.16 6.77 23.21
C LYS A 194 7.76 5.33 23.51
N TYR A 195 8.57 4.35 23.14
CA TYR A 195 8.18 2.96 23.35
C TYR A 195 8.00 2.69 24.84
N ASP A 196 6.90 2.03 25.18
CA ASP A 196 6.54 1.62 26.52
C ASP A 196 5.73 0.33 26.40
N PRO A 197 6.26 -0.82 26.83
CA PRO A 197 5.51 -2.07 26.60
C PRO A 197 4.23 -2.18 27.40
N ASN A 198 4.00 -1.30 28.38
CA ASN A 198 2.75 -1.29 29.12
C ASN A 198 1.65 -0.53 28.39
N VAL A 199 1.97 0.17 27.32
CA VAL A 199 1.01 0.94 26.54
C VAL A 199 0.95 0.33 25.15
N TYR A 200 -0.24 -0.12 24.75
CA TYR A 200 -0.40 -0.82 23.49
C TYR A 200 -0.64 0.12 22.31
N SER A 201 -1.15 1.32 22.57
CA SER A 201 -1.39 2.34 21.53
C SER A 201 -0.55 3.56 21.91
N ILE A 202 0.62 3.69 21.30
CA ILE A 202 1.59 4.71 21.68
C ILE A 202 1.27 6.01 20.95
N LYS A 203 1.32 7.12 21.70
CA LYS A 203 1.13 8.46 21.13
C LYS A 203 2.48 8.95 20.63
N TYR A 204 2.70 8.87 19.32
CA TYR A 204 3.91 9.38 18.71
C TYR A 204 3.68 10.80 18.24
N ASN A 205 4.44 11.74 18.79
CA ASN A 205 4.39 13.11 18.28
C ASN A 205 4.96 13.15 16.87
N ASN A 206 4.58 14.20 16.13
CA ASN A 206 5.10 14.44 14.78
C ASN A 206 4.81 13.27 13.85
N GLN A 207 3.75 12.51 14.12
CA GLN A 207 3.32 11.46 13.21
C GLN A 207 2.59 12.07 12.02
N LEU A 208 2.81 11.50 10.84
CA LEU A 208 2.11 11.87 9.62
C LEU A 208 1.25 10.70 9.19
N ALA A 209 0.02 10.98 8.75
CA ALA A 209 -0.89 9.91 8.40
C ALA A 209 -1.98 10.42 7.47
N THR A 210 -2.24 9.69 6.40
CA THR A 210 -3.40 9.96 5.57
C THR A 210 -4.67 9.79 6.38
N ARG A 211 -5.71 10.52 5.99
CA ARG A 211 -6.94 10.59 6.76
C ARG A 211 -8.06 9.80 6.08
N THR A 212 -9.07 9.46 6.88
CA THR A 212 -10.24 8.77 6.34
C THR A 212 -10.96 9.67 5.35
N ALA A 213 -11.41 9.09 4.24
CA ALA A 213 -12.08 9.82 3.18
C ALA A 213 -13.46 9.23 2.93
N GLN A 214 -14.19 9.86 2.01
CA GLN A 214 -15.55 9.45 1.68
C GLN A 214 -15.58 7.98 1.30
N ALA A 215 -16.74 7.34 1.46
CA ALA A 215 -16.83 5.90 1.26
C ALA A 215 -16.55 5.49 -0.19
N ILE A 216 -16.69 6.41 -1.15
CA ILE A 216 -16.42 6.06 -2.54
C ILE A 216 -15.00 5.52 -2.70
N PHE A 217 -14.10 5.86 -1.79
CA PHE A 217 -12.71 5.43 -1.87
C PHE A 217 -12.46 4.10 -1.18
N ASP A 218 -13.49 3.47 -0.61
CA ASP A 218 -13.31 2.17 0.02
C ASP A 218 -12.69 1.18 -0.96
N ASP A 219 -11.94 0.22 -0.40
CA ASP A 219 -11.41 -0.90 -1.18
C ASP A 219 -10.45 -0.41 -2.26
N SER A 220 -9.59 0.55 -1.90
CA SER A 220 -8.59 1.08 -2.82
C SER A 220 -7.20 0.50 -2.59
N TYR A 221 -6.86 0.15 -1.35
CA TYR A 221 -5.59 -0.49 -0.99
C TYR A 221 -4.42 0.49 -1.05
N LEU A 222 -4.62 1.72 -0.56
CA LEU A 222 -3.48 2.61 -0.35
C LEU A 222 -2.50 1.94 0.61
N GLY A 223 -1.21 2.05 0.29
CA GLY A 223 -0.20 1.41 1.09
C GLY A 223 0.08 -0.03 0.72
N TYR A 224 -0.50 -0.53 -0.36
CA TYR A 224 -0.11 -1.83 -0.90
C TYR A 224 1.38 -1.89 -1.18
N SER A 225 1.97 -0.76 -1.58
CA SER A 225 3.39 -0.67 -1.90
C SER A 225 3.83 0.77 -1.68
N VAL A 226 5.10 0.94 -1.33
CA VAL A 226 5.63 2.28 -1.05
C VAL A 226 7.06 2.40 -1.54
N ALA A 227 7.42 3.62 -1.96
CA ALA A 227 8.79 4.01 -2.23
C ALA A 227 8.94 5.46 -1.79
N VAL A 228 10.18 5.95 -1.74
CA VAL A 228 10.45 7.29 -1.27
C VAL A 228 11.36 8.02 -2.26
N GLY A 229 11.13 9.32 -2.37
CA GLY A 229 11.94 10.16 -3.23
C GLY A 229 11.43 11.58 -3.16
N ASP A 230 12.33 12.51 -3.47
CA ASP A 230 11.99 13.92 -3.46
C ASP A 230 11.33 14.30 -4.78
N PHE A 231 10.17 14.98 -4.70
CA PHE A 231 9.44 15.36 -5.90
C PHE A 231 8.93 16.80 -5.86
N ASN A 232 9.29 17.58 -4.85
CA ASN A 232 9.11 19.03 -4.90
C ASN A 232 10.43 19.74 -4.58
N GLY A 233 11.55 19.05 -4.72
CA GLY A 233 12.86 19.69 -4.71
C GLY A 233 13.25 20.37 -3.42
N ASP A 234 12.63 20.01 -2.29
CA ASP A 234 13.00 20.59 -1.00
C ASP A 234 13.92 19.67 -0.21
N GLY A 235 14.55 18.69 -0.85
CA GLY A 235 15.44 17.78 -0.18
C GLY A 235 14.77 16.78 0.75
N ILE A 236 13.50 16.96 1.06
CA ILE A 236 12.78 16.04 1.95
C ILE A 236 12.17 14.93 1.10
N ASP A 237 12.56 13.69 1.37
CA ASP A 237 11.98 12.56 0.67
C ASP A 237 10.46 12.58 0.83
N ASP A 238 9.76 12.42 -0.28
CA ASP A 238 8.30 12.35 -0.30
C ASP A 238 7.86 10.89 -0.44
N PHE A 239 6.57 10.66 -0.21
CA PHE A 239 6.03 9.31 -0.11
C PHE A 239 5.29 8.93 -1.39
N VAL A 240 5.71 7.84 -2.01
CA VAL A 240 5.04 7.25 -3.17
C VAL A 240 4.39 5.96 -2.71
N SER A 241 3.17 5.70 -3.19
CA SER A 241 2.45 4.51 -2.77
C SER A 241 1.51 4.03 -3.85
N GLY A 242 1.43 2.70 -4.00
CA GLY A 242 0.53 2.09 -4.96
C GLY A 242 -0.86 1.90 -4.38
N VAL A 243 -1.86 2.10 -5.23
CA VAL A 243 -3.27 2.03 -4.84
C VAL A 243 -3.98 1.21 -5.90
N PRO A 244 -3.79 -0.11 -5.94
CA PRO A 244 -4.11 -0.88 -7.15
C PRO A 244 -5.58 -1.11 -7.42
N ARG A 245 -6.47 -0.90 -6.46
CA ARG A 245 -7.90 -1.07 -6.69
C ARG A 245 -8.64 0.24 -6.90
N ALA A 246 -7.94 1.38 -6.80
CA ALA A 246 -8.57 2.67 -6.97
C ALA A 246 -9.01 2.88 -8.42
N ALA A 247 -9.81 3.93 -8.62
CA ALA A 247 -10.33 4.28 -9.94
C ALA A 247 -11.06 3.09 -10.56
N ARG A 248 -11.89 2.44 -9.75
CA ARG A 248 -12.65 1.26 -10.18
C ARG A 248 -11.73 0.26 -10.89
N THR A 249 -10.62 -0.06 -10.22
CA THR A 249 -9.67 -1.11 -10.58
C THR A 249 -8.77 -0.73 -11.74
N LEU A 250 -8.80 0.52 -12.20
CA LEU A 250 -7.75 0.97 -13.11
C LEU A 250 -6.41 1.04 -12.39
N GLY A 251 -6.44 1.27 -11.09
CA GLY A 251 -5.23 1.45 -10.32
C GLY A 251 -4.77 2.90 -10.31
N MET A 252 -4.14 3.28 -9.20
CA MET A 252 -3.57 4.60 -9.06
C MET A 252 -2.30 4.50 -8.23
N VAL A 253 -1.48 5.54 -8.32
CA VAL A 253 -0.33 5.73 -7.46
C VAL A 253 -0.41 7.15 -6.90
N TYR A 254 -0.37 7.25 -5.57
CA TYR A 254 -0.41 8.54 -4.90
C TYR A 254 0.99 8.96 -4.49
N ILE A 255 1.28 10.25 -4.63
CA ILE A 255 2.48 10.85 -4.06
C ILE A 255 2.04 11.92 -3.07
N TYR A 256 2.53 11.82 -1.84
CA TYR A 256 2.25 12.78 -0.78
C TYR A 256 3.54 13.48 -0.37
N ASP A 257 3.40 14.70 0.14
CA ASP A 257 4.55 15.43 0.65
C ASP A 257 5.10 14.76 1.91
N GLY A 258 6.41 14.54 1.94
CA GLY A 258 7.04 13.91 3.08
C GLY A 258 7.16 14.78 4.31
N LYS A 259 6.68 16.01 4.26
CA LYS A 259 6.72 16.93 5.38
C LYS A 259 5.36 17.10 6.07
N ASN A 260 4.26 17.07 5.29
CA ASN A 260 2.94 17.25 5.88
C ASN A 260 1.90 16.28 5.32
N MET A 261 2.30 15.25 4.57
CA MET A 261 1.37 14.27 4.01
C MET A 261 0.29 14.94 3.15
N SER A 262 0.61 16.11 2.59
CA SER A 262 -0.28 16.76 1.64
C SER A 262 -0.15 16.10 0.27
N SER A 263 -1.26 16.01 -0.45
CA SER A 263 -1.25 15.34 -1.74
C SER A 263 -0.50 16.18 -2.76
N LEU A 264 0.43 15.55 -3.48
CA LEU A 264 1.28 16.23 -4.44
C LEU A 264 0.96 15.84 -5.88
N TYR A 265 1.03 14.56 -6.23
N TYR A 265 1.05 14.56 -6.23
CA TYR A 265 0.80 14.15 -7.60
CA TYR A 265 0.86 14.09 -7.59
C TYR A 265 0.13 12.78 -7.63
C TYR A 265 0.06 12.81 -7.59
N ASN A 266 -0.55 12.51 -8.73
CA ASN A 266 -1.30 11.29 -8.94
C ASN A 266 -0.94 10.67 -10.29
N PHE A 267 -0.88 9.35 -10.33
CA PHE A 267 -0.83 8.58 -11.56
C PHE A 267 -2.04 7.65 -11.60
N THR A 268 -2.50 7.33 -12.80
CA THR A 268 -3.65 6.45 -12.95
C THR A 268 -3.40 5.42 -14.04
N GLY A 269 -3.85 4.19 -13.80
CA GLY A 269 -3.70 3.13 -14.77
C GLY A 269 -4.59 3.33 -15.98
N GLU A 270 -4.31 2.54 -17.02
CA GLU A 270 -5.02 2.62 -18.28
C GLU A 270 -5.97 1.46 -18.52
N GLN A 271 -5.86 0.38 -17.76
CA GLN A 271 -6.60 -0.85 -18.04
C GLN A 271 -7.20 -1.41 -16.78
N MET A 272 -8.41 -1.97 -16.91
CA MET A 272 -9.13 -2.53 -15.78
C MET A 272 -8.41 -3.77 -15.25
N ALA A 273 -8.16 -3.78 -13.94
CA ALA A 273 -7.65 -4.97 -13.25
C ALA A 273 -6.25 -5.36 -13.74
N ALA A 274 -5.46 -4.38 -14.18
CA ALA A 274 -4.05 -4.62 -14.46
C ALA A 274 -3.23 -4.66 -13.18
N TYR A 275 -3.83 -4.35 -12.04
CA TYR A 275 -3.13 -4.23 -10.76
C TYR A 275 -2.02 -3.18 -10.83
N PHE A 276 -2.29 -2.11 -11.56
CA PHE A 276 -1.44 -0.94 -11.60
C PHE A 276 -1.18 -0.42 -10.19
N GLY A 277 0.08 -0.48 -9.76
CA GLY A 277 0.46 -0.09 -8.41
C GLY A 277 0.87 -1.24 -7.52
N PHE A 278 0.84 -2.48 -8.02
CA PHE A 278 1.34 -3.61 -7.26
C PHE A 278 2.75 -3.34 -6.73
N SER A 279 3.55 -2.63 -7.51
CA SER A 279 4.93 -2.30 -7.15
C SER A 279 5.22 -0.87 -7.57
N VAL A 280 6.14 -0.23 -6.84
CA VAL A 280 6.57 1.13 -7.17
C VAL A 280 8.02 1.28 -6.75
N ALA A 281 8.76 2.12 -7.46
CA ALA A 281 10.15 2.38 -7.16
C ALA A 281 10.49 3.81 -7.55
N ALA A 282 11.47 4.39 -6.85
CA ALA A 282 11.92 5.75 -7.10
C ALA A 282 13.43 5.78 -7.18
N THR A 283 13.96 6.21 -8.33
CA THR A 283 15.39 6.33 -8.53
C THR A 283 15.62 7.22 -9.75
N ASP A 284 16.72 7.97 -9.70
CA ASP A 284 17.09 8.84 -10.82
C ASP A 284 17.76 7.98 -11.88
N ILE A 285 17.04 7.71 -12.98
CA ILE A 285 17.53 6.78 -13.99
C ILE A 285 18.32 7.47 -15.10
N ASN A 286 18.24 8.80 -15.22
CA ASN A 286 18.86 9.51 -16.33
C ASN A 286 19.83 10.59 -15.89
N GLY A 287 20.18 10.64 -14.60
CA GLY A 287 21.31 11.44 -14.16
C GLY A 287 21.07 12.92 -13.98
N ASP A 288 19.82 13.38 -13.97
CA ASP A 288 19.53 14.79 -13.72
C ASP A 288 19.26 15.09 -12.25
N ASP A 289 19.53 14.13 -11.35
CA ASP A 289 19.32 14.28 -9.92
C ASP A 289 17.86 14.45 -9.54
N TYR A 290 16.94 14.24 -10.48
CA TYR A 290 15.51 14.27 -10.20
C TYR A 290 14.99 12.84 -10.15
N ALA A 291 14.43 12.44 -9.02
CA ALA A 291 13.94 11.08 -8.86
C ALA A 291 12.85 10.78 -9.87
N ASP A 292 12.88 9.56 -10.40
CA ASP A 292 11.93 9.11 -11.40
C ASP A 292 11.09 7.97 -10.81
N VAL A 293 9.90 7.79 -11.37
CA VAL A 293 8.88 6.93 -10.77
C VAL A 293 8.61 5.75 -11.69
N PHE A 294 8.74 4.54 -11.14
CA PHE A 294 8.45 3.31 -11.85
C PHE A 294 7.25 2.65 -11.20
N ILE A 295 6.27 2.24 -12.02
CA ILE A 295 5.02 1.65 -11.54
C ILE A 295 4.76 0.37 -12.31
N GLY A 296 4.46 -0.71 -11.59
CA GLY A 296 4.24 -2.01 -12.19
C GLY A 296 2.77 -2.39 -12.22
N ALA A 297 2.34 -2.92 -13.36
CA ALA A 297 0.97 -3.42 -13.57
C ALA A 297 1.09 -4.84 -14.12
N PRO A 298 1.37 -5.83 -13.27
CA PRO A 298 1.79 -7.14 -13.78
C PRO A 298 0.70 -7.89 -14.53
N LEU A 299 -0.55 -7.47 -14.47
CA LEU A 299 -1.64 -8.16 -15.16
C LEU A 299 -2.12 -7.40 -16.39
N PHE A 300 -1.42 -6.34 -16.77
CA PHE A 300 -1.78 -5.59 -17.97
C PHE A 300 -1.76 -6.50 -19.19
N MET A 301 -2.72 -6.30 -20.09
CA MET A 301 -2.90 -7.14 -21.27
C MET A 301 -2.59 -6.34 -22.52
N ASP A 302 -1.63 -6.82 -23.30
CA ASP A 302 -1.26 -6.24 -24.57
C ASP A 302 -2.06 -6.87 -25.71
N ARG A 303 -2.06 -6.21 -26.86
CA ARG A 303 -2.68 -6.73 -28.06
C ARG A 303 -1.61 -7.29 -28.98
N GLY A 304 -1.89 -8.45 -29.57
CA GLY A 304 -0.91 -9.16 -30.38
C GLY A 304 -1.12 -8.96 -31.87
N SER A 305 -0.18 -9.51 -32.64
CA SER A 305 -0.28 -9.46 -34.10
C SER A 305 -1.62 -10.01 -34.59
N ASP A 306 -2.11 -11.06 -33.91
CA ASP A 306 -3.41 -11.64 -34.24
C ASP A 306 -4.57 -10.87 -33.63
N GLY A 307 -4.31 -9.77 -32.94
CA GLY A 307 -5.37 -9.00 -32.31
C GLY A 307 -5.92 -9.61 -31.04
N LYS A 308 -5.27 -10.64 -30.50
CA LYS A 308 -5.71 -11.26 -29.26
C LYS A 308 -5.04 -10.58 -28.08
N LEU A 309 -5.80 -10.42 -27.00
CA LEU A 309 -5.22 -9.92 -25.76
C LEU A 309 -4.34 -10.98 -25.12
N GLN A 310 -3.26 -10.54 -24.50
CA GLN A 310 -2.35 -11.46 -23.80
C GLN A 310 -1.79 -10.75 -22.58
N GLU A 311 -2.07 -11.31 -21.40
CA GLU A 311 -1.55 -10.76 -20.16
C GLU A 311 -0.04 -10.93 -20.11
N VAL A 312 0.68 -9.81 -20.10
CA VAL A 312 2.14 -9.84 -20.09
C VAL A 312 2.70 -8.88 -19.04
N GLY A 313 1.84 -8.03 -18.49
CA GLY A 313 2.28 -7.01 -17.57
C GLY A 313 2.90 -5.82 -18.27
N GLN A 314 3.11 -4.75 -17.51
CA GLN A 314 3.60 -3.51 -18.06
C GLN A 314 4.14 -2.64 -16.94
N VAL A 315 5.24 -1.96 -17.21
CA VAL A 315 5.86 -1.01 -16.27
C VAL A 315 5.85 0.37 -16.91
N SER A 316 5.54 1.38 -16.11
CA SER A 316 5.52 2.76 -16.56
C SER A 316 6.68 3.52 -15.94
N VAL A 317 7.38 4.30 -16.75
CA VAL A 317 8.58 5.03 -16.35
C VAL A 317 8.28 6.51 -16.50
N SER A 318 8.25 7.24 -15.38
CA SER A 318 7.87 8.65 -15.36
C SER A 318 9.06 9.48 -14.90
N LEU A 319 9.77 10.08 -15.85
CA LEU A 319 10.90 10.95 -15.52
C LEU A 319 10.41 12.26 -14.94
N GLN A 320 10.89 12.58 -13.73
CA GLN A 320 10.54 13.85 -13.12
C GLN A 320 11.26 14.99 -13.82
N ARG A 321 10.56 16.11 -13.98
CA ARG A 321 11.13 17.31 -14.59
C ARG A 321 10.99 18.48 -13.61
N ALA A 322 11.93 19.42 -13.71
CA ALA A 322 11.94 20.56 -12.78
C ALA A 322 10.62 21.29 -12.78
N SER A 323 9.96 21.38 -13.93
CA SER A 323 8.67 22.05 -14.04
C SER A 323 7.58 21.35 -13.24
N GLY A 324 7.88 20.23 -12.59
CA GLY A 324 6.92 19.52 -11.79
C GLY A 324 6.13 18.45 -12.54
N ASP A 325 6.11 18.52 -13.87
CA ASP A 325 5.39 17.55 -14.67
C ASP A 325 6.12 16.20 -14.61
N PHE A 326 5.63 15.25 -15.40
CA PHE A 326 6.28 13.96 -15.59
C PHE A 326 6.26 13.61 -17.06
N GLN A 327 7.28 12.86 -17.48
CA GLN A 327 7.43 12.42 -18.87
C GLN A 327 7.39 10.90 -18.84
N THR A 328 6.27 10.33 -19.29
CA THR A 328 5.96 8.93 -19.02
C THR A 328 6.12 8.07 -20.28
N THR A 329 6.60 6.84 -20.07
CA THR A 329 6.71 5.83 -21.11
C THR A 329 6.36 4.49 -20.50
N LYS A 330 5.92 3.56 -21.35
CA LYS A 330 5.51 2.24 -20.91
C LYS A 330 6.51 1.19 -21.39
N LEU A 331 6.47 0.02 -20.76
CA LEU A 331 7.43 -1.04 -21.01
C LEU A 331 6.72 -2.36 -20.77
N ASN A 332 6.45 -3.11 -21.84
CA ASN A 332 5.59 -4.27 -21.75
C ASN A 332 6.39 -5.53 -21.46
N GLY A 333 5.72 -6.49 -20.83
CA GLY A 333 6.32 -7.78 -20.58
C GLY A 333 6.58 -8.53 -21.88
N PHE A 334 7.25 -9.66 -21.74
CA PHE A 334 7.64 -10.48 -22.88
C PHE A 334 6.94 -11.82 -22.96
N GLU A 335 6.58 -12.40 -21.82
CA GLU A 335 5.92 -13.69 -21.76
C GLU A 335 4.52 -13.55 -21.16
N VAL A 336 3.60 -14.38 -21.65
CA VAL A 336 2.23 -14.32 -21.16
C VAL A 336 2.16 -14.95 -19.77
N PHE A 337 1.40 -14.29 -18.89
CA PHE A 337 1.17 -14.74 -17.52
C PHE A 337 2.43 -14.75 -16.67
N ALA A 338 3.55 -14.25 -17.19
CA ALA A 338 4.77 -14.14 -16.42
C ALA A 338 4.73 -13.01 -15.41
N ARG A 339 3.75 -12.11 -15.51
CA ARG A 339 3.56 -11.03 -14.54
C ARG A 339 4.79 -10.14 -14.46
N PHE A 340 5.40 -9.88 -15.60
CA PHE A 340 6.44 -8.86 -15.72
C PHE A 340 6.03 -7.61 -14.96
N GLY A 341 6.95 -7.11 -14.13
CA GLY A 341 6.70 -5.94 -13.32
C GLY A 341 6.18 -6.21 -11.94
N SER A 342 6.16 -7.47 -11.48
CA SER A 342 5.74 -7.75 -10.12
C SER A 342 6.69 -7.13 -9.10
N ALA A 343 7.97 -7.00 -9.46
CA ALA A 343 8.98 -6.43 -8.58
C ALA A 343 9.91 -5.54 -9.40
N ILE A 344 10.29 -4.41 -8.83
CA ILE A 344 11.12 -3.42 -9.52
C ILE A 344 12.18 -2.96 -8.52
N ALA A 345 13.44 -3.24 -8.83
CA ALA A 345 14.52 -2.98 -7.88
C ALA A 345 15.52 -1.98 -8.46
N PRO A 346 15.59 -0.75 -7.94
CA PRO A 346 16.73 0.11 -8.26
C PRO A 346 18.03 -0.62 -7.98
N LEU A 347 18.98 -0.49 -8.91
CA LEU A 347 20.23 -1.22 -8.85
C LEU A 347 21.43 -0.34 -8.57
N GLY A 348 21.24 0.97 -8.45
CA GLY A 348 22.38 1.86 -8.52
C GLY A 348 22.89 1.89 -9.95
N ASP A 349 24.18 2.17 -10.10
CA ASP A 349 24.84 2.15 -11.40
C ASP A 349 25.54 0.80 -11.52
N LEU A 350 24.84 -0.17 -12.12
CA LEU A 350 25.35 -1.53 -12.19
C LEU A 350 26.64 -1.58 -13.01
N ASP A 351 26.65 -0.94 -14.18
CA ASP A 351 27.80 -0.97 -15.07
C ASP A 351 28.72 0.24 -14.90
N GLN A 352 28.46 1.09 -13.90
CA GLN A 352 29.32 2.23 -13.59
C GLN A 352 29.60 3.06 -14.84
N ASP A 353 28.54 3.38 -15.57
CA ASP A 353 28.64 4.21 -16.77
C ASP A 353 28.14 5.63 -16.55
N GLY A 354 27.67 5.95 -15.35
CA GLY A 354 27.18 7.29 -15.05
C GLY A 354 25.67 7.40 -14.95
N PHE A 355 24.94 6.32 -15.20
CA PHE A 355 23.48 6.33 -15.11
C PHE A 355 23.00 5.14 -14.29
N ASN A 356 22.05 5.40 -13.40
CA ASN A 356 21.48 4.32 -12.62
C ASN A 356 20.73 3.34 -13.52
N ASP A 357 20.54 2.13 -13.00
CA ASP A 357 19.95 1.04 -13.73
C ASP A 357 18.85 0.45 -12.86
N ILE A 358 18.21 -0.63 -13.33
CA ILE A 358 17.03 -1.14 -12.66
C ILE A 358 16.76 -2.56 -13.14
N ALA A 359 16.26 -3.40 -12.23
CA ALA A 359 15.85 -4.75 -12.54
C ALA A 359 14.34 -4.88 -12.39
N ILE A 360 13.72 -5.60 -13.34
CA ILE A 360 12.28 -5.83 -13.33
C ILE A 360 12.06 -7.33 -13.40
N ALA A 361 11.28 -7.86 -12.46
CA ALA A 361 11.08 -9.31 -12.34
C ALA A 361 9.82 -9.74 -13.07
N ALA A 362 9.91 -10.90 -13.72
CA ALA A 362 8.76 -11.62 -14.26
C ALA A 362 8.72 -12.95 -13.51
N PRO A 363 8.19 -12.96 -12.28
CA PRO A 363 8.46 -14.10 -11.38
C PRO A 363 7.91 -15.43 -11.85
N TYR A 364 6.98 -15.45 -12.80
CA TYR A 364 6.38 -16.69 -13.26
C TYR A 364 6.70 -16.97 -14.74
N GLY A 365 7.78 -16.39 -15.24
CA GLY A 365 8.22 -16.63 -16.60
C GLY A 365 9.24 -17.74 -16.68
N GLY A 366 9.79 -17.92 -17.88
CA GLY A 366 10.80 -18.92 -18.09
C GLY A 366 10.23 -20.34 -18.12
N GLU A 367 11.15 -21.29 -18.17
CA GLU A 367 10.78 -22.69 -18.28
C GLU A 367 10.27 -23.21 -16.93
N ASP A 368 9.14 -23.91 -16.96
CA ASP A 368 8.55 -24.48 -15.75
C ASP A 368 8.37 -23.42 -14.66
N LYS A 369 7.97 -22.21 -15.08
CA LYS A 369 7.69 -21.11 -14.16
C LYS A 369 8.83 -20.90 -13.17
N LYS A 370 10.07 -20.98 -13.66
CA LYS A 370 11.23 -20.80 -12.79
C LYS A 370 11.56 -19.34 -12.54
N GLY A 371 10.91 -18.41 -13.23
CA GLY A 371 11.11 -16.99 -12.96
C GLY A 371 12.21 -16.37 -13.80
N ILE A 372 12.08 -15.07 -14.03
CA ILE A 372 13.05 -14.33 -14.83
C ILE A 372 13.17 -12.92 -14.26
N VAL A 373 14.38 -12.36 -14.36
CA VAL A 373 14.66 -10.98 -13.97
C VAL A 373 15.34 -10.29 -15.14
N TYR A 374 14.89 -9.07 -15.44
CA TYR A 374 15.40 -8.29 -16.56
C TYR A 374 16.17 -7.08 -16.03
N ILE A 375 17.36 -6.85 -16.58
CA ILE A 375 18.20 -5.71 -16.21
C ILE A 375 18.05 -4.65 -17.28
N PHE A 376 17.68 -3.44 -16.87
CA PHE A 376 17.55 -2.30 -17.77
C PHE A 376 18.55 -1.24 -17.36
N ASN A 377 19.41 -0.84 -18.29
CA ASN A 377 20.39 0.20 -18.02
C ASN A 377 19.80 1.57 -18.36
N GLY A 378 20.18 2.56 -17.56
CA GLY A 378 19.72 3.91 -17.78
C GLY A 378 20.60 4.69 -18.75
N ARG A 379 20.07 5.80 -19.21
CA ARG A 379 20.81 6.71 -20.08
C ARG A 379 20.13 8.07 -20.02
N SER A 380 20.81 9.08 -20.59
CA SER A 380 20.38 10.45 -20.41
C SER A 380 18.94 10.68 -20.86
N THR A 381 18.49 9.95 -21.89
CA THR A 381 17.13 10.16 -22.39
C THR A 381 16.09 9.58 -21.45
N GLY A 382 16.41 8.46 -20.79
CA GLY A 382 15.49 7.81 -19.88
C GLY A 382 15.99 6.45 -19.49
N LEU A 383 15.18 5.42 -19.72
CA LEU A 383 15.58 4.04 -19.54
C LEU A 383 15.75 3.39 -20.91
N ASN A 384 16.86 2.69 -21.10
CA ASN A 384 17.02 1.90 -22.31
C ASN A 384 15.95 0.83 -22.36
N ALA A 385 15.11 0.87 -23.40
CA ALA A 385 13.92 0.03 -23.45
C ALA A 385 14.24 -1.44 -23.70
N VAL A 386 15.48 -1.79 -23.99
CA VAL A 386 15.88 -3.17 -24.26
C VAL A 386 16.68 -3.67 -23.06
N PRO A 387 16.32 -4.81 -22.47
CA PRO A 387 17.11 -5.32 -21.33
C PRO A 387 18.50 -5.74 -21.78
N SER A 388 19.50 -5.33 -21.02
CA SER A 388 20.88 -5.71 -21.31
C SER A 388 21.26 -7.07 -20.72
N GLN A 389 20.36 -7.70 -19.97
CA GLN A 389 20.66 -8.98 -19.36
C GLN A 389 19.37 -9.63 -18.89
N ILE A 390 19.40 -10.96 -18.80
CA ILE A 390 18.25 -11.75 -18.38
C ILE A 390 18.74 -12.80 -17.40
N LEU A 391 18.25 -12.74 -16.17
CA LEU A 391 18.58 -13.72 -15.14
C LEU A 391 17.44 -14.73 -15.08
N GLU A 392 17.80 -16.02 -15.07
CA GLU A 392 16.83 -17.11 -15.12
C GLU A 392 16.92 -17.93 -13.84
N GLY A 393 15.79 -18.10 -13.16
CA GLY A 393 15.75 -19.00 -12.03
C GLY A 393 16.10 -20.42 -12.44
N GLN A 394 16.76 -21.13 -11.53
CA GLN A 394 17.28 -22.46 -11.83
C GLN A 394 16.58 -23.58 -11.08
N TRP A 395 15.67 -23.27 -10.15
CA TRP A 395 15.05 -24.28 -9.31
C TRP A 395 13.57 -24.43 -9.60
N ALA A 396 13.09 -25.65 -9.45
CA ALA A 396 11.69 -26.02 -9.63
C ALA A 396 11.15 -26.53 -8.30
N ALA A 397 9.84 -26.43 -8.12
CA ALA A 397 9.18 -26.79 -6.87
C ALA A 397 7.98 -27.67 -7.17
N ARG A 398 7.33 -28.15 -6.10
CA ARG A 398 6.22 -29.09 -6.23
C ARG A 398 4.95 -28.64 -5.51
N SER A 399 4.92 -27.43 -4.95
CA SER A 399 3.75 -26.96 -4.22
C SER A 399 3.26 -25.61 -4.72
N CYS A 400 4.09 -24.57 -4.53
CA CYS A 400 3.82 -23.21 -4.97
C CYS A 400 4.94 -22.77 -5.90
N PRO A 401 4.65 -21.97 -6.93
CA PRO A 401 5.68 -21.69 -7.93
C PRO A 401 6.92 -21.10 -7.29
N PRO A 402 8.11 -21.40 -7.83
CA PRO A 402 9.35 -20.84 -7.27
C PRO A 402 9.32 -19.34 -7.04
N SER A 403 8.67 -18.59 -7.94
CA SER A 403 8.54 -17.14 -7.80
C SER A 403 9.91 -16.46 -7.72
N PHE A 404 10.86 -16.93 -8.52
CA PHE A 404 12.16 -16.28 -8.60
C PHE A 404 12.01 -14.85 -9.09
N GLY A 405 12.48 -13.90 -8.28
CA GLY A 405 12.34 -12.49 -8.60
C GLY A 405 11.18 -11.81 -7.92
N TYR A 406 10.34 -12.55 -7.19
CA TYR A 406 9.22 -11.94 -6.48
C TYR A 406 9.69 -10.81 -5.57
N SER A 407 10.90 -10.93 -5.02
CA SER A 407 11.52 -9.86 -4.26
C SER A 407 12.95 -9.68 -4.76
N MET A 408 13.41 -8.44 -4.71
CA MET A 408 14.77 -8.12 -5.11
C MET A 408 15.26 -6.92 -4.31
N LYS A 409 16.58 -6.80 -4.20
CA LYS A 409 17.20 -5.62 -3.63
C LYS A 409 18.59 -5.48 -4.22
N GLY A 410 18.92 -4.28 -4.66
CA GLY A 410 20.23 -4.02 -5.23
C GLY A 410 20.85 -2.76 -4.64
N ALA A 411 21.76 -2.15 -5.42
CA ALA A 411 22.39 -0.88 -5.07
C ALA A 411 23.27 -0.98 -3.83
N THR A 412 23.90 -2.13 -3.62
CA THR A 412 24.88 -2.28 -2.55
C THR A 412 26.07 -3.08 -3.08
N ASP A 413 27.27 -2.54 -2.87
CA ASP A 413 28.50 -3.22 -3.27
C ASP A 413 28.96 -4.07 -2.10
N ILE A 414 28.51 -5.33 -2.08
CA ILE A 414 28.78 -6.16 -0.90
C ILE A 414 30.19 -6.70 -0.92
N ASP A 415 30.79 -6.89 -2.11
CA ASP A 415 32.15 -7.36 -2.21
C ASP A 415 33.16 -6.23 -2.43
N LYS A 416 32.71 -4.98 -2.27
CA LYS A 416 33.62 -3.82 -2.32
C LYS A 416 34.51 -3.86 -3.56
N ASN A 417 33.92 -4.24 -4.69
CA ASN A 417 34.65 -4.30 -5.95
C ASN A 417 34.33 -3.10 -6.85
N GLY A 418 33.59 -2.12 -6.35
CA GLY A 418 33.28 -0.93 -7.10
C GLY A 418 32.00 -0.98 -7.90
N TYR A 419 31.25 -2.08 -7.85
CA TYR A 419 30.03 -2.22 -8.64
C TYR A 419 28.92 -2.78 -7.76
N PRO A 420 27.72 -2.19 -7.78
CA PRO A 420 26.65 -2.69 -6.92
C PRO A 420 26.23 -4.11 -7.29
N ASP A 421 25.67 -4.80 -6.30
CA ASP A 421 25.28 -6.19 -6.45
C ASP A 421 23.80 -6.35 -6.15
N LEU A 422 23.24 -7.49 -6.56
CA LEU A 422 21.80 -7.71 -6.57
C LEU A 422 21.44 -8.96 -5.77
N ILE A 423 20.38 -8.84 -4.95
CA ILE A 423 19.79 -9.98 -4.26
C ILE A 423 18.48 -10.30 -4.95
N VAL A 424 18.23 -11.58 -5.18
CA VAL A 424 16.98 -12.07 -5.76
C VAL A 424 16.42 -13.15 -4.85
N GLY A 425 15.16 -13.00 -4.44
CA GLY A 425 14.49 -14.01 -3.65
C GLY A 425 13.65 -14.94 -4.52
N ALA A 426 13.40 -16.13 -3.98
CA ALA A 426 12.61 -17.17 -4.65
C ALA A 426 11.87 -17.96 -3.56
N PHE A 427 10.84 -17.34 -2.99
CA PHE A 427 10.24 -17.89 -1.78
C PHE A 427 9.56 -19.24 -2.03
N GLY A 428 9.14 -19.51 -3.26
CA GLY A 428 8.48 -20.77 -3.55
C GLY A 428 9.39 -21.97 -3.47
N VAL A 429 10.70 -21.76 -3.54
CA VAL A 429 11.70 -22.80 -3.34
C VAL A 429 12.58 -22.50 -2.13
N ASP A 430 12.20 -21.52 -1.32
CA ASP A 430 12.92 -21.19 -0.09
C ASP A 430 14.40 -20.94 -0.39
N ARG A 431 14.63 -20.00 -1.30
CA ARG A 431 15.97 -19.72 -1.81
C ARG A 431 16.12 -18.22 -1.99
N ALA A 432 17.35 -17.74 -1.76
CA ALA A 432 17.73 -16.37 -2.06
C ALA A 432 19.12 -16.39 -2.66
N ILE A 433 19.31 -15.64 -3.74
CA ILE A 433 20.53 -15.71 -4.54
C ILE A 433 21.14 -14.31 -4.62
N LEU A 434 22.47 -14.26 -4.53
CA LEU A 434 23.22 -13.02 -4.69
C LEU A 434 24.00 -13.06 -5.98
N TYR A 435 23.84 -12.02 -6.81
CA TYR A 435 24.59 -11.85 -8.04
C TYR A 435 25.55 -10.68 -7.86
N ARG A 436 26.82 -10.92 -8.11
CA ARG A 436 27.85 -9.89 -7.99
C ARG A 436 28.16 -9.29 -9.35
N ALA A 437 28.38 -7.98 -9.36
CA ALA A 437 28.59 -7.24 -10.61
C ALA A 437 30.05 -7.30 -11.02
N ARG A 438 30.28 -7.75 -12.25
CA ARG A 438 31.63 -7.80 -12.80
C ARG A 438 32.08 -6.40 -13.20
N PRO A 439 33.37 -6.09 -13.08
CA PRO A 439 33.86 -4.80 -13.55
C PRO A 439 33.83 -4.72 -15.07
N VAL A 440 33.72 -3.50 -15.58
CA VAL A 440 33.45 -3.26 -17.00
C VAL A 440 34.67 -2.62 -17.64
N ILE A 441 35.16 -3.25 -18.71
CA ILE A 441 36.26 -2.73 -19.50
C ILE A 441 35.68 -2.00 -20.70
N THR A 442 36.00 -0.72 -20.84
CA THR A 442 35.67 0.04 -22.04
C THR A 442 36.89 0.05 -22.95
N VAL A 443 36.64 -0.05 -24.26
CA VAL A 443 37.69 -0.24 -25.26
C VAL A 443 37.49 0.75 -26.39
N ASN A 444 38.57 1.43 -26.77
CA ASN A 444 38.60 2.32 -27.93
C ASN A 444 39.44 1.64 -29.02
N ALA A 445 38.80 1.23 -30.10
CA ALA A 445 39.46 0.51 -31.18
C ALA A 445 39.50 1.36 -32.44
N GLY A 446 40.63 1.32 -33.14
CA GLY A 446 40.80 2.08 -34.36
C GLY A 446 41.30 1.19 -35.49
N LEU A 447 40.89 1.53 -36.71
CA LEU A 447 41.28 0.82 -37.91
C LEU A 447 41.47 1.82 -39.03
N GLU A 448 42.68 1.86 -39.59
CA GLU A 448 43.03 2.79 -40.66
C GLU A 448 43.52 1.99 -41.87
N VAL A 449 42.99 2.31 -43.04
CA VAL A 449 43.35 1.64 -44.29
C VAL A 449 43.89 2.71 -45.24
N TYR A 450 45.21 2.74 -45.43
CA TYR A 450 45.83 3.71 -46.32
C TYR A 450 46.77 2.98 -47.28
N PRO A 451 46.68 3.23 -48.61
CA PRO A 451 45.71 4.13 -49.24
C PRO A 451 44.29 3.57 -49.26
N SER A 452 43.30 4.46 -49.37
CA SER A 452 41.90 4.05 -49.36
C SER A 452 41.44 3.62 -50.76
N ILE A 453 41.71 4.45 -51.76
CA ILE A 453 41.40 4.10 -53.15
C ILE A 453 42.52 3.22 -53.70
N LEU A 454 42.15 2.17 -54.42
CA LEU A 454 43.10 1.19 -54.92
C LEU A 454 43.01 1.09 -56.44
N ASN A 455 44.16 1.16 -57.10
CA ASN A 455 44.26 1.06 -58.55
C ASN A 455 44.96 -0.24 -58.91
N GLN A 456 44.32 -1.03 -59.78
CA GLN A 456 44.85 -2.36 -60.12
C GLN A 456 46.18 -2.25 -60.86
N ASP A 457 46.29 -1.34 -61.82
CA ASP A 457 47.48 -1.29 -62.65
C ASP A 457 48.73 -1.05 -61.82
N ASN A 458 48.60 -0.38 -60.68
CA ASN A 458 49.73 0.07 -59.88
C ASN A 458 50.27 -1.08 -59.04
N LYS A 459 51.49 -1.55 -59.35
CA LYS A 459 52.10 -2.72 -58.68
C LYS A 459 53.58 -2.42 -58.38
N THR A 460 53.83 -1.77 -57.24
CA THR A 460 55.19 -1.53 -56.78
C THR A 460 55.55 -2.40 -55.57
N CYS A 461 54.72 -3.38 -55.26
CA CYS A 461 54.88 -4.24 -54.10
C CYS A 461 55.13 -5.66 -54.57
N SER A 462 55.83 -6.45 -53.75
CA SER A 462 56.29 -7.78 -54.15
C SER A 462 55.72 -8.85 -53.23
N LEU A 463 55.23 -9.92 -53.83
CA LEU A 463 54.71 -11.08 -53.13
C LEU A 463 55.88 -11.92 -52.61
N PRO A 464 55.68 -12.69 -51.52
CA PRO A 464 56.72 -13.63 -51.10
C PRO A 464 57.04 -14.59 -52.24
N GLY A 465 58.34 -14.76 -52.49
CA GLY A 465 58.79 -15.45 -53.68
C GLY A 465 59.21 -14.46 -54.75
N THR A 466 59.20 -14.95 -55.99
CA THR A 466 59.67 -14.15 -57.13
C THR A 466 58.53 -13.58 -57.97
N ALA A 467 57.29 -13.61 -57.49
CA ALA A 467 56.18 -13.09 -58.28
C ALA A 467 56.32 -11.60 -58.52
N LEU A 468 56.56 -10.83 -57.46
CA LEU A 468 56.91 -9.41 -57.54
C LEU A 468 55.92 -8.59 -58.40
N LYS A 469 54.63 -8.92 -58.37
CA LYS A 469 53.67 -8.18 -59.21
C LYS A 469 52.29 -8.18 -58.54
N VAL A 470 52.06 -7.23 -57.63
CA VAL A 470 50.75 -7.11 -56.98
C VAL A 470 50.48 -5.66 -56.60
N SER A 471 49.20 -5.29 -56.63
CA SER A 471 48.72 -3.98 -56.20
C SER A 471 48.40 -4.04 -54.71
N CYS A 472 48.89 -3.08 -53.93
CA CYS A 472 48.93 -3.24 -52.49
C CYS A 472 48.57 -1.97 -51.74
N PHE A 473 48.38 -2.14 -50.44
CA PHE A 473 48.04 -1.12 -49.46
C PHE A 473 48.29 -1.76 -48.09
N ASN A 474 47.98 -1.02 -47.02
CA ASN A 474 48.23 -1.54 -45.68
C ASN A 474 47.07 -1.24 -44.74
N VAL A 475 46.96 -2.08 -43.71
CA VAL A 475 45.93 -1.99 -42.68
C VAL A 475 46.62 -1.79 -41.34
N ARG A 476 46.12 -0.84 -40.56
CA ARG A 476 46.65 -0.52 -39.23
C ARG A 476 45.54 -0.71 -38.21
N PHE A 477 45.74 -1.61 -37.25
CA PHE A 477 44.72 -1.96 -36.27
C PHE A 477 45.22 -1.63 -34.86
N CYS A 478 44.38 -0.94 -34.07
CA CYS A 478 44.76 -0.53 -32.72
C CYS A 478 43.63 -0.75 -31.73
N LEU A 479 44.02 -1.05 -30.48
CA LEU A 479 43.11 -1.18 -29.34
C LEU A 479 43.66 -0.40 -28.15
N LYS A 480 42.74 0.14 -27.35
CA LYS A 480 43.06 0.85 -26.11
C LYS A 480 41.98 0.50 -25.09
N ALA A 481 42.37 0.32 -23.82
CA ALA A 481 41.41 -0.13 -22.84
C ALA A 481 41.68 0.49 -21.48
N ASP A 482 40.63 0.55 -20.67
CA ASP A 482 40.67 1.09 -19.32
C ASP A 482 39.45 0.55 -18.56
N GLY A 483 39.31 0.94 -17.30
CA GLY A 483 38.17 0.53 -16.53
C GLY A 483 38.08 1.28 -15.22
N LYS A 484 37.14 0.84 -14.39
CA LYS A 484 36.91 1.40 -13.07
C LYS A 484 36.78 0.26 -12.06
N GLY A 485 37.40 0.45 -10.89
CA GLY A 485 37.28 -0.52 -9.82
C GLY A 485 38.46 -1.45 -9.71
N VAL A 486 38.20 -2.63 -9.14
CA VAL A 486 39.23 -3.63 -8.89
C VAL A 486 39.52 -4.35 -10.21
N LEU A 487 40.70 -4.11 -10.77
CA LEU A 487 41.10 -4.74 -12.02
C LEU A 487 42.61 -4.86 -12.07
N PRO A 488 43.14 -5.83 -12.82
CA PRO A 488 44.58 -5.90 -13.06
C PRO A 488 45.00 -4.89 -14.12
N ARG A 489 46.31 -4.67 -14.22
CA ARG A 489 46.89 -3.70 -15.16
C ARG A 489 47.46 -4.39 -16.39
N LYS A 490 46.76 -5.39 -16.92
CA LYS A 490 47.22 -6.13 -18.08
C LYS A 490 46.07 -7.02 -18.53
N LEU A 491 45.85 -7.08 -19.84
CA LEU A 491 44.76 -7.84 -20.41
C LEU A 491 45.21 -8.48 -21.71
N ASN A 492 44.75 -9.70 -21.96
CA ASN A 492 45.09 -10.43 -23.18
C ASN A 492 43.91 -10.33 -24.14
N PHE A 493 44.14 -9.72 -25.30
CA PHE A 493 43.12 -9.53 -26.32
C PHE A 493 43.40 -10.44 -27.51
N GLN A 494 42.32 -10.88 -28.16
CA GLN A 494 42.40 -11.67 -29.38
C GLN A 494 41.73 -10.87 -30.49
N VAL A 495 42.53 -10.37 -31.43
CA VAL A 495 42.06 -9.55 -32.54
C VAL A 495 42.08 -10.39 -33.82
N GLU A 496 41.05 -10.22 -34.65
CA GLU A 496 40.95 -10.91 -35.93
C GLU A 496 40.58 -9.89 -37.01
N LEU A 497 41.25 -9.99 -38.15
CA LEU A 497 40.99 -9.14 -39.31
C LEU A 497 40.54 -10.01 -40.47
N LEU A 498 39.60 -9.48 -41.27
CA LEU A 498 39.07 -10.20 -42.42
C LEU A 498 38.88 -9.23 -43.57
N LEU A 499 39.63 -9.44 -44.66
CA LEU A 499 39.50 -8.60 -45.84
C LEU A 499 38.29 -9.01 -46.68
N ASP A 500 37.64 -8.02 -47.28
CA ASP A 500 36.50 -8.24 -48.16
C ASP A 500 35.41 -9.07 -47.47
N LYS A 501 34.97 -8.59 -46.31
CA LYS A 501 33.94 -9.33 -45.57
C LYS A 501 32.60 -9.30 -46.29
N LEU A 502 32.33 -8.25 -47.09
CA LEU A 502 31.02 -8.14 -47.73
C LEU A 502 30.71 -9.38 -48.55
N LYS A 503 31.69 -9.89 -49.29
CA LYS A 503 31.49 -11.13 -50.02
C LYS A 503 31.28 -12.28 -49.03
N GLN A 504 30.30 -13.12 -49.34
CA GLN A 504 29.89 -14.22 -48.46
C GLN A 504 30.28 -15.54 -49.11
N LYS A 505 29.80 -16.65 -48.53
CA LYS A 505 30.15 -17.96 -49.05
C LYS A 505 29.80 -18.05 -50.54
N GLY A 506 30.70 -18.64 -51.31
CA GLY A 506 30.50 -18.77 -52.73
C GLY A 506 30.84 -17.54 -53.54
N ALA A 507 31.50 -16.55 -52.95
CA ALA A 507 31.82 -15.30 -53.62
C ALA A 507 33.29 -14.98 -53.41
N ILE A 508 33.93 -14.43 -54.44
CA ILE A 508 35.37 -14.26 -54.45
C ILE A 508 35.77 -13.10 -53.55
N ARG A 509 36.86 -13.28 -52.80
CA ARG A 509 37.43 -12.21 -51.98
C ARG A 509 38.54 -11.54 -52.79
N ARG A 510 38.35 -10.25 -53.09
CA ARG A 510 39.31 -9.55 -53.94
C ARG A 510 40.61 -9.23 -53.21
N ALA A 511 40.55 -8.98 -51.90
CA ALA A 511 41.72 -8.58 -51.13
C ALA A 511 42.25 -9.75 -50.31
N LEU A 512 43.58 -9.89 -50.29
CA LEU A 512 44.26 -10.92 -49.52
C LEU A 512 45.46 -10.30 -48.82
N PHE A 513 45.81 -10.85 -47.66
CA PHE A 513 46.95 -10.37 -46.91
C PHE A 513 48.25 -10.84 -47.55
N LEU A 514 49.27 -9.98 -47.48
CA LEU A 514 50.51 -10.22 -48.21
C LEU A 514 51.19 -11.51 -47.76
N TYR A 515 51.53 -11.61 -46.47
CA TYR A 515 52.26 -12.77 -45.98
C TYR A 515 51.43 -14.04 -46.13
N SER A 516 50.22 -14.04 -45.56
CA SER A 516 49.44 -15.27 -45.51
C SER A 516 48.86 -15.65 -46.86
N ARG A 517 48.65 -14.69 -47.75
CA ARG A 517 47.94 -14.93 -49.00
C ARG A 517 46.52 -15.43 -48.74
N SER A 518 45.92 -14.94 -47.66
CA SER A 518 44.54 -15.26 -47.31
C SER A 518 43.92 -14.03 -46.67
N PRO A 519 42.60 -13.89 -46.73
CA PRO A 519 41.96 -12.66 -46.25
C PRO A 519 41.75 -12.60 -44.75
N SER A 520 42.07 -13.66 -44.00
CA SER A 520 41.91 -13.68 -42.56
C SER A 520 43.28 -13.60 -41.90
N HIS A 521 43.41 -12.71 -40.91
CA HIS A 521 44.62 -12.59 -40.11
C HIS A 521 44.24 -12.48 -38.65
N SER A 522 44.80 -13.36 -37.83
CA SER A 522 44.52 -13.40 -36.40
C SER A 522 45.72 -12.88 -35.61
N LYS A 523 45.49 -12.56 -34.35
CA LYS A 523 46.54 -11.93 -33.54
C LYS A 523 46.17 -11.83 -32.06
N ASN A 524 47.03 -12.38 -31.20
CA ASN A 524 46.94 -12.11 -29.77
C ASN A 524 47.61 -10.78 -29.45
N MET A 525 47.08 -10.08 -28.45
CA MET A 525 47.61 -8.79 -28.05
C MET A 525 47.53 -8.64 -26.54
N THR A 526 48.40 -7.79 -26.00
CA THR A 526 48.43 -7.48 -24.58
C THR A 526 48.38 -5.97 -24.40
N ILE A 527 47.44 -5.51 -23.57
CA ILE A 527 47.23 -4.09 -23.34
C ILE A 527 47.04 -3.85 -21.85
N SER A 528 47.64 -2.78 -21.35
CA SER A 528 47.58 -2.42 -19.94
C SER A 528 46.54 -1.32 -19.72
N ARG A 529 45.82 -1.42 -18.61
CA ARG A 529 44.81 -0.42 -18.27
C ARG A 529 45.42 0.99 -18.30
N GLY A 530 44.69 1.92 -18.90
CA GLY A 530 45.16 3.28 -18.99
C GLY A 530 46.35 3.49 -19.91
N GLY A 531 46.73 2.47 -20.68
CA GLY A 531 47.85 2.60 -21.59
C GLY A 531 47.49 3.37 -22.84
N LEU A 532 48.53 3.68 -23.61
CA LEU A 532 48.35 4.38 -24.87
C LEU A 532 47.82 3.44 -25.94
N MET A 533 47.25 4.03 -26.99
CA MET A 533 46.69 3.27 -28.09
C MET A 533 47.77 2.40 -28.73
N GLN A 534 47.78 1.11 -28.41
CA GLN A 534 48.78 0.18 -28.91
C GLN A 534 48.35 -0.34 -30.28
N CYS A 535 49.15 -0.03 -31.31
CA CYS A 535 48.79 -0.29 -32.70
C CYS A 535 49.66 -1.39 -33.30
N GLU A 536 49.27 -1.81 -34.50
CA GLU A 536 50.06 -2.75 -35.29
C GLU A 536 49.70 -2.60 -36.76
N GLU A 537 50.71 -2.70 -37.62
CA GLU A 537 50.55 -2.57 -39.06
C GLU A 537 50.81 -3.91 -39.75
N LEU A 538 50.14 -4.09 -40.90
CA LEU A 538 50.46 -5.18 -41.82
C LEU A 538 50.02 -4.72 -43.22
N ILE A 539 50.35 -5.53 -44.22
CA ILE A 539 50.19 -5.14 -45.62
C ILE A 539 49.43 -6.21 -46.39
N ALA A 540 48.56 -5.76 -47.28
CA ALA A 540 47.71 -6.63 -48.10
C ALA A 540 47.79 -6.18 -49.56
N TYR A 541 47.07 -6.89 -50.44
CA TYR A 541 47.13 -6.62 -51.87
C TYR A 541 45.86 -7.12 -52.54
N LEU A 542 45.80 -6.94 -53.86
CA LEU A 542 44.64 -7.31 -54.66
C LEU A 542 44.97 -8.48 -55.58
N ARG A 543 43.94 -9.23 -55.97
CA ARG A 543 44.09 -10.31 -56.92
C ARG A 543 44.24 -9.75 -58.34
N ASP A 544 44.56 -10.64 -59.27
CA ASP A 544 44.65 -10.25 -60.68
C ASP A 544 43.26 -9.90 -61.23
N GLU A 545 43.25 -9.01 -62.23
CA GLU A 545 41.98 -8.57 -62.80
C GLU A 545 41.16 -9.76 -63.30
N SER A 546 41.82 -10.77 -63.87
CA SER A 546 41.11 -11.89 -64.44
C SER A 546 40.28 -12.64 -63.40
N GLU A 547 40.73 -12.65 -62.15
CA GLU A 547 40.10 -13.50 -61.14
C GLU A 547 38.78 -12.93 -60.64
N PHE A 548 38.60 -11.62 -60.69
CA PHE A 548 37.35 -10.99 -60.24
C PHE A 548 36.94 -9.92 -61.22
N ARG A 549 35.76 -10.07 -61.82
CA ARG A 549 35.14 -9.03 -62.63
C ARG A 549 34.19 -8.15 -61.82
N ASP A 550 34.40 -8.07 -60.51
CA ASP A 550 33.63 -7.18 -59.63
C ASP A 550 34.60 -6.12 -59.10
N LYS A 551 34.57 -4.94 -59.73
CA LYS A 551 35.36 -3.81 -59.29
C LYS A 551 34.49 -2.70 -58.71
N LEU A 552 33.19 -2.96 -58.53
CA LEU A 552 32.25 -1.93 -58.09
C LEU A 552 32.05 -1.96 -56.58
N THR A 553 31.53 -3.06 -56.05
CA THR A 553 31.23 -3.12 -54.63
C THR A 553 32.49 -2.81 -53.83
N PRO A 554 32.42 -1.95 -52.82
CA PRO A 554 33.64 -1.62 -52.07
C PRO A 554 34.15 -2.81 -51.29
N ILE A 555 35.48 -2.86 -51.15
CA ILE A 555 36.12 -3.86 -50.29
C ILE A 555 36.05 -3.35 -48.86
N THR A 556 35.46 -4.14 -47.98
CA THR A 556 35.38 -3.81 -46.56
C THR A 556 36.40 -4.62 -45.78
N ILE A 557 37.16 -3.94 -44.94
CA ILE A 557 38.10 -4.58 -44.02
C ILE A 557 37.43 -4.60 -42.65
N PHE A 558 37.28 -5.79 -42.10
CA PHE A 558 36.55 -5.99 -40.85
C PHE A 558 37.51 -6.40 -39.75
N MET A 559 37.39 -5.75 -38.59
CA MET A 559 38.21 -6.05 -37.43
C MET A 559 37.31 -6.41 -36.25
N GLU A 560 37.59 -7.54 -35.62
CA GLU A 560 36.84 -8.04 -34.47
C GLU A 560 37.81 -8.23 -33.32
N TYR A 561 37.43 -7.79 -32.12
CA TYR A 561 38.28 -7.89 -30.94
C TYR A 561 37.47 -8.43 -29.77
N ARG A 562 37.89 -9.58 -29.25
CA ARG A 562 37.30 -10.21 -28.09
C ARG A 562 38.32 -10.23 -26.94
N LEU A 563 37.91 -10.78 -25.81
CA LEU A 563 38.77 -10.85 -24.64
C LEU A 563 38.82 -12.25 -24.08
N ASP A 564 39.95 -12.54 -23.42
CA ASP A 564 40.10 -13.74 -22.60
C ASP A 564 39.74 -13.36 -21.17
N TYR A 565 38.60 -13.84 -20.71
CA TYR A 565 38.08 -13.36 -19.43
C TYR A 565 38.75 -14.05 -18.24
N ARG A 566 39.09 -15.34 -18.36
CA ARG A 566 39.66 -16.06 -17.23
C ARG A 566 40.98 -15.46 -16.78
N THR A 567 41.78 -14.95 -17.72
CA THR A 567 43.11 -14.46 -17.38
C THR A 567 43.08 -13.16 -16.58
N ALA A 568 41.96 -12.42 -16.61
CA ALA A 568 41.85 -11.14 -15.94
C ALA A 568 41.19 -11.26 -14.56
N ALA A 569 41.09 -12.47 -14.01
CA ALA A 569 40.32 -12.70 -12.79
C ALA A 569 40.88 -11.89 -11.61
N ASP A 570 40.12 -11.92 -10.52
CA ASP A 570 40.45 -11.22 -9.29
C ASP A 570 40.36 -12.18 -8.11
N THR A 571 40.84 -11.72 -6.95
CA THR A 571 40.73 -12.53 -5.73
C THR A 571 39.32 -13.01 -5.52
N THR A 572 38.32 -12.18 -5.83
CA THR A 572 36.94 -12.60 -5.75
C THR A 572 36.66 -13.83 -6.60
N GLY A 573 37.42 -14.01 -7.66
CA GLY A 573 37.06 -14.94 -8.72
C GLY A 573 36.24 -14.30 -9.82
N LEU A 574 36.15 -12.97 -9.83
CA LEU A 574 35.22 -12.24 -10.67
C LEU A 574 35.98 -11.69 -11.88
N GLN A 575 35.72 -12.26 -13.03
CA GLN A 575 36.38 -11.84 -14.25
C GLN A 575 35.72 -10.56 -14.78
N PRO A 576 36.48 -9.69 -15.45
CA PRO A 576 35.89 -8.51 -16.07
C PRO A 576 35.18 -8.88 -17.37
N ILE A 577 34.37 -7.92 -17.84
CA ILE A 577 33.59 -8.09 -19.06
C ILE A 577 33.76 -6.85 -19.91
N LEU A 578 33.75 -7.03 -21.22
CA LEU A 578 33.81 -5.90 -22.13
C LEU A 578 32.49 -5.14 -22.10
N ASN A 579 32.57 -3.82 -22.28
CA ASN A 579 31.35 -3.02 -22.34
C ASN A 579 30.54 -3.43 -23.55
N GLN A 580 29.30 -3.87 -23.32
CA GLN A 580 28.46 -4.31 -24.42
C GLN A 580 28.03 -3.13 -25.30
N PHE A 581 27.91 -1.94 -24.72
CA PHE A 581 27.44 -0.79 -25.48
C PHE A 581 28.44 -0.37 -26.55
N THR A 582 29.74 -0.50 -26.28
CA THR A 582 30.76 -0.26 -27.29
C THR A 582 30.82 -1.45 -28.24
N PRO A 583 30.48 -1.30 -29.51
CA PRO A 583 30.55 -2.44 -30.43
C PRO A 583 31.97 -2.99 -30.51
N ALA A 584 32.08 -4.32 -30.45
CA ALA A 584 33.37 -5.00 -30.49
C ALA A 584 33.79 -5.35 -31.90
N ASN A 585 33.18 -4.73 -32.91
CA ASN A 585 33.62 -4.83 -34.29
C ASN A 585 33.68 -3.44 -34.89
N ILE A 586 34.66 -3.22 -35.77
CA ILE A 586 34.80 -1.96 -36.50
C ILE A 586 35.20 -2.30 -37.93
N SER A 587 34.71 -1.50 -38.87
CA SER A 587 34.96 -1.76 -40.28
C SER A 587 35.31 -0.48 -41.01
N ARG A 588 36.24 -0.61 -41.94
CA ARG A 588 36.64 0.44 -42.87
C ARG A 588 36.58 -0.15 -44.27
N GLN A 589 36.37 0.70 -45.27
CA GLN A 589 36.20 0.22 -46.63
C GLN A 589 37.15 0.93 -47.58
N ALA A 590 37.63 0.17 -48.56
CA ALA A 590 38.50 0.64 -49.62
C ALA A 590 37.84 0.38 -50.96
N HIS A 591 38.12 1.24 -51.93
CA HIS A 591 37.46 1.18 -53.22
C HIS A 591 38.48 0.95 -54.34
N ILE A 592 37.98 0.47 -55.47
CA ILE A 592 38.78 0.17 -56.64
C ILE A 592 38.66 1.34 -57.61
N LEU A 593 39.80 1.79 -58.13
CA LEU A 593 39.82 2.86 -59.13
C LEU A 593 39.22 2.37 -60.44
N LEU A 594 38.51 3.27 -61.12
CA LEU A 594 37.84 2.96 -62.37
C LEU A 594 38.32 3.91 -63.46
N ASP A 595 38.61 3.34 -64.64
CA ASP A 595 39.09 4.13 -65.76
C ASP A 595 38.34 3.76 -67.04
N GLY B 1 11.79 -3.70 -57.68
CA GLY B 1 10.79 -4.40 -56.90
C GLY B 1 11.36 -5.61 -56.19
N CYS B 2 11.53 -6.70 -56.93
CA CYS B 2 12.08 -7.95 -56.39
C CYS B 2 13.46 -8.25 -56.96
N ALA B 3 14.19 -7.22 -57.37
CA ALA B 3 15.58 -7.31 -57.77
C ALA B 3 16.51 -6.71 -56.71
N LEU B 4 16.05 -6.63 -55.47
CA LEU B 4 16.78 -5.93 -54.42
C LEU B 4 17.94 -6.79 -53.91
N GLY B 5 18.78 -6.16 -53.09
CA GLY B 5 19.94 -6.82 -52.52
C GLY B 5 19.61 -8.17 -51.91
N GLY B 6 20.50 -9.14 -52.09
CA GLY B 6 20.20 -10.51 -51.74
C GLY B 6 19.58 -11.23 -52.92
N ALA B 7 18.65 -12.14 -52.66
CA ALA B 7 17.91 -12.81 -53.72
C ALA B 7 18.84 -13.38 -54.78
N GLU B 8 19.82 -14.17 -54.32
CA GLU B 8 20.70 -14.92 -55.20
C GLU B 8 20.42 -16.42 -55.14
N THR B 9 19.28 -16.81 -54.56
CA THR B 9 18.87 -18.20 -54.49
C THR B 9 17.35 -18.24 -54.57
N CYS B 10 16.83 -19.35 -55.09
CA CYS B 10 15.38 -19.48 -55.23
C CYS B 10 14.69 -19.27 -53.89
N GLU B 11 15.18 -19.93 -52.84
CA GLU B 11 14.62 -19.75 -51.51
C GLU B 11 14.83 -18.33 -51.01
N ASP B 12 16.00 -17.74 -51.32
CA ASP B 12 16.22 -16.34 -50.98
C ASP B 12 15.23 -15.43 -51.73
N CYS B 13 14.98 -15.75 -52.99
CA CYS B 13 14.03 -14.97 -53.78
C CYS B 13 12.60 -15.14 -53.29
N LEU B 14 12.28 -16.29 -52.69
CA LEU B 14 10.91 -16.53 -52.27
C LEU B 14 10.50 -15.60 -51.14
N LEU B 15 11.43 -15.26 -50.25
CA LEU B 15 11.08 -14.52 -49.05
C LEU B 15 11.02 -13.01 -49.27
N ILE B 16 11.64 -12.47 -50.32
CA ILE B 16 11.63 -11.02 -50.46
C ILE B 16 10.21 -10.51 -50.72
N GLY B 17 9.38 -11.26 -51.45
CA GLY B 17 8.02 -10.85 -51.73
C GLY B 17 7.13 -12.01 -52.16
N PRO B 18 5.82 -11.77 -52.26
CA PRO B 18 4.91 -12.84 -52.71
C PRO B 18 4.63 -12.85 -54.20
N GLN B 19 5.01 -11.82 -54.94
CA GLN B 19 4.74 -11.73 -56.37
C GLN B 19 5.96 -12.08 -57.22
N CYS B 20 7.04 -12.55 -56.63
CA CYS B 20 8.29 -12.71 -57.34
C CYS B 20 8.52 -14.17 -57.73
N ALA B 21 9.30 -14.35 -58.81
CA ALA B 21 9.55 -15.65 -59.42
C ALA B 21 11.06 -15.89 -59.52
N TRP B 22 11.41 -17.08 -60.03
CA TRP B 22 12.79 -17.52 -60.22
C TRP B 22 12.92 -18.19 -61.60
N CYS B 23 14.11 -18.09 -62.19
CA CYS B 23 14.39 -18.64 -63.52
C CYS B 23 15.56 -19.62 -63.47
N ALA B 24 15.59 -20.55 -64.43
CA ALA B 24 16.60 -21.61 -64.45
C ALA B 24 17.29 -21.72 -65.81
N GLN B 25 18.63 -21.74 -65.76
CA GLN B 25 19.62 -22.09 -66.78
C GLN B 25 19.83 -21.05 -67.90
N GLU B 26 19.21 -19.88 -67.84
CA GLU B 26 19.39 -18.82 -68.85
C GLU B 26 19.62 -19.31 -70.28
N ASN B 27 18.75 -20.19 -70.77
CA ASN B 27 18.86 -20.73 -72.12
C ASN B 27 18.91 -19.62 -73.18
N GLY B 35 22.88 -14.20 -62.20
CA GLY B 35 22.93 -12.82 -61.76
C GLY B 35 21.71 -12.40 -60.97
N GLU B 36 20.66 -11.95 -61.69
CA GLU B 36 19.43 -11.48 -61.06
C GLU B 36 18.24 -12.17 -61.75
N ARG B 37 18.07 -13.45 -61.45
CA ARG B 37 16.98 -14.25 -61.98
C ARG B 37 15.65 -14.03 -61.25
N CYS B 38 15.68 -13.28 -60.14
CA CYS B 38 14.53 -13.11 -59.28
C CYS B 38 13.82 -11.81 -59.61
N ASP B 39 12.67 -11.92 -60.29
CA ASP B 39 11.84 -10.77 -60.64
C ASP B 39 10.42 -11.27 -60.91
N THR B 40 9.53 -10.32 -61.24
CA THR B 40 8.14 -10.64 -61.53
C THR B 40 8.03 -11.72 -62.61
N PRO B 41 7.00 -12.56 -62.59
CA PRO B 41 6.94 -13.65 -63.58
C PRO B 41 6.86 -13.17 -65.02
N ALA B 42 6.14 -12.08 -65.29
CA ALA B 42 6.05 -11.59 -66.67
C ALA B 42 7.42 -11.19 -67.20
N ASN B 43 8.25 -10.58 -66.36
CA ASN B 43 9.57 -10.15 -66.81
C ASN B 43 10.44 -11.34 -67.20
N LEU B 44 10.29 -12.47 -66.49
CA LEU B 44 11.11 -13.63 -66.79
C LEU B 44 10.75 -14.23 -68.15
N LEU B 45 9.46 -14.23 -68.49
CA LEU B 45 9.05 -14.66 -69.82
C LEU B 45 9.57 -13.71 -70.88
N ALA B 46 9.61 -12.41 -70.58
CA ALA B 46 10.13 -11.44 -71.54
C ALA B 46 11.61 -11.66 -71.80
N LYS B 47 12.36 -12.13 -70.80
CA LYS B 47 13.79 -12.32 -70.92
C LYS B 47 14.18 -13.76 -71.22
N GLY B 48 13.23 -14.60 -71.62
CA GLY B 48 13.53 -15.89 -72.21
C GLY B 48 13.34 -17.10 -71.32
N CYS B 49 12.83 -16.92 -70.10
CA CYS B 49 12.59 -18.05 -69.22
C CYS B 49 11.33 -18.79 -69.67
N GLN B 50 11.49 -20.06 -70.00
CA GLN B 50 10.36 -20.83 -70.52
C GLN B 50 9.38 -21.18 -69.40
N LEU B 51 8.13 -21.43 -69.80
CA LEU B 51 7.08 -21.73 -68.83
C LEU B 51 7.48 -22.90 -67.94
N ASN B 52 7.98 -23.98 -68.54
CA ASN B 52 8.38 -25.14 -67.76
C ASN B 52 9.49 -24.78 -66.76
N PHE B 53 10.41 -23.89 -67.16
CA PHE B 53 11.54 -23.58 -66.31
C PHE B 53 11.19 -22.56 -65.22
N ILE B 54 10.24 -21.67 -65.47
CA ILE B 54 9.90 -20.66 -64.49
C ILE B 54 9.41 -21.34 -63.21
N GLU B 55 9.73 -20.72 -62.07
CA GLU B 55 9.43 -21.28 -60.76
C GLU B 55 8.82 -20.20 -59.88
N ASN B 56 7.69 -20.51 -59.25
CA ASN B 56 6.99 -19.52 -58.43
C ASN B 56 5.79 -20.13 -57.73
N PRO B 57 5.93 -20.58 -56.48
CA PRO B 57 4.76 -21.07 -55.74
C PRO B 57 3.84 -19.93 -55.35
N VAL B 58 2.55 -20.27 -55.16
CA VAL B 58 1.54 -19.30 -54.79
C VAL B 58 0.65 -19.88 -53.71
N SER B 59 0.16 -19.01 -52.83
CA SER B 59 -0.76 -19.43 -51.77
C SER B 59 -2.00 -20.07 -52.39
N GLN B 60 -2.49 -21.13 -51.73
CA GLN B 60 -3.62 -21.89 -52.24
C GLN B 60 -4.40 -22.49 -51.08
N VAL B 61 -5.70 -22.67 -51.29
CA VAL B 61 -6.60 -23.27 -50.30
C VAL B 61 -7.04 -24.63 -50.81
N GLU B 62 -7.13 -25.60 -49.90
CA GLU B 62 -7.74 -26.88 -50.19
C GLU B 62 -8.92 -27.09 -49.24
N ILE B 63 -10.08 -27.37 -49.81
CA ILE B 63 -11.28 -27.64 -49.02
C ILE B 63 -11.37 -29.14 -48.77
N LEU B 64 -11.34 -29.51 -47.49
CA LEU B 64 -11.42 -30.91 -47.09
C LEU B 64 -12.81 -31.31 -46.61
N LYS B 65 -13.49 -30.44 -45.86
CA LYS B 65 -14.83 -30.70 -45.38
C LYS B 65 -15.66 -29.43 -45.57
N ASN B 66 -16.72 -29.52 -46.37
CA ASN B 66 -17.59 -28.38 -46.65
C ASN B 66 -19.04 -28.85 -46.76
N LYS B 67 -19.53 -29.49 -45.70
CA LYS B 67 -20.92 -29.90 -45.66
C LYS B 67 -21.81 -28.66 -45.66
N PRO B 68 -22.89 -28.65 -46.44
CA PRO B 68 -23.74 -27.44 -46.49
C PRO B 68 -24.35 -27.15 -45.13
N LEU B 69 -24.63 -25.86 -44.91
CA LEU B 69 -25.29 -25.45 -43.67
C LEU B 69 -26.67 -26.08 -43.58
N SER B 70 -27.02 -26.54 -42.37
CA SER B 70 -28.29 -27.22 -42.17
C SER B 70 -29.42 -26.20 -42.16
N VAL B 71 -30.50 -26.53 -42.87
CA VAL B 71 -31.65 -25.64 -43.04
C VAL B 71 -32.82 -26.22 -42.27
N GLY B 72 -33.48 -25.38 -41.46
CA GLY B 72 -34.65 -25.78 -40.73
C GLY B 72 -34.32 -26.53 -39.45
N ARG B 73 -35.37 -26.79 -38.68
CA ARG B 73 -35.22 -27.53 -37.44
C ARG B 73 -34.80 -28.97 -37.72
N GLN B 74 -33.74 -29.41 -37.06
CA GLN B 74 -33.19 -30.75 -37.24
C GLN B 74 -33.63 -31.65 -36.09
N LYS B 75 -34.37 -32.71 -36.41
CA LYS B 75 -34.76 -33.67 -35.38
C LYS B 75 -33.55 -34.44 -34.85
N ASN B 76 -32.43 -34.43 -35.56
CA ASN B 76 -31.23 -35.18 -35.18
C ASN B 76 -30.08 -34.21 -34.96
N SER B 77 -29.46 -34.30 -33.78
CA SER B 77 -28.39 -33.38 -33.44
C SER B 77 -27.22 -33.49 -34.41
N SER B 78 -27.04 -34.66 -35.03
CA SER B 78 -25.87 -34.90 -35.85
C SER B 78 -25.94 -34.23 -37.22
N ASP B 79 -27.13 -33.81 -37.65
CA ASP B 79 -27.31 -33.17 -38.94
C ASP B 79 -27.36 -31.64 -38.83
N ILE B 80 -27.11 -31.09 -37.64
CA ILE B 80 -26.99 -29.65 -37.48
C ILE B 80 -25.64 -29.21 -38.03
N VAL B 81 -25.66 -28.18 -38.87
CA VAL B 81 -24.45 -27.61 -39.45
C VAL B 81 -24.61 -26.10 -39.35
N GLN B 82 -23.84 -25.46 -38.48
CA GLN B 82 -23.95 -24.03 -38.24
C GLN B 82 -22.78 -23.23 -38.80
N ILE B 83 -21.72 -23.90 -39.24
CA ILE B 83 -20.57 -23.23 -39.86
C ILE B 83 -20.12 -24.07 -41.06
N ALA B 84 -19.73 -23.39 -42.14
CA ALA B 84 -19.25 -24.06 -43.34
C ALA B 84 -18.26 -23.14 -44.04
N PRO B 85 -17.10 -23.66 -44.51
CA PRO B 85 -16.65 -25.06 -44.45
C PRO B 85 -16.36 -25.50 -43.03
N GLN B 86 -15.90 -26.75 -42.88
CA GLN B 86 -15.58 -27.30 -41.57
C GLN B 86 -14.13 -27.76 -41.46
N SER B 87 -13.39 -27.85 -42.56
CA SER B 87 -11.98 -28.22 -42.52
C SER B 87 -11.33 -27.71 -43.79
N LEU B 88 -10.22 -26.97 -43.62
CA LEU B 88 -9.50 -26.40 -44.74
C LEU B 88 -8.00 -26.62 -44.55
N ILE B 89 -7.28 -26.62 -45.67
CA ILE B 89 -5.83 -26.53 -45.69
C ILE B 89 -5.47 -25.21 -46.36
N LEU B 90 -4.58 -24.45 -45.73
CA LEU B 90 -4.15 -23.16 -46.26
C LEU B 90 -2.64 -23.19 -46.43
N LYS B 91 -2.18 -23.27 -47.68
CA LYS B 91 -0.78 -23.17 -48.00
C LYS B 91 -0.48 -21.71 -48.34
N LEU B 92 0.32 -21.05 -47.50
CA LEU B 92 0.56 -19.61 -47.61
C LEU B 92 2.03 -19.36 -47.88
N ARG B 93 2.31 -18.66 -48.97
CA ARG B 93 3.66 -18.20 -49.24
C ARG B 93 4.00 -17.05 -48.29
N PRO B 94 5.24 -16.94 -47.83
CA PRO B 94 5.61 -15.82 -46.96
C PRO B 94 5.24 -14.49 -47.59
N GLY B 95 4.71 -13.59 -46.77
CA GLY B 95 4.35 -12.27 -47.26
C GLY B 95 3.18 -12.25 -48.21
N GLY B 96 2.38 -13.32 -48.22
CA GLY B 96 1.20 -13.38 -49.06
C GLY B 96 -0.03 -13.58 -48.22
N ALA B 97 -1.20 -13.23 -48.75
CA ALA B 97 -2.44 -13.29 -47.99
C ALA B 97 -3.50 -13.99 -48.82
N GLN B 98 -4.28 -14.85 -48.15
CA GLN B 98 -5.38 -15.57 -48.75
C GLN B 98 -6.65 -15.29 -47.95
N THR B 99 -7.73 -14.98 -48.65
CA THR B 99 -9.01 -14.67 -48.03
C THR B 99 -9.89 -15.92 -48.04
N LEU B 100 -10.35 -16.32 -46.86
CA LEU B 100 -11.27 -17.44 -46.72
C LEU B 100 -12.69 -16.92 -46.53
N GLN B 101 -13.65 -17.59 -47.14
CA GLN B 101 -15.06 -17.28 -46.97
C GLN B 101 -15.66 -18.26 -45.97
N VAL B 102 -16.27 -17.73 -44.92
CA VAL B 102 -16.83 -18.52 -43.84
C VAL B 102 -18.29 -18.14 -43.66
N HIS B 103 -19.16 -19.15 -43.59
CA HIS B 103 -20.60 -18.96 -43.53
C HIS B 103 -21.13 -19.56 -42.25
N VAL B 104 -21.90 -18.78 -41.49
CA VAL B 104 -22.46 -19.21 -40.22
C VAL B 104 -23.97 -19.06 -40.28
N ARG B 105 -24.67 -20.01 -39.68
CA ARG B 105 -26.13 -19.99 -39.60
C ARG B 105 -26.53 -20.74 -38.34
N GLN B 106 -27.35 -20.12 -37.51
CA GLN B 106 -27.80 -20.74 -36.28
C GLN B 106 -29.02 -21.60 -36.56
N THR B 107 -28.97 -22.85 -36.09
CA THR B 107 -30.10 -23.75 -36.28
C THR B 107 -31.26 -23.31 -35.39
N GLU B 108 -32.48 -23.65 -35.81
CA GLU B 108 -33.66 -23.13 -35.12
C GLU B 108 -33.81 -23.74 -33.73
N ASP B 109 -33.36 -24.96 -33.52
CA ASP B 109 -33.46 -25.64 -32.23
C ASP B 109 -32.05 -26.06 -31.80
N TYR B 110 -31.48 -25.33 -30.85
CA TYR B 110 -30.16 -25.63 -30.31
C TYR B 110 -30.27 -25.71 -28.79
N PRO B 111 -29.71 -26.75 -28.17
CA PRO B 111 -29.82 -26.86 -26.70
C PRO B 111 -29.12 -25.71 -25.99
N VAL B 112 -29.51 -25.51 -24.74
CA VAL B 112 -29.07 -24.37 -23.95
C VAL B 112 -28.82 -24.82 -22.52
N ASP B 113 -27.57 -24.79 -22.07
CA ASP B 113 -27.23 -24.94 -20.67
C ASP B 113 -27.15 -23.56 -20.03
N LEU B 114 -27.71 -23.44 -18.82
CA LEU B 114 -27.63 -22.21 -18.05
C LEU B 114 -27.23 -22.54 -16.62
N TYR B 115 -26.08 -22.03 -16.19
CA TYR B 115 -25.64 -22.19 -14.82
C TYR B 115 -25.86 -20.88 -14.07
N TYR B 116 -26.68 -20.93 -13.02
CA TYR B 116 -27.05 -19.75 -12.23
C TYR B 116 -26.07 -19.65 -11.07
N LEU B 117 -25.15 -18.69 -11.15
CA LEU B 117 -24.10 -18.48 -10.15
C LEU B 117 -24.43 -17.21 -9.37
N MET B 118 -24.65 -17.35 -8.07
CA MET B 118 -25.27 -16.28 -7.29
C MET B 118 -24.44 -15.90 -6.08
N ASP B 119 -24.30 -14.59 -5.89
CA ASP B 119 -23.81 -14.02 -4.62
C ASP B 119 -24.80 -14.35 -3.50
N LEU B 120 -24.30 -14.96 -2.43
CA LEU B 120 -25.13 -15.27 -1.27
C LEU B 120 -24.66 -14.55 -0.01
N SER B 121 -23.97 -13.42 -0.15
CA SER B 121 -23.71 -12.59 1.01
C SER B 121 -25.02 -12.02 1.54
N ALA B 122 -24.95 -11.34 2.68
CA ALA B 122 -26.17 -11.01 3.42
C ALA B 122 -27.11 -10.11 2.63
N SER B 123 -26.58 -9.30 1.70
CA SER B 123 -27.44 -8.38 0.96
C SER B 123 -28.27 -9.06 -0.11
N MET B 124 -28.21 -10.39 -0.22
CA MET B 124 -28.95 -11.14 -1.22
C MET B 124 -30.05 -12.01 -0.62
N ASP B 125 -30.37 -11.82 0.66
CA ASP B 125 -31.46 -12.56 1.27
C ASP B 125 -32.78 -12.27 0.59
N ASP B 126 -33.06 -11.00 0.32
CA ASP B 126 -34.27 -10.63 -0.42
C ASP B 126 -34.26 -11.27 -1.80
N ASP B 127 -33.11 -11.28 -2.47
CA ASP B 127 -33.02 -11.86 -3.80
C ASP B 127 -33.46 -13.32 -3.80
N LEU B 128 -33.17 -14.05 -2.71
CA LEU B 128 -33.55 -15.45 -2.63
C LEU B 128 -35.07 -15.60 -2.54
N ASN B 129 -35.73 -14.73 -1.77
CA ASN B 129 -37.17 -14.87 -1.58
C ASN B 129 -37.94 -14.68 -2.88
N THR B 130 -37.41 -13.90 -3.82
CA THR B 130 -38.14 -13.59 -5.05
C THR B 130 -37.86 -14.57 -6.19
N ILE B 131 -36.87 -15.44 -6.05
CA ILE B 131 -36.56 -16.42 -7.10
C ILE B 131 -36.97 -17.83 -6.70
N LYS B 132 -37.91 -17.95 -5.75
CA LYS B 132 -38.31 -19.28 -5.28
C LYS B 132 -38.89 -20.12 -6.42
N GLU B 133 -39.44 -19.48 -7.45
CA GLU B 133 -40.04 -20.19 -8.58
C GLU B 133 -39.40 -19.79 -9.91
N LEU B 134 -38.17 -19.30 -9.87
CA LEU B 134 -37.47 -18.94 -11.11
C LEU B 134 -37.22 -20.16 -11.98
N GLY B 135 -36.87 -21.29 -11.35
CA GLY B 135 -36.58 -22.49 -12.12
C GLY B 135 -37.69 -22.84 -13.10
N SER B 136 -38.93 -22.86 -12.61
CA SER B 136 -40.06 -23.20 -13.48
C SER B 136 -40.38 -22.05 -14.43
N ARG B 137 -40.47 -20.82 -13.91
CA ARG B 137 -40.73 -19.67 -14.76
C ARG B 137 -39.74 -19.61 -15.92
N LEU B 138 -38.45 -19.73 -15.61
CA LEU B 138 -37.43 -19.62 -16.65
C LEU B 138 -37.52 -20.76 -17.64
N SER B 139 -37.61 -22.00 -17.15
CA SER B 139 -37.65 -23.15 -18.06
C SER B 139 -38.92 -23.16 -18.90
N LYS B 140 -40.02 -22.60 -18.40
CA LYS B 140 -41.22 -22.50 -19.22
C LYS B 140 -41.01 -21.52 -20.37
N GLU B 141 -40.42 -20.37 -20.09
CA GLU B 141 -40.14 -19.41 -21.17
C GLU B 141 -39.11 -19.95 -22.14
N MET B 142 -38.08 -20.64 -21.63
CA MET B 142 -37.07 -21.22 -22.51
C MET B 142 -37.62 -22.40 -23.30
N SER B 143 -38.74 -22.98 -22.89
CA SER B 143 -39.34 -24.07 -23.64
C SER B 143 -39.90 -23.61 -24.97
N LYS B 144 -40.26 -22.33 -25.09
CA LYS B 144 -40.77 -21.78 -26.34
C LYS B 144 -39.66 -21.54 -27.36
N LEU B 145 -38.39 -21.55 -26.92
CA LEU B 145 -37.26 -21.20 -27.76
C LEU B 145 -36.35 -22.37 -28.08
N THR B 146 -36.23 -23.32 -27.16
CA THR B 146 -35.44 -24.52 -27.37
C THR B 146 -36.15 -25.69 -26.69
N SER B 147 -36.01 -26.87 -27.29
CA SER B 147 -36.58 -28.07 -26.70
C SER B 147 -35.65 -28.72 -25.68
N ASN B 148 -34.41 -28.25 -25.56
CA ASN B 148 -33.42 -28.84 -24.66
C ASN B 148 -32.81 -27.74 -23.79
N PHE B 149 -33.53 -27.37 -22.72
CA PHE B 149 -33.04 -26.43 -21.73
C PHE B 149 -32.71 -27.19 -20.44
N ARG B 150 -31.52 -26.95 -19.91
CA ARG B 150 -31.10 -27.47 -18.62
C ARG B 150 -30.55 -26.33 -17.80
N LEU B 151 -30.64 -26.45 -16.48
CA LEU B 151 -30.12 -25.39 -15.62
C LEU B 151 -29.61 -26.00 -14.33
N GLY B 152 -28.57 -25.35 -13.78
CA GLY B 152 -27.99 -25.74 -12.51
C GLY B 152 -27.78 -24.51 -11.65
N PHE B 153 -27.26 -24.75 -10.44
CA PHE B 153 -27.15 -23.67 -9.47
C PHE B 153 -25.87 -23.80 -8.65
N GLY B 154 -25.27 -22.65 -8.37
CA GLY B 154 -24.12 -22.59 -7.48
C GLY B 154 -24.09 -21.23 -6.82
N SER B 155 -23.39 -21.15 -5.69
CA SER B 155 -23.37 -19.94 -4.87
C SER B 155 -21.95 -19.64 -4.42
N PHE B 156 -21.68 -18.36 -4.19
CA PHE B 156 -20.36 -17.92 -3.74
C PHE B 156 -20.53 -16.78 -2.74
N VAL B 157 -19.48 -16.59 -1.93
CA VAL B 157 -19.40 -15.44 -1.03
C VAL B 157 -18.00 -14.87 -1.06
N GLU B 158 -17.05 -15.56 -0.43
CA GLU B 158 -15.73 -14.98 -0.22
C GLU B 158 -14.78 -16.06 0.27
N LYS B 159 -13.48 -15.84 0.03
CA LYS B 159 -12.46 -16.67 0.63
C LYS B 159 -12.62 -16.61 2.15
N PRO B 160 -12.87 -17.73 2.82
CA PRO B 160 -13.12 -17.68 4.28
C PRO B 160 -11.84 -17.58 5.09
N VAL B 161 -11.11 -16.48 4.91
CA VAL B 161 -9.87 -16.23 5.64
C VAL B 161 -9.81 -14.76 6.03
N SER B 162 -9.07 -14.49 7.10
CA SER B 162 -8.77 -13.11 7.43
C SER B 162 -7.93 -12.51 6.29
N PRO B 163 -8.11 -11.20 6.00
CA PRO B 163 -8.95 -10.21 6.68
C PRO B 163 -10.32 -9.98 6.05
N PHE B 164 -10.82 -10.91 5.25
CA PHE B 164 -12.12 -10.73 4.60
C PHE B 164 -13.28 -11.22 5.44
N VAL B 165 -13.01 -11.96 6.52
CA VAL B 165 -14.03 -12.40 7.46
C VAL B 165 -13.53 -12.16 8.87
N LYS B 166 -14.47 -11.93 9.78
CA LYS B 166 -14.14 -11.97 11.21
C LYS B 166 -13.72 -13.38 11.60
N THR B 167 -12.72 -13.48 12.47
CA THR B 167 -12.15 -14.77 12.83
C THR B 167 -12.28 -15.07 14.32
N THR B 168 -13.25 -14.45 15.01
CA THR B 168 -13.57 -14.91 16.35
C THR B 168 -14.46 -16.16 16.25
N PRO B 169 -14.40 -17.05 17.24
CA PRO B 169 -15.20 -18.28 17.15
C PRO B 169 -16.67 -18.02 16.85
N GLU B 170 -17.24 -16.99 17.49
CA GLU B 170 -18.66 -16.72 17.32
C GLU B 170 -18.99 -16.35 15.88
N GLU B 171 -18.18 -15.46 15.28
CA GLU B 171 -18.46 -15.01 13.93
C GLU B 171 -18.09 -16.06 12.89
N ILE B 172 -17.16 -16.96 13.20
CA ILE B 172 -16.87 -18.07 12.29
C ILE B 172 -18.07 -19.01 12.21
N ALA B 173 -18.64 -19.36 13.37
CA ALA B 173 -19.79 -20.25 13.38
C ALA B 173 -21.01 -19.61 12.74
N ASN B 174 -21.18 -18.30 12.92
CA ASN B 174 -22.36 -17.58 12.41
C ASN B 174 -21.93 -16.15 12.14
N PRO B 175 -21.48 -15.85 10.92
CA PRO B 175 -20.94 -14.52 10.64
C PRO B 175 -21.92 -13.39 10.84
N CYS B 176 -23.20 -13.67 11.05
CA CYS B 176 -24.20 -12.65 11.36
C CYS B 176 -24.69 -12.74 12.79
N SER B 177 -23.93 -13.39 13.67
CA SER B 177 -24.38 -13.57 15.05
C SER B 177 -24.59 -12.24 15.75
N SER B 178 -23.83 -11.22 15.37
CA SER B 178 -23.96 -9.92 16.02
C SER B 178 -25.23 -9.18 15.60
N ILE B 179 -25.85 -9.57 14.48
CA ILE B 179 -26.91 -8.75 13.91
C ILE B 179 -28.12 -8.66 14.83
N PRO B 180 -28.69 -9.77 15.34
CA PRO B 180 -28.49 -11.19 15.05
C PRO B 180 -29.34 -11.66 13.88
N TYR B 181 -28.84 -12.67 13.16
CA TYR B 181 -29.53 -13.22 12.01
C TYR B 181 -28.89 -14.58 11.72
N PHE B 182 -29.66 -15.50 11.18
CA PHE B 182 -29.14 -16.84 10.94
C PHE B 182 -28.37 -16.85 9.62
N CYS B 183 -27.06 -17.00 9.71
CA CYS B 183 -26.20 -17.11 8.53
C CYS B 183 -25.37 -18.37 8.65
N LEU B 184 -24.98 -18.88 7.52
CA LEU B 184 -24.06 -20.01 7.51
C LEU B 184 -22.62 -19.50 7.44
N PRO B 185 -21.67 -20.26 7.97
CA PRO B 185 -20.26 -19.83 7.91
C PRO B 185 -19.83 -19.50 6.49
N THR B 186 -19.00 -18.47 6.37
CA THR B 186 -18.56 -17.98 5.06
C THR B 186 -17.91 -19.09 4.25
N PHE B 187 -18.15 -19.07 2.94
CA PHE B 187 -17.64 -20.09 2.04
C PHE B 187 -17.26 -19.46 0.70
N GLY B 188 -16.34 -20.10 0.00
CA GLY B 188 -15.82 -19.57 -1.25
C GLY B 188 -16.72 -19.83 -2.45
N PHE B 189 -16.94 -21.09 -2.78
CA PHE B 189 -17.83 -21.45 -3.88
C PHE B 189 -18.45 -22.82 -3.60
N LYS B 190 -19.77 -22.89 -3.66
CA LYS B 190 -20.52 -24.13 -3.50
C LYS B 190 -21.20 -24.45 -4.82
N HIS B 191 -20.78 -25.53 -5.47
CA HIS B 191 -21.49 -26.07 -6.62
C HIS B 191 -22.58 -26.99 -6.09
N ILE B 192 -23.83 -26.58 -6.24
CA ILE B 192 -24.96 -27.22 -5.56
C ILE B 192 -25.75 -28.13 -6.49
N LEU B 193 -26.17 -27.61 -7.64
CA LEU B 193 -27.02 -28.37 -8.57
C LEU B 193 -26.38 -28.44 -9.94
N PRO B 194 -25.92 -29.60 -10.39
CA PRO B 194 -25.47 -29.71 -11.79
C PRO B 194 -26.62 -29.48 -12.75
N LEU B 195 -26.27 -29.17 -13.99
CA LEU B 195 -27.27 -28.88 -15.01
C LEU B 195 -28.27 -30.02 -15.12
N THR B 196 -29.56 -29.68 -15.15
CA THR B 196 -30.61 -30.68 -15.27
C THR B 196 -31.84 -30.02 -15.88
N ASN B 197 -32.69 -30.87 -16.47
CA ASN B 197 -33.98 -30.43 -16.99
C ASN B 197 -35.05 -30.34 -15.91
N ASP B 198 -34.83 -30.95 -14.75
CA ASP B 198 -35.80 -30.95 -13.66
C ASP B 198 -35.83 -29.58 -13.03
N ALA B 199 -36.79 -28.74 -13.46
CA ALA B 199 -36.84 -27.37 -12.99
C ALA B 199 -37.39 -27.25 -11.56
N GLU B 200 -38.29 -28.16 -11.17
CA GLU B 200 -38.77 -28.14 -9.78
C GLU B 200 -37.64 -28.44 -8.81
N ARG B 201 -36.64 -29.22 -9.24
CA ARG B 201 -35.47 -29.47 -8.40
C ARG B 201 -34.69 -28.18 -8.17
N PHE B 202 -34.51 -27.39 -9.24
CA PHE B 202 -33.95 -26.06 -9.09
C PHE B 202 -34.73 -25.24 -8.06
N ASN B 203 -36.05 -25.24 -8.18
CA ASN B 203 -36.89 -24.54 -7.21
C ASN B 203 -36.59 -25.02 -5.80
N GLU B 204 -36.49 -26.34 -5.61
CA GLU B 204 -36.30 -26.88 -4.26
C GLU B 204 -35.01 -26.37 -3.62
N ILE B 205 -33.91 -26.46 -4.36
CA ILE B 205 -32.61 -26.15 -3.74
C ILE B 205 -32.51 -24.66 -3.46
N VAL B 206 -33.11 -23.82 -4.31
CA VAL B 206 -33.14 -22.38 -4.04
C VAL B 206 -33.91 -22.11 -2.75
N LYS B 207 -35.07 -22.76 -2.60
CA LYS B 207 -35.89 -22.55 -1.41
C LYS B 207 -35.14 -22.94 -0.14
N ASN B 208 -34.22 -23.90 -0.23
CA ASN B 208 -33.47 -24.37 0.93
C ASN B 208 -32.18 -23.59 1.17
N GLN B 209 -31.88 -22.59 0.36
CA GLN B 209 -30.63 -21.86 0.50
C GLN B 209 -30.70 -20.87 1.66
N LYS B 210 -29.55 -20.66 2.30
CA LYS B 210 -29.41 -19.70 3.39
C LYS B 210 -28.19 -18.84 3.10
N ILE B 211 -28.27 -17.57 3.52
CA ILE B 211 -27.20 -16.62 3.23
C ILE B 211 -26.05 -16.82 4.20
N SER B 212 -24.87 -16.34 3.78
CA SER B 212 -23.72 -16.18 4.65
C SER B 212 -23.35 -14.70 4.67
N ALA B 213 -22.16 -14.39 5.17
CA ALA B 213 -21.72 -13.00 5.22
C ALA B 213 -20.20 -12.94 5.32
N ASN B 214 -19.69 -11.72 5.23
CA ASN B 214 -18.27 -11.38 5.32
C ASN B 214 -18.24 -9.86 5.47
N ILE B 215 -17.04 -9.29 5.62
CA ILE B 215 -16.94 -7.93 6.11
C ILE B 215 -16.46 -6.91 5.07
N ASP B 216 -15.90 -7.33 3.94
CA ASP B 216 -15.44 -6.39 2.92
C ASP B 216 -16.30 -6.49 1.68
N THR B 217 -16.54 -5.35 1.04
CA THR B 217 -17.55 -5.26 -0.02
C THR B 217 -17.24 -6.16 -1.20
N PRO B 218 -16.07 -6.11 -1.83
CA PRO B 218 -15.82 -6.97 -2.99
C PRO B 218 -15.88 -8.44 -2.58
N GLU B 219 -16.47 -9.25 -3.46
CA GLU B 219 -16.71 -10.66 -3.18
C GLU B 219 -15.83 -11.52 -4.09
N GLY B 220 -15.88 -12.84 -3.84
CA GLY B 220 -15.00 -13.76 -4.52
C GLY B 220 -15.67 -14.49 -5.67
N GLY B 221 -16.54 -13.80 -6.39
CA GLY B 221 -17.22 -14.42 -7.50
C GLY B 221 -16.27 -14.94 -8.57
N PHE B 222 -15.16 -14.24 -8.79
CA PHE B 222 -14.21 -14.67 -9.82
C PHE B 222 -13.72 -16.08 -9.55
N ASP B 223 -13.50 -16.43 -8.27
CA ASP B 223 -13.17 -17.80 -7.94
C ASP B 223 -14.25 -18.76 -8.42
N ALA B 224 -15.52 -18.38 -8.24
CA ALA B 224 -16.62 -19.26 -8.65
C ALA B 224 -16.75 -19.31 -10.17
N ILE B 225 -16.57 -18.17 -10.84
CA ILE B 225 -16.65 -18.16 -12.31
C ILE B 225 -15.64 -19.14 -12.90
N MET B 226 -14.39 -19.06 -12.44
CA MET B 226 -13.35 -19.95 -12.95
C MET B 226 -13.78 -21.41 -12.81
N GLN B 227 -14.23 -21.80 -11.61
CA GLN B 227 -14.60 -23.19 -11.38
C GLN B 227 -15.76 -23.61 -12.28
N ALA B 228 -16.79 -22.76 -12.39
CA ALA B 228 -17.93 -23.11 -13.22
C ALA B 228 -17.53 -23.29 -14.68
N ALA B 229 -16.51 -22.55 -15.13
CA ALA B 229 -16.10 -22.64 -16.52
C ALA B 229 -15.24 -23.87 -16.81
N VAL B 230 -14.48 -24.33 -15.82
CA VAL B 230 -13.50 -25.38 -16.03
C VAL B 230 -14.05 -26.76 -15.66
N CYS B 231 -14.87 -26.84 -14.60
CA CYS B 231 -15.35 -28.12 -14.10
C CYS B 231 -16.50 -28.63 -14.97
N LYS B 232 -16.14 -29.02 -16.20
CA LYS B 232 -17.15 -29.43 -17.17
C LYS B 232 -17.94 -30.64 -16.69
N GLU B 233 -17.25 -31.68 -16.21
CA GLU B 233 -17.96 -32.89 -15.82
C GLU B 233 -18.88 -32.62 -14.63
N LYS B 234 -18.36 -31.97 -13.59
CA LYS B 234 -19.15 -31.79 -12.38
C LYS B 234 -20.25 -30.74 -12.59
N ILE B 235 -19.95 -29.65 -13.28
CA ILE B 235 -21.01 -28.70 -13.63
C ILE B 235 -22.02 -29.36 -14.55
N GLY B 236 -21.54 -30.13 -15.52
CA GLY B 236 -22.39 -30.82 -16.45
C GLY B 236 -22.54 -30.19 -17.81
N TRP B 237 -21.66 -29.26 -18.19
CA TRP B 237 -21.70 -28.70 -19.53
C TRP B 237 -21.67 -29.82 -20.56
N ARG B 238 -22.67 -29.84 -21.44
CA ARG B 238 -22.71 -30.80 -22.54
C ARG B 238 -22.17 -30.14 -23.81
N ASN B 239 -21.53 -30.94 -24.66
CA ASN B 239 -21.03 -30.42 -25.93
C ASN B 239 -22.16 -29.76 -26.71
N ASP B 240 -21.81 -29.17 -27.86
CA ASP B 240 -22.77 -28.79 -28.88
C ASP B 240 -24.05 -28.21 -28.28
N SER B 241 -23.88 -27.26 -27.37
CA SER B 241 -24.99 -26.50 -26.85
C SER B 241 -24.46 -25.15 -26.36
N LEU B 242 -25.37 -24.23 -26.09
CA LEU B 242 -24.99 -22.95 -25.52
C LEU B 242 -24.64 -23.12 -24.05
N HIS B 243 -23.66 -22.35 -23.59
CA HIS B 243 -23.19 -22.40 -22.21
C HIS B 243 -23.35 -21.01 -21.61
N LEU B 244 -24.45 -20.79 -20.90
CA LEU B 244 -24.76 -19.49 -20.32
C LEU B 244 -24.45 -19.53 -18.83
N LEU B 245 -23.45 -18.77 -18.41
CA LEU B 245 -23.09 -18.63 -17.01
C LEU B 245 -23.61 -17.27 -16.52
N VAL B 246 -24.62 -17.31 -15.66
CA VAL B 246 -25.29 -16.10 -15.20
C VAL B 246 -24.75 -15.76 -13.82
N PHE B 247 -23.92 -14.72 -13.78
CA PHE B 247 -23.28 -14.25 -12.56
C PHE B 247 -24.17 -13.17 -11.94
N VAL B 248 -24.78 -13.49 -10.80
CA VAL B 248 -25.76 -12.63 -10.15
C VAL B 248 -25.16 -12.12 -8.85
N SER B 249 -24.88 -10.82 -8.80
CA SER B 249 -24.30 -10.21 -7.62
C SER B 249 -24.68 -8.74 -7.59
N ASP B 250 -24.52 -8.14 -6.41
CA ASP B 250 -24.72 -6.71 -6.23
C ASP B 250 -23.47 -6.06 -5.66
N ALA B 251 -22.29 -6.52 -6.09
CA ALA B 251 -21.07 -6.06 -5.46
C ALA B 251 -19.87 -6.17 -6.40
N ASP B 252 -18.84 -5.41 -6.06
CA ASP B 252 -17.51 -5.46 -6.66
C ASP B 252 -16.97 -6.89 -6.64
N SER B 253 -15.91 -7.16 -7.41
CA SER B 253 -15.30 -8.49 -7.44
C SER B 253 -13.81 -8.39 -7.14
N HIS B 254 -13.36 -9.24 -6.22
CA HIS B 254 -11.93 -9.42 -6.00
C HIS B 254 -11.28 -10.03 -7.25
N PHE B 255 -10.02 -9.69 -7.47
CA PHE B 255 -9.29 -10.24 -8.60
C PHE B 255 -7.81 -10.35 -8.27
N GLY B 256 -7.16 -11.32 -8.90
CA GLY B 256 -5.72 -11.49 -8.83
C GLY B 256 -5.13 -11.47 -7.43
N MET B 257 -4.22 -10.52 -7.19
CA MET B 257 -3.42 -10.50 -5.98
C MET B 257 -4.09 -9.79 -4.81
N ASP B 258 -5.40 -9.52 -4.89
CA ASP B 258 -6.10 -9.07 -3.70
C ASP B 258 -5.88 -10.04 -2.54
N SER B 259 -5.77 -11.33 -2.85
CA SER B 259 -5.58 -12.36 -1.84
C SER B 259 -4.26 -12.23 -1.09
N LYS B 260 -3.34 -11.38 -1.56
CA LYS B 260 -2.08 -11.20 -0.87
C LYS B 260 -2.29 -10.70 0.55
N LEU B 261 -3.34 -9.91 0.79
CA LEU B 261 -3.64 -9.47 2.14
C LEU B 261 -3.81 -10.66 3.08
N ALA B 262 -4.40 -11.75 2.58
CA ALA B 262 -4.67 -12.93 3.39
C ALA B 262 -3.50 -13.90 3.44
N GLY B 263 -2.35 -13.54 2.88
CA GLY B 263 -1.21 -14.43 2.84
C GLY B 263 -1.25 -15.46 1.73
N ILE B 264 -2.14 -15.30 0.75
CA ILE B 264 -2.27 -16.22 -0.37
C ILE B 264 -1.53 -15.60 -1.56
N VAL B 265 -0.49 -16.30 -2.02
CA VAL B 265 0.40 -15.73 -3.03
C VAL B 265 0.85 -16.79 -4.04
N CYS B 266 0.02 -17.81 -4.25
CA CYS B 266 0.27 -18.77 -5.31
C CYS B 266 -0.79 -18.60 -6.38
N PRO B 267 -0.43 -18.24 -7.61
CA PRO B 267 -1.45 -17.84 -8.59
C PRO B 267 -2.45 -18.95 -8.88
N ASN B 268 -3.67 -18.53 -9.21
CA ASN B 268 -4.69 -19.46 -9.69
C ASN B 268 -4.12 -20.32 -10.82
N ASP B 269 -4.55 -21.58 -10.88
CA ASP B 269 -4.00 -22.52 -11.83
C ASP B 269 -4.99 -22.91 -12.92
N GLY B 270 -6.20 -22.36 -12.92
CA GLY B 270 -7.16 -22.66 -13.98
C GLY B 270 -7.61 -24.10 -14.03
N LEU B 271 -7.50 -24.83 -12.92
CA LEU B 271 -7.90 -26.22 -12.85
C LEU B 271 -9.13 -26.37 -11.97
N CYS B 272 -9.86 -27.46 -12.18
CA CYS B 272 -11.00 -27.77 -11.33
C CYS B 272 -10.52 -28.21 -9.96
N HIS B 273 -11.19 -27.71 -8.91
CA HIS B 273 -10.84 -28.05 -7.53
C HIS B 273 -12.11 -28.14 -6.68
N LEU B 274 -13.05 -28.99 -7.11
CA LEU B 274 -14.26 -29.25 -6.35
C LEU B 274 -14.07 -30.52 -5.55
N ASP B 275 -14.21 -30.43 -4.23
CA ASP B 275 -13.93 -31.55 -3.35
C ASP B 275 -15.17 -32.44 -3.24
N SER B 276 -15.19 -33.33 -2.25
CA SER B 276 -16.29 -34.28 -2.10
C SER B 276 -17.60 -33.55 -1.82
N LYS B 277 -17.56 -32.44 -1.09
CA LYS B 277 -18.75 -31.63 -0.84
C LYS B 277 -19.11 -30.74 -2.01
N ASN B 278 -18.44 -30.89 -3.16
CA ASN B 278 -18.63 -29.98 -4.30
C ASN B 278 -18.37 -28.54 -3.89
N GLU B 279 -17.35 -28.33 -3.06
CA GLU B 279 -16.90 -27.01 -2.68
C GLU B 279 -15.51 -26.75 -3.25
N TYR B 280 -15.27 -25.51 -3.67
CA TYR B 280 -13.96 -25.12 -4.19
C TYR B 280 -12.94 -25.21 -3.08
N SER B 281 -12.03 -26.17 -3.19
CA SER B 281 -11.15 -26.51 -2.07
C SER B 281 -9.94 -25.59 -1.96
N MET B 282 -9.49 -25.01 -3.08
CA MET B 282 -8.33 -24.14 -3.08
C MET B 282 -8.69 -22.69 -2.74
N SER B 283 -9.91 -22.44 -2.25
CA SER B 283 -10.33 -21.08 -1.94
C SER B 283 -9.32 -20.36 -1.08
N THR B 284 -8.73 -21.06 -0.10
CA THR B 284 -7.79 -20.47 0.84
C THR B 284 -6.34 -20.70 0.43
N VAL B 285 -6.10 -21.16 -0.79
CA VAL B 285 -4.77 -21.59 -1.19
C VAL B 285 -4.27 -20.83 -2.41
N LEU B 286 -5.17 -20.49 -3.32
CA LEU B 286 -4.80 -19.88 -4.59
C LEU B 286 -5.38 -18.48 -4.70
N GLU B 287 -4.63 -17.61 -5.37
CA GLU B 287 -5.08 -16.25 -5.61
C GLU B 287 -6.39 -16.26 -6.38
N TYR B 288 -7.14 -15.16 -6.25
CA TYR B 288 -8.26 -14.95 -7.16
C TYR B 288 -7.74 -14.98 -8.59
N PRO B 289 -8.52 -15.49 -9.54
CA PRO B 289 -8.08 -15.41 -10.94
C PRO B 289 -8.00 -13.97 -11.41
N THR B 290 -7.10 -13.74 -12.36
CA THR B 290 -7.02 -12.46 -13.04
C THR B 290 -7.98 -12.44 -14.21
N ILE B 291 -8.22 -11.25 -14.76
CA ILE B 291 -9.07 -11.17 -15.95
C ILE B 291 -8.47 -11.99 -17.08
N GLY B 292 -7.15 -11.89 -17.28
CA GLY B 292 -6.51 -12.67 -18.31
C GLY B 292 -6.75 -14.15 -18.15
N GLN B 293 -6.73 -14.65 -16.91
CA GLN B 293 -6.94 -16.08 -16.68
C GLN B 293 -8.39 -16.48 -16.97
N LEU B 294 -9.36 -15.67 -16.52
CA LEU B 294 -10.76 -15.98 -16.79
C LEU B 294 -11.05 -16.00 -18.27
N ILE B 295 -10.46 -15.06 -19.02
CA ILE B 295 -10.64 -15.07 -20.48
C ILE B 295 -10.18 -16.39 -21.06
N ASP B 296 -8.95 -16.80 -20.72
CA ASP B 296 -8.39 -18.03 -21.26
C ASP B 296 -9.35 -19.19 -21.11
N LYS B 297 -9.90 -19.38 -19.91
CA LYS B 297 -10.69 -20.57 -19.62
C LYS B 297 -12.14 -20.43 -20.09
N LEU B 298 -12.66 -19.20 -20.15
CA LEU B 298 -14.02 -19.02 -20.67
C LEU B 298 -14.06 -19.31 -22.17
N VAL B 299 -13.03 -18.90 -22.91
CA VAL B 299 -12.98 -19.19 -24.34
C VAL B 299 -12.72 -20.67 -24.57
N GLN B 300 -11.75 -21.23 -23.83
CA GLN B 300 -11.41 -22.64 -24.00
C GLN B 300 -12.62 -23.53 -23.79
N ASN B 301 -13.44 -23.22 -22.78
CA ASN B 301 -14.63 -24.00 -22.47
C ASN B 301 -15.89 -23.50 -23.15
N ASN B 302 -15.78 -22.46 -23.98
CA ASN B 302 -16.91 -21.97 -24.77
C ASN B 302 -18.10 -21.60 -23.87
N VAL B 303 -17.80 -20.82 -22.83
CA VAL B 303 -18.80 -20.39 -21.85
C VAL B 303 -19.08 -18.91 -22.07
N LEU B 304 -20.35 -18.58 -22.24
CA LEU B 304 -20.78 -17.20 -22.39
C LEU B 304 -21.16 -16.64 -21.02
N LEU B 305 -20.49 -15.57 -20.61
CA LEU B 305 -20.69 -14.98 -19.30
C LEU B 305 -21.70 -13.85 -19.39
N ILE B 306 -22.59 -13.80 -18.39
CA ILE B 306 -23.67 -12.81 -18.33
C ILE B 306 -23.65 -12.21 -16.94
N PHE B 307 -23.22 -10.96 -16.84
CA PHE B 307 -23.16 -10.25 -15.56
C PHE B 307 -24.53 -9.65 -15.26
N ALA B 308 -25.26 -10.25 -14.33
CA ALA B 308 -26.53 -9.72 -13.84
C ALA B 308 -26.25 -9.01 -12.53
N VAL B 309 -26.04 -7.69 -12.58
CA VAL B 309 -25.60 -6.94 -11.42
C VAL B 309 -26.43 -5.67 -11.27
N THR B 310 -26.37 -5.10 -10.07
CA THR B 310 -27.18 -3.94 -9.74
C THR B 310 -26.61 -2.69 -10.40
N GLN B 311 -27.38 -1.60 -10.29
CA GLN B 311 -27.04 -0.37 -10.99
C GLN B 311 -25.66 0.15 -10.57
N GLU B 312 -25.36 0.09 -9.27
CA GLU B 312 -24.11 0.63 -8.78
C GLU B 312 -22.89 -0.07 -9.40
N GLN B 313 -23.07 -1.29 -9.91
CA GLN B 313 -21.95 -2.09 -10.38
C GLN B 313 -21.90 -2.22 -11.90
N VAL B 314 -22.88 -1.69 -12.62
CA VAL B 314 -22.99 -1.98 -14.05
C VAL B 314 -21.76 -1.46 -14.79
N HIS B 315 -21.44 -0.17 -14.62
CA HIS B 315 -20.33 0.42 -15.38
C HIS B 315 -19.04 -0.37 -15.17
N LEU B 316 -18.78 -0.80 -13.94
CA LEU B 316 -17.60 -1.61 -13.66
C LEU B 316 -17.62 -2.90 -14.49
N TYR B 317 -18.70 -3.67 -14.38
CA TYR B 317 -18.77 -4.95 -15.06
C TYR B 317 -18.92 -4.83 -16.56
N GLU B 318 -19.42 -3.69 -17.05
CA GLU B 318 -19.41 -3.46 -18.50
C GLU B 318 -17.99 -3.32 -19.01
N ASN B 319 -17.13 -2.61 -18.29
CA ASN B 319 -15.73 -2.52 -18.67
C ASN B 319 -15.06 -3.89 -18.66
N TYR B 320 -15.39 -4.72 -17.67
CA TYR B 320 -14.89 -6.10 -17.66
C TYR B 320 -15.40 -6.85 -18.89
N ALA B 321 -16.70 -6.72 -19.19
CA ALA B 321 -17.27 -7.45 -20.32
C ALA B 321 -16.69 -7.00 -21.65
N LYS B 322 -16.18 -5.77 -21.73
CA LYS B 322 -15.50 -5.34 -22.96
C LYS B 322 -14.32 -6.24 -23.27
N LEU B 323 -13.59 -6.67 -22.23
CA LEU B 323 -12.39 -7.48 -22.43
C LEU B 323 -12.72 -8.95 -22.70
N ILE B 324 -13.84 -9.43 -22.19
CA ILE B 324 -14.17 -10.86 -22.20
C ILE B 324 -14.97 -11.15 -23.46
N PRO B 325 -14.51 -12.05 -24.33
CA PRO B 325 -15.31 -12.36 -25.53
C PRO B 325 -16.67 -12.92 -25.17
N GLY B 326 -17.70 -12.35 -25.79
CA GLY B 326 -19.06 -12.84 -25.61
C GLY B 326 -19.74 -12.42 -24.33
N ALA B 327 -19.03 -11.75 -23.41
CA ALA B 327 -19.64 -11.33 -22.16
C ALA B 327 -20.61 -10.17 -22.39
N THR B 328 -21.69 -10.16 -21.63
CA THR B 328 -22.67 -9.08 -21.66
C THR B 328 -23.07 -8.74 -20.24
N VAL B 329 -23.86 -7.67 -20.09
CA VAL B 329 -24.25 -7.15 -18.79
C VAL B 329 -25.73 -6.82 -18.80
N GLY B 330 -26.40 -7.13 -17.69
CA GLY B 330 -27.79 -6.77 -17.51
C GLY B 330 -28.00 -6.12 -16.16
N LEU B 331 -28.91 -5.15 -16.12
CA LEU B 331 -29.16 -4.36 -14.92
C LEU B 331 -30.14 -5.08 -14.01
N LEU B 332 -29.67 -5.47 -12.83
CA LEU B 332 -30.43 -6.30 -11.90
C LEU B 332 -31.05 -5.44 -10.81
N GLN B 333 -32.32 -5.69 -10.52
CA GLN B 333 -32.96 -5.02 -9.40
C GLN B 333 -32.34 -5.46 -8.09
N LYS B 334 -32.55 -4.65 -7.05
CA LYS B 334 -31.95 -4.94 -5.75
C LYS B 334 -32.47 -6.25 -5.16
N ASP B 335 -33.62 -6.74 -5.64
CA ASP B 335 -34.21 -7.98 -5.14
C ASP B 335 -34.26 -9.06 -6.21
N SER B 336 -33.52 -8.91 -7.30
CA SER B 336 -33.52 -9.86 -8.42
C SER B 336 -34.89 -10.02 -9.05
N GLY B 337 -35.80 -9.07 -8.80
CA GLY B 337 -37.16 -9.21 -9.29
C GLY B 337 -37.28 -9.33 -10.79
N ASN B 338 -36.24 -8.93 -11.54
CA ASN B 338 -36.28 -8.91 -13.00
C ASN B 338 -35.25 -9.83 -13.62
N ILE B 339 -34.76 -10.82 -12.87
CA ILE B 339 -33.68 -11.65 -13.40
C ILE B 339 -34.17 -12.48 -14.59
N LEU B 340 -35.43 -12.91 -14.58
CA LEU B 340 -35.96 -13.69 -15.69
C LEU B 340 -35.89 -12.90 -16.99
N GLN B 341 -36.34 -11.63 -16.95
CA GLN B 341 -36.32 -10.81 -18.15
C GLN B 341 -34.90 -10.60 -18.64
N LEU B 342 -33.95 -10.36 -17.73
CA LEU B 342 -32.56 -10.20 -18.13
C LEU B 342 -32.08 -11.41 -18.91
N ILE B 343 -32.31 -12.61 -18.38
CA ILE B 343 -31.83 -13.83 -19.02
C ILE B 343 -32.41 -13.96 -20.43
N ILE B 344 -33.73 -13.83 -20.55
CA ILE B 344 -34.36 -13.97 -21.85
C ILE B 344 -33.80 -12.93 -22.83
N SER B 345 -33.70 -11.68 -22.39
CA SER B 345 -33.13 -10.65 -23.26
C SER B 345 -31.73 -11.03 -23.72
N ALA B 346 -30.90 -11.51 -22.79
CA ALA B 346 -29.54 -11.91 -23.16
C ALA B 346 -29.56 -13.05 -24.17
N TYR B 347 -30.37 -14.07 -23.90
CA TYR B 347 -30.47 -15.19 -24.85
C TYR B 347 -30.93 -14.71 -26.21
N GLU B 348 -31.92 -13.81 -26.24
CA GLU B 348 -32.43 -13.32 -27.52
C GLU B 348 -31.38 -12.49 -28.24
N GLU B 349 -30.67 -11.61 -27.53
CA GLU B 349 -29.58 -10.89 -28.15
C GLU B 349 -28.54 -11.86 -28.71
N LEU B 350 -28.24 -12.94 -27.98
CA LEU B 350 -27.27 -13.91 -28.46
C LEU B 350 -27.74 -14.58 -29.74
N ARG B 351 -28.99 -15.06 -29.77
CA ARG B 351 -29.50 -15.70 -30.98
C ARG B 351 -29.66 -14.72 -32.13
N SER B 352 -29.51 -13.41 -31.88
CA SER B 352 -29.66 -12.40 -32.91
C SER B 352 -28.33 -11.92 -33.48
N GLU B 353 -27.21 -12.54 -33.07
CA GLU B 353 -25.89 -12.13 -33.50
C GLU B 353 -25.11 -13.33 -34.00
N VAL B 354 -24.03 -13.05 -34.71
CA VAL B 354 -22.98 -14.01 -34.99
C VAL B 354 -21.66 -13.25 -34.94
N GLU B 355 -20.77 -13.64 -34.03
CA GLU B 355 -19.45 -13.06 -33.92
C GLU B 355 -18.44 -14.17 -34.13
N LEU B 356 -17.43 -13.90 -34.96
CA LEU B 356 -16.43 -14.92 -35.21
C LEU B 356 -15.34 -14.90 -34.14
N GLU B 357 -14.61 -16.00 -34.09
CA GLU B 357 -13.60 -16.25 -33.07
C GLU B 357 -12.53 -17.08 -33.75
N VAL B 358 -11.26 -16.74 -33.52
CA VAL B 358 -10.15 -17.44 -34.15
C VAL B 358 -9.19 -17.88 -33.06
N LEU B 359 -9.04 -19.18 -32.89
CA LEU B 359 -8.30 -19.77 -31.79
C LEU B 359 -7.18 -20.64 -32.34
N GLY B 360 -6.23 -20.99 -31.47
CA GLY B 360 -5.13 -21.85 -31.85
C GLY B 360 -3.80 -21.13 -31.93
N ASP B 361 -2.91 -21.61 -32.78
CA ASP B 361 -1.61 -20.98 -32.98
C ASP B 361 -1.79 -19.80 -33.93
N THR B 362 -2.25 -18.69 -33.37
CA THR B 362 -2.46 -17.47 -34.13
C THR B 362 -1.39 -16.42 -33.89
N GLU B 363 -0.55 -16.59 -32.88
CA GLU B 363 0.49 -15.60 -32.60
C GLU B 363 1.37 -15.39 -33.81
N GLY B 364 1.68 -14.12 -34.09
CA GLY B 364 2.51 -13.78 -35.22
C GLY B 364 1.79 -13.79 -36.56
N LEU B 365 0.48 -14.00 -36.57
CA LEU B 365 -0.29 -13.97 -37.80
C LEU B 365 -1.02 -12.64 -37.94
N ASN B 366 -1.27 -12.26 -39.18
CA ASN B 366 -2.07 -11.08 -39.49
C ASN B 366 -3.45 -11.52 -39.94
N LEU B 367 -4.48 -10.99 -39.30
CA LEU B 367 -5.85 -11.35 -39.59
C LEU B 367 -6.66 -10.10 -39.91
N SER B 368 -7.43 -10.16 -40.98
CA SER B 368 -8.37 -9.11 -41.35
C SER B 368 -9.75 -9.75 -41.50
N PHE B 369 -10.76 -9.09 -40.95
CA PHE B 369 -12.13 -9.61 -40.95
C PHE B 369 -13.04 -8.63 -41.66
N THR B 370 -13.85 -9.16 -42.57
CA THR B 370 -14.92 -8.41 -43.21
C THR B 370 -16.21 -9.22 -43.10
N ALA B 371 -17.25 -8.61 -42.56
CA ALA B 371 -18.53 -9.28 -42.33
C ALA B 371 -19.50 -8.92 -43.44
N ILE B 372 -20.22 -9.92 -43.93
CA ILE B 372 -21.18 -9.76 -45.02
C ILE B 372 -22.53 -10.19 -44.47
N CYS B 373 -23.30 -9.21 -43.98
CA CYS B 373 -24.61 -9.47 -43.41
C CYS B 373 -25.70 -9.18 -44.42
N ASN B 374 -26.94 -9.49 -44.04
CA ASN B 374 -28.12 -9.19 -44.84
C ASN B 374 -27.92 -9.65 -46.29
N ASN B 375 -27.64 -10.94 -46.43
CA ASN B 375 -27.30 -11.54 -47.73
C ASN B 375 -26.06 -10.80 -48.22
N GLY B 376 -26.01 -10.31 -49.45
CA GLY B 376 -24.84 -9.64 -49.99
C GLY B 376 -24.89 -8.13 -49.91
N THR B 377 -25.88 -7.54 -49.24
CA THR B 377 -26.11 -6.11 -49.34
C THR B 377 -25.15 -5.30 -48.48
N LEU B 378 -24.81 -5.79 -47.29
CA LEU B 378 -24.05 -5.02 -46.31
C LEU B 378 -22.65 -5.59 -46.15
N PHE B 379 -21.66 -4.71 -46.16
CA PHE B 379 -20.26 -5.06 -45.94
C PHE B 379 -19.72 -4.23 -44.79
N GLN B 380 -19.15 -4.89 -43.79
CA GLN B 380 -18.59 -4.22 -42.63
C GLN B 380 -17.29 -4.88 -42.22
N HIS B 381 -16.34 -4.07 -41.76
CA HIS B 381 -15.01 -4.56 -41.38
C HIS B 381 -14.97 -4.90 -39.90
N GLN B 382 -15.84 -5.82 -39.52
CA GLN B 382 -15.89 -6.40 -38.19
C GLN B 382 -15.85 -7.92 -38.35
N LYS B 383 -15.97 -8.61 -37.22
CA LYS B 383 -16.15 -10.06 -37.20
C LYS B 383 -17.50 -10.41 -36.60
N LYS B 384 -18.51 -9.58 -36.86
CA LYS B 384 -19.80 -9.73 -36.21
C LYS B 384 -20.91 -9.23 -37.14
N CYS B 385 -21.99 -10.01 -37.24
CA CYS B 385 -23.22 -9.61 -37.89
C CYS B 385 -24.33 -9.60 -36.86
N SER B 386 -25.04 -8.47 -36.74
CA SER B 386 -26.05 -8.29 -35.71
C SER B 386 -27.43 -8.13 -36.35
N HIS B 387 -28.44 -8.03 -35.49
CA HIS B 387 -29.82 -7.77 -35.90
C HIS B 387 -30.26 -8.73 -37.01
N MET B 388 -30.04 -10.02 -36.77
CA MET B 388 -30.40 -11.05 -37.73
C MET B 388 -31.42 -12.02 -37.13
N LYS B 389 -32.28 -12.55 -38.00
CA LYS B 389 -33.30 -13.51 -37.60
C LYS B 389 -32.72 -14.92 -37.66
N VAL B 390 -33.04 -15.73 -36.64
CA VAL B 390 -32.56 -17.10 -36.62
C VAL B 390 -32.92 -17.77 -37.93
N GLY B 391 -31.94 -18.46 -38.52
CA GLY B 391 -32.04 -18.97 -39.86
C GLY B 391 -31.30 -18.13 -40.88
N ASP B 392 -31.15 -16.83 -40.62
CA ASP B 392 -30.35 -15.97 -41.49
C ASP B 392 -28.90 -16.44 -41.49
N THR B 393 -28.20 -16.15 -42.58
CA THR B 393 -26.82 -16.55 -42.76
C THR B 393 -25.92 -15.32 -42.70
N ALA B 394 -24.83 -15.44 -41.95
CA ALA B 394 -23.79 -14.42 -41.88
C ALA B 394 -22.54 -14.96 -42.55
N SER B 395 -22.00 -14.22 -43.50
CA SER B 395 -20.79 -14.59 -44.21
C SER B 395 -19.63 -13.71 -43.76
N PHE B 396 -18.43 -14.27 -43.79
CA PHE B 396 -17.24 -13.55 -43.34
C PHE B 396 -16.11 -13.80 -44.33
N SER B 397 -15.30 -12.76 -44.54
CA SER B 397 -14.09 -12.84 -45.35
C SER B 397 -12.90 -12.69 -44.41
N VAL B 398 -12.19 -13.79 -44.16
CA VAL B 398 -11.05 -13.81 -43.25
C VAL B 398 -9.79 -13.92 -44.09
N THR B 399 -8.86 -13.00 -43.88
CA THR B 399 -7.57 -13.03 -44.54
C THR B 399 -6.49 -13.39 -43.53
N VAL B 400 -5.61 -14.31 -43.94
CA VAL B 400 -4.50 -14.77 -43.11
C VAL B 400 -3.22 -14.44 -43.85
N ASN B 401 -2.26 -13.87 -43.14
CA ASN B 401 -0.97 -13.54 -43.72
C ASN B 401 0.13 -14.01 -42.77
N ILE B 402 1.15 -14.67 -43.34
CA ILE B 402 2.30 -15.13 -42.58
C ILE B 402 3.47 -14.20 -42.90
N PRO B 403 3.96 -13.40 -41.93
CA PRO B 403 5.01 -12.43 -42.27
C PRO B 403 6.29 -13.06 -42.77
N HIS B 404 6.78 -14.10 -42.09
CA HIS B 404 8.05 -14.75 -42.41
C HIS B 404 7.81 -16.24 -42.61
N CYS B 405 8.74 -16.91 -43.27
CA CYS B 405 8.59 -18.34 -43.43
C CYS B 405 8.82 -19.06 -42.10
N GLU B 406 8.15 -20.18 -41.93
CA GLU B 406 8.20 -20.96 -40.70
C GLU B 406 8.39 -22.43 -41.04
N ARG B 407 8.87 -23.19 -40.06
CA ARG B 407 9.12 -24.61 -40.25
C ARG B 407 8.01 -25.51 -39.71
N ARG B 408 7.01 -24.96 -39.05
CA ARG B 408 5.94 -25.76 -38.46
C ARG B 408 4.57 -25.24 -38.87
N SER B 409 3.65 -26.18 -39.10
CA SER B 409 2.28 -25.85 -39.42
C SER B 409 1.55 -25.38 -38.17
N ARG B 410 0.47 -24.61 -38.39
CA ARG B 410 -0.36 -24.08 -37.32
C ARG B 410 -1.74 -24.69 -37.40
N HIS B 411 -2.24 -25.15 -36.26
CA HIS B 411 -3.61 -25.64 -36.15
C HIS B 411 -4.48 -24.50 -35.63
N ILE B 412 -5.44 -24.07 -36.43
CA ILE B 412 -6.28 -22.92 -36.11
C ILE B 412 -7.73 -23.35 -36.17
N ILE B 413 -8.55 -22.79 -35.28
CA ILE B 413 -9.98 -23.07 -35.22
C ILE B 413 -10.72 -21.75 -35.38
N ILE B 414 -11.69 -21.73 -36.29
CA ILE B 414 -12.58 -20.57 -36.49
C ILE B 414 -13.99 -21.03 -36.16
N LYS B 415 -14.66 -20.31 -35.26
CA LYS B 415 -15.99 -20.71 -34.84
C LYS B 415 -16.77 -19.49 -34.41
N PRO B 416 -18.10 -19.55 -34.43
CA PRO B 416 -18.89 -18.47 -33.86
C PRO B 416 -18.82 -18.51 -32.34
N VAL B 417 -18.83 -17.33 -31.73
CA VAL B 417 -18.77 -17.29 -30.27
C VAL B 417 -20.00 -18.00 -29.71
N GLY B 418 -19.78 -18.83 -28.70
CA GLY B 418 -20.87 -19.49 -28.02
C GLY B 418 -21.41 -20.74 -28.68
N LEU B 419 -20.84 -21.19 -29.80
CA LEU B 419 -21.36 -22.34 -30.53
C LEU B 419 -20.28 -23.40 -30.71
N GLY B 420 -20.69 -24.65 -30.58
CA GLY B 420 -19.74 -25.74 -30.66
C GLY B 420 -19.14 -25.92 -32.04
N ASP B 421 -19.96 -25.76 -33.08
CA ASP B 421 -19.49 -26.02 -34.44
C ASP B 421 -18.26 -25.17 -34.74
N ALA B 422 -17.25 -25.79 -35.33
CA ALA B 422 -15.99 -25.10 -35.59
C ALA B 422 -15.43 -25.51 -36.95
N LEU B 423 -14.61 -24.62 -37.49
CA LEU B 423 -13.88 -24.83 -38.74
C LEU B 423 -12.43 -25.10 -38.39
N GLU B 424 -11.92 -26.27 -38.76
CA GLU B 424 -10.54 -26.62 -38.50
C GLU B 424 -9.68 -26.11 -39.66
N LEU B 425 -8.69 -25.28 -39.35
CA LEU B 425 -7.83 -24.69 -40.35
C LEU B 425 -6.38 -25.02 -40.04
N LEU B 426 -5.66 -25.53 -41.03
CA LEU B 426 -4.24 -25.80 -40.93
C LEU B 426 -3.50 -24.85 -41.85
N VAL B 427 -2.57 -24.09 -41.30
CA VAL B 427 -1.73 -23.19 -42.08
C VAL B 427 -0.40 -23.88 -42.31
N SER B 428 -0.10 -24.16 -43.58
CA SER B 428 1.16 -24.78 -43.95
C SER B 428 1.98 -23.80 -44.77
N PRO B 429 3.25 -23.58 -44.43
CA PRO B 429 4.05 -22.64 -45.22
C PRO B 429 4.50 -23.27 -46.52
N GLU B 430 4.74 -22.40 -47.51
CA GLU B 430 5.25 -22.80 -48.81
C GLU B 430 6.30 -21.77 -49.22
N CYS B 431 7.51 -21.92 -48.66
CA CYS B 431 8.62 -21.04 -48.97
C CYS B 431 9.79 -21.84 -49.55
N ASN B 432 9.48 -22.92 -50.26
CA ASN B 432 10.47 -23.70 -51.00
C ASN B 432 10.09 -23.73 -52.48
N CYS B 433 11.08 -24.02 -53.31
CA CYS B 433 10.89 -24.15 -54.75
C CYS B 433 10.90 -25.62 -55.14
N ASP B 434 10.22 -25.94 -56.25
CA ASP B 434 10.23 -27.31 -56.75
C ASP B 434 11.64 -27.75 -57.13
N CYS B 435 12.44 -26.83 -57.70
CA CYS B 435 13.75 -27.18 -58.20
C CYS B 435 14.79 -27.36 -57.10
N GLN B 436 14.48 -26.98 -55.86
CA GLN B 436 15.45 -27.16 -54.78
C GLN B 436 15.73 -28.63 -54.51
N LYS B 437 14.73 -29.49 -54.70
CA LYS B 437 14.91 -30.91 -54.37
C LYS B 437 15.84 -31.61 -55.35
N GLU B 438 15.82 -31.21 -56.63
CA GLU B 438 16.66 -31.86 -57.64
C GLU B 438 18.05 -31.22 -57.59
N VAL B 439 18.86 -31.69 -56.65
CA VAL B 439 20.15 -31.08 -56.39
C VAL B 439 21.14 -31.36 -57.51
N GLU B 440 21.16 -32.59 -58.03
CA GLU B 440 22.14 -32.96 -59.05
C GLU B 440 23.56 -32.62 -58.61
N VAL B 441 23.96 -33.24 -57.49
CA VAL B 441 25.22 -32.89 -56.83
C VAL B 441 26.40 -33.27 -57.73
N ASN B 442 27.52 -32.56 -57.54
CA ASN B 442 28.76 -32.78 -58.30
C ASN B 442 28.50 -32.73 -59.80
N SER B 443 27.73 -31.73 -60.23
CA SER B 443 27.43 -31.53 -61.63
C SER B 443 28.67 -31.02 -62.38
N SER B 444 28.72 -31.33 -63.68
CA SER B 444 29.82 -30.84 -64.50
C SER B 444 29.81 -29.32 -64.56
N LYS B 445 28.60 -28.72 -64.59
CA LYS B 445 28.45 -27.29 -64.76
C LYS B 445 29.17 -26.48 -63.70
N CYS B 446 29.36 -27.01 -62.49
CA CYS B 446 30.05 -26.28 -61.43
C CYS B 446 31.52 -26.70 -61.37
N HIS B 447 32.21 -26.39 -62.47
CA HIS B 447 33.65 -26.63 -62.62
C HIS B 447 34.06 -28.03 -62.19
N HIS B 448 33.82 -29.01 -63.06
CA HIS B 448 34.34 -30.37 -62.87
C HIS B 448 33.96 -30.92 -61.50
N GLY B 449 32.68 -30.76 -61.14
CA GLY B 449 32.16 -31.34 -59.93
C GLY B 449 32.48 -30.59 -58.65
N ASN B 450 32.71 -29.28 -58.73
CA ASN B 450 33.07 -28.48 -57.57
C ASN B 450 31.85 -27.82 -56.90
N GLY B 451 30.66 -28.20 -57.29
CA GLY B 451 29.45 -27.68 -56.68
C GLY B 451 28.28 -28.51 -57.12
N SER B 452 27.09 -28.07 -56.72
CA SER B 452 25.85 -28.75 -57.07
C SER B 452 24.97 -27.81 -57.88
N PHE B 453 24.48 -28.29 -59.00
CA PHE B 453 23.55 -27.52 -59.82
C PHE B 453 22.16 -27.63 -59.22
N GLN B 454 21.66 -26.54 -58.66
CA GLN B 454 20.40 -26.60 -57.93
C GLN B 454 19.23 -26.07 -58.74
N CYS B 455 19.27 -24.81 -59.15
CA CYS B 455 18.17 -24.21 -59.90
C CYS B 455 18.70 -23.28 -60.98
N GLY B 456 19.74 -23.69 -61.70
CA GLY B 456 20.37 -22.81 -62.66
C GLY B 456 21.51 -22.00 -62.09
N VAL B 457 21.79 -22.13 -60.80
CA VAL B 457 22.90 -21.47 -60.13
C VAL B 457 23.66 -22.53 -59.36
N CYS B 458 24.96 -22.31 -59.18
CA CYS B 458 25.82 -23.31 -58.55
C CYS B 458 25.89 -23.07 -57.05
N ALA B 459 25.59 -24.11 -56.28
CA ALA B 459 25.84 -24.13 -54.83
C ALA B 459 27.23 -24.71 -54.64
N CYS B 460 28.22 -23.83 -54.43
CA CYS B 460 29.61 -24.28 -54.42
C CYS B 460 29.91 -25.10 -53.18
N HIS B 461 30.88 -26.00 -53.32
CA HIS B 461 31.38 -26.78 -52.21
C HIS B 461 32.29 -25.92 -51.34
N PRO B 462 32.52 -26.31 -50.10
CA PRO B 462 33.44 -25.54 -49.25
C PRO B 462 34.82 -25.45 -49.88
N GLY B 463 35.42 -24.27 -49.80
CA GLY B 463 36.74 -24.04 -50.36
C GLY B 463 36.77 -23.62 -51.81
N HIS B 464 35.61 -23.32 -52.41
CA HIS B 464 35.54 -22.91 -53.81
C HIS B 464 34.63 -21.70 -53.94
N MET B 465 34.99 -20.79 -54.85
CA MET B 465 34.28 -19.53 -55.03
C MET B 465 34.06 -19.28 -56.51
N GLY B 466 33.06 -18.45 -56.81
CA GLY B 466 32.75 -18.06 -58.17
C GLY B 466 31.36 -18.51 -58.59
N PRO B 467 30.84 -17.96 -59.70
CA PRO B 467 29.50 -18.38 -60.15
C PRO B 467 29.45 -19.87 -60.50
N ARG B 468 30.46 -20.38 -61.19
CA ARG B 468 30.55 -21.80 -61.52
C ARG B 468 31.53 -22.54 -60.62
N CYS B 469 31.98 -21.92 -59.53
CA CYS B 469 32.85 -22.56 -58.53
C CYS B 469 34.22 -22.88 -59.12
N GLU B 470 34.80 -21.88 -59.80
CA GLU B 470 35.99 -22.06 -60.61
C GLU B 470 37.25 -21.53 -59.93
N SER B 471 37.13 -20.93 -58.76
CA SER B 471 38.27 -20.47 -57.97
C SER B 471 38.34 -21.26 -56.67
N GLY B 472 39.55 -21.41 -56.15
CA GLY B 472 39.78 -22.23 -54.98
C GLY B 472 40.43 -21.44 -53.86
N HIS B 473 39.95 -21.67 -52.64
CA HIS B 473 40.48 -20.98 -51.46
C HIS B 473 40.33 -21.85 -50.22
N ASP C 1 -22.94 0.23 39.48
CA ASP C 1 -21.60 0.84 39.27
C ASP C 1 -20.63 0.42 40.37
N ILE C 2 -19.34 0.55 40.08
CA ILE C 2 -18.30 0.32 41.08
C ILE C 2 -18.15 1.57 41.92
N GLN C 3 -18.24 1.42 43.23
CA GLN C 3 -18.00 2.53 44.16
C GLN C 3 -16.53 2.50 44.58
N MET C 4 -15.88 3.65 44.51
CA MET C 4 -14.50 3.82 44.95
C MET C 4 -14.49 4.75 46.16
N THR C 5 -13.77 4.34 47.21
CA THR C 5 -13.77 5.07 48.47
C THR C 5 -12.34 5.21 48.98
N GLN C 6 -11.93 6.45 49.21
CA GLN C 6 -10.66 6.76 49.86
C GLN C 6 -10.99 7.15 51.29
N THR C 7 -10.81 6.20 52.21
CA THR C 7 -11.22 6.38 53.60
C THR C 7 -10.82 7.74 54.13
N THR C 8 -9.53 8.05 54.06
CA THR C 8 -9.01 9.33 54.55
C THR C 8 -9.16 10.38 53.47
N SER C 9 -9.97 11.39 53.74
CA SER C 9 -10.14 12.50 52.80
C SER C 9 -9.00 13.52 52.90
N SER C 10 -8.20 13.48 53.95
CA SER C 10 -7.07 14.40 54.09
C SER C 10 -6.08 13.86 55.09
N LEU C 11 -4.79 14.09 54.82
CA LEU C 11 -3.71 13.73 55.72
C LEU C 11 -2.64 14.82 55.63
N SER C 12 -1.77 14.85 56.63
CA SER C 12 -0.71 15.84 56.72
C SER C 12 0.65 15.14 56.79
N ALA C 13 1.64 15.72 56.13
CA ALA C 13 2.96 15.11 56.03
C ALA C 13 4.01 16.20 55.97
N SER C 14 5.22 15.85 56.39
CA SER C 14 6.38 16.73 56.32
C SER C 14 7.25 16.34 55.13
N LEU C 15 8.14 17.24 54.74
CA LEU C 15 9.04 16.99 53.62
C LEU C 15 9.89 15.76 53.91
N GLY C 16 10.10 14.93 52.88
CA GLY C 16 10.86 13.71 53.01
C GLY C 16 10.09 12.52 53.53
N ASP C 17 8.91 12.74 54.12
CA ASP C 17 8.13 11.64 54.66
C ASP C 17 7.66 10.70 53.56
N ARG C 18 7.21 9.52 53.98
CA ARG C 18 6.59 8.55 53.09
C ARG C 18 5.08 8.59 53.30
N VAL C 19 4.34 8.81 52.21
CA VAL C 19 2.89 8.94 52.25
C VAL C 19 2.28 7.76 51.52
N ILE C 20 1.25 7.16 52.13
CA ILE C 20 0.54 6.03 51.56
C ILE C 20 -0.95 6.36 51.56
N ILE C 21 -1.55 6.34 50.37
CA ILE C 21 -2.97 6.64 50.19
C ILE C 21 -3.69 5.36 49.84
N SER C 22 -4.84 5.12 50.48
CA SER C 22 -5.58 3.88 50.34
C SER C 22 -6.83 4.10 49.50
N CYS C 23 -7.16 3.10 48.69
CA CYS C 23 -8.32 3.13 47.82
C CYS C 23 -8.93 1.74 47.80
N ARG C 24 -10.25 1.67 47.92
CA ARG C 24 -10.98 0.40 47.95
C ARG C 24 -12.15 0.45 47.00
N ALA C 25 -12.33 -0.63 46.23
CA ALA C 25 -13.42 -0.76 45.28
C ALA C 25 -14.48 -1.71 45.82
N SER C 26 -15.72 -1.50 45.39
CA SER C 26 -16.84 -2.33 45.80
C SER C 26 -16.85 -3.70 45.11
N GLN C 27 -15.93 -3.93 44.16
CA GLN C 27 -15.85 -5.21 43.48
C GLN C 27 -14.41 -5.42 43.02
N ASP C 28 -14.11 -6.65 42.62
CA ASP C 28 -12.82 -6.94 42.00
C ASP C 28 -12.69 -6.16 40.71
N ILE C 29 -11.65 -5.32 40.61
CA ILE C 29 -11.42 -4.52 39.42
C ILE C 29 -10.18 -4.97 38.65
N SER C 30 -9.63 -6.14 39.00
CA SER C 30 -8.62 -6.80 38.17
C SER C 30 -7.47 -5.86 37.81
N ASN C 31 -7.03 -5.06 38.79
CA ASN C 31 -5.82 -4.25 38.70
C ASN C 31 -5.94 -3.08 37.73
N TYR C 32 -7.15 -2.72 37.30
CA TYR C 32 -7.34 -1.56 36.44
C TYR C 32 -7.74 -0.36 37.30
N LEU C 33 -6.78 0.07 38.10
CA LEU C 33 -6.94 1.23 38.98
C LEU C 33 -5.84 2.22 38.66
N SER C 34 -6.19 3.49 38.51
CA SER C 34 -5.24 4.52 38.16
C SER C 34 -5.28 5.63 39.20
N TRP C 35 -4.13 6.28 39.41
CA TRP C 35 -4.01 7.39 40.34
C TRP C 35 -3.73 8.68 39.59
N TYR C 36 -4.42 9.74 39.99
CA TYR C 36 -4.25 11.07 39.41
C TYR C 36 -3.94 12.07 40.51
N GLN C 37 -3.19 13.11 40.15
CA GLN C 37 -2.83 14.21 41.04
C GLN C 37 -3.48 15.49 40.53
N GLN C 38 -4.21 16.18 41.43
CA GLN C 38 -4.80 17.47 41.11
C GLN C 38 -4.20 18.52 42.05
N LYS C 39 -3.58 19.52 41.47
CA LYS C 39 -2.99 20.62 42.23
C LYS C 39 -4.02 21.72 42.42
N PRO C 40 -3.80 22.62 43.38
CA PRO C 40 -4.84 23.59 43.75
C PRO C 40 -5.38 24.39 42.57
N ASP C 41 -4.57 24.64 41.55
CA ASP C 41 -5.01 25.44 40.42
C ASP C 41 -5.97 24.69 39.50
N GLY C 42 -6.23 23.41 39.75
CA GLY C 42 -7.09 22.60 38.92
C GLY C 42 -6.34 21.62 38.04
N THR C 43 -5.04 21.83 37.83
CA THR C 43 -4.24 20.93 37.01
C THR C 43 -4.46 19.49 37.44
N VAL C 44 -4.50 18.59 36.46
CA VAL C 44 -4.67 17.15 36.70
C VAL C 44 -3.61 16.41 35.90
N LYS C 45 -2.88 15.53 36.57
CA LYS C 45 -1.86 14.70 35.94
C LYS C 45 -2.12 13.24 36.25
N LEU C 46 -1.90 12.38 35.27
CA LEU C 46 -1.89 10.94 35.52
C LEU C 46 -0.55 10.56 36.13
N LEU C 47 -0.59 9.81 37.24
CA LEU C 47 0.60 9.31 37.89
C LEU C 47 0.80 7.82 37.61
N ILE C 48 -0.19 7.00 37.97
CA ILE C 48 -0.09 5.56 37.94
C ILE C 48 -1.24 5.01 37.12
N PHE C 49 -0.97 3.97 36.33
CA PHE C 49 -2.01 3.23 35.64
C PHE C 49 -1.74 1.74 35.78
N TYR C 50 -2.80 0.96 35.61
CA TYR C 50 -2.76 -0.49 35.83
C TYR C 50 -2.09 -0.83 37.16
N THR C 51 -2.53 -0.14 38.20
CA THR C 51 -2.11 -0.41 39.58
C THR C 51 -0.70 0.06 39.88
N SER C 52 0.26 -0.20 38.97
CA SER C 52 1.66 0.00 39.34
C SER C 52 2.54 0.47 38.18
N LYS C 53 1.98 0.95 37.08
CA LYS C 53 2.76 1.38 35.93
C LYS C 53 2.91 2.90 35.95
N LEU C 54 4.15 3.37 35.98
CA LEU C 54 4.40 4.80 35.99
C LEU C 54 4.09 5.39 34.61
N HIS C 55 3.35 6.48 34.60
CA HIS C 55 3.13 7.20 33.35
C HIS C 55 4.37 7.98 32.96
N SER C 56 4.61 8.09 31.66
CA SER C 56 5.76 8.81 31.15
C SER C 56 5.85 10.19 31.79
N GLY C 57 6.98 10.47 32.43
CA GLY C 57 7.33 11.79 32.88
C GLY C 57 7.15 12.04 34.37
N VAL C 58 6.43 11.18 35.08
CA VAL C 58 6.21 11.40 36.51
C VAL C 58 7.36 10.75 37.28
N PRO C 59 7.76 11.30 38.42
CA PRO C 59 8.99 10.84 39.08
C PRO C 59 8.86 9.48 39.74
N SER C 60 10.02 8.90 40.03
CA SER C 60 10.11 7.56 40.61
C SER C 60 9.60 7.51 42.05
N ARG C 61 9.45 8.66 42.71
CA ARG C 61 8.90 8.67 44.06
C ARG C 61 7.57 7.96 44.10
N PHE C 62 6.72 8.22 43.11
CA PHE C 62 5.40 7.60 43.05
C PHE C 62 5.52 6.13 42.64
N SER C 63 4.72 5.29 43.30
CA SER C 63 4.66 3.87 43.03
C SER C 63 3.29 3.39 43.50
N GLY C 64 2.77 2.35 42.85
CA GLY C 64 1.42 1.88 43.08
C GLY C 64 1.40 0.42 43.49
N SER C 65 0.37 0.04 44.25
CA SER C 65 0.28 -1.30 44.80
C SER C 65 -1.18 -1.72 44.91
N GLY C 66 -1.40 -3.03 44.90
CA GLY C 66 -2.71 -3.58 45.17
C GLY C 66 -3.16 -4.70 44.25
N SER C 67 -4.36 -5.22 44.50
CA SER C 67 -4.99 -6.26 43.71
C SER C 67 -6.39 -6.47 44.26
N GLY C 68 -7.23 -7.13 43.47
CA GLY C 68 -8.60 -7.39 43.88
C GLY C 68 -9.40 -6.14 44.11
N THR C 69 -9.60 -5.76 45.38
CA THR C 69 -10.39 -4.60 45.74
C THR C 69 -9.61 -3.53 46.48
N ASP C 70 -8.43 -3.83 47.02
CA ASP C 70 -7.66 -2.90 47.83
C ASP C 70 -6.41 -2.47 47.08
N TYR C 71 -6.15 -1.18 47.06
CA TYR C 71 -5.03 -0.61 46.33
C TYR C 71 -4.47 0.58 47.11
N SER C 72 -3.24 0.96 46.77
CA SER C 72 -2.58 2.05 47.49
C SER C 72 -1.54 2.72 46.60
N LEU C 73 -1.51 4.04 46.65
CA LEU C 73 -0.47 4.84 46.03
C LEU C 73 0.53 5.23 47.12
N THR C 74 1.82 5.10 46.80
CA THR C 74 2.88 5.39 47.75
C THR C 74 3.76 6.52 47.22
N ILE C 75 3.95 7.54 48.03
CA ILE C 75 4.90 8.62 47.75
C ILE C 75 6.06 8.47 48.73
N SER C 76 7.27 8.32 48.20
CA SER C 76 8.47 8.27 49.00
C SER C 76 9.25 9.57 48.83
N ASN C 77 9.82 10.06 49.93
CA ASN C 77 10.56 11.32 49.94
C ASN C 77 9.72 12.44 49.33
N LEU C 78 8.64 12.77 50.04
CA LEU C 78 7.69 13.77 49.58
C LEU C 78 8.38 15.11 49.33
N ASP C 79 7.95 15.79 48.27
CA ASP C 79 8.51 17.05 47.81
C ASP C 79 7.55 18.19 48.11
N GLN C 80 8.06 19.43 48.00
CA GLN C 80 7.19 20.58 48.20
C GLN C 80 6.08 20.62 47.17
N GLU C 81 6.37 20.22 45.93
CA GLU C 81 5.38 20.25 44.87
C GLU C 81 4.35 19.13 44.99
N ASP C 82 4.61 18.13 45.85
CA ASP C 82 3.70 16.99 45.99
C ASP C 82 2.36 17.38 46.63
N ILE C 83 2.32 18.43 47.44
CA ILE C 83 1.07 18.84 48.09
C ILE C 83 -0.03 18.99 47.05
N ALA C 84 -1.01 18.10 47.08
CA ALA C 84 -2.05 18.07 46.06
C ALA C 84 -3.12 17.09 46.52
N THR C 85 -4.20 17.01 45.76
CA THR C 85 -5.24 16.01 46.01
C THR C 85 -5.01 14.82 45.08
N TYR C 86 -5.19 13.62 45.62
CA TYR C 86 -4.94 12.40 44.88
C TYR C 86 -6.23 11.57 44.81
N PHE C 87 -6.64 11.25 43.60
CA PHE C 87 -7.81 10.43 43.35
C PHE C 87 -7.41 9.08 42.78
N CYS C 88 -8.24 8.07 43.03
CA CYS C 88 -8.07 6.73 42.48
C CYS C 88 -9.26 6.43 41.56
N GLN C 89 -9.00 5.75 40.45
CA GLN C 89 -10.02 5.53 39.43
C GLN C 89 -9.93 4.13 38.87
N GLN C 90 -11.06 3.42 38.88
CA GLN C 90 -11.15 2.09 38.27
C GLN C 90 -11.50 2.22 36.80
N GLY C 91 -10.84 1.41 35.98
CA GLY C 91 -11.09 1.40 34.55
C GLY C 91 -11.45 0.02 34.05
N ASN C 92 -11.88 -0.85 34.96
CA ASN C 92 -12.22 -2.22 34.59
C ASN C 92 -13.59 -2.32 33.92
N THR C 93 -14.48 -1.38 34.20
CA THR C 93 -15.84 -1.45 33.70
C THR C 93 -16.44 -0.05 33.64
N PHE C 94 -17.31 0.17 32.65
CA PHE C 94 -18.01 1.44 32.54
C PHE C 94 -19.25 1.45 33.45
N PRO C 95 -19.60 2.61 34.01
CA PRO C 95 -18.88 3.87 33.87
C PRO C 95 -17.60 3.92 34.71
N TYR C 96 -16.59 4.63 34.23
CA TYR C 96 -15.42 4.88 35.05
C TYR C 96 -15.83 5.67 36.29
N THR C 97 -15.35 5.24 37.45
CA THR C 97 -15.71 5.86 38.71
C THR C 97 -14.45 6.20 39.48
N PHE C 98 -14.48 7.33 40.19
CA PHE C 98 -13.35 7.81 40.97
C PHE C 98 -13.64 7.65 42.46
N GLY C 99 -12.56 7.74 43.25
CA GLY C 99 -12.70 7.87 44.69
C GLY C 99 -12.91 9.31 45.10
N GLY C 100 -13.26 9.49 46.38
CA GLY C 100 -13.58 10.82 46.87
C GLY C 100 -12.41 11.78 46.84
N GLY C 101 -11.20 11.27 46.97
CA GLY C 101 -10.01 12.09 46.95
C GLY C 101 -9.33 12.16 48.31
N THR C 102 -8.01 12.23 48.28
CA THR C 102 -7.21 12.37 49.50
C THR C 102 -6.29 13.58 49.32
N LYS C 103 -6.38 14.52 50.26
CA LYS C 103 -5.66 15.79 50.18
C LYS C 103 -4.42 15.70 51.07
N VAL C 104 -3.26 15.94 50.47
CA VAL C 104 -1.98 15.87 51.18
C VAL C 104 -1.51 17.30 51.45
N GLU C 105 -1.43 17.66 52.72
CA GLU C 105 -1.04 19.00 53.14
C GLU C 105 0.24 18.93 53.96
N MET C 106 1.02 20.01 53.90
CA MET C 106 2.25 20.07 54.69
C MET C 106 1.95 20.12 56.18
N ARG C 107 2.93 19.71 56.98
CA ARG C 107 2.84 19.79 58.42
C ARG C 107 3.56 21.04 58.91
N ARG C 108 3.07 21.57 60.03
CA ARG C 108 3.57 22.82 60.56
C ARG C 108 3.40 22.83 62.07
N ALA C 109 4.22 23.62 62.75
CA ALA C 109 4.01 23.88 64.16
C ALA C 109 2.73 24.69 64.33
N ASP C 110 1.93 24.31 65.31
CA ASP C 110 0.66 25.00 65.54
C ASP C 110 0.90 26.50 65.68
N ALA C 111 -0.01 27.28 65.10
CA ALA C 111 0.07 28.73 65.15
C ALA C 111 -1.29 29.30 65.50
N ALA C 112 -1.28 30.52 66.01
CA ALA C 112 -2.53 31.16 66.42
C ALA C 112 -2.98 32.15 65.37
N PRO C 113 -4.27 32.20 65.06
CA PRO C 113 -4.74 33.15 64.05
C PRO C 113 -4.63 34.59 64.53
N THR C 114 -4.15 35.45 63.65
CA THR C 114 -4.26 36.88 63.84
C THR C 114 -5.67 37.30 63.44
N VAL C 115 -6.41 37.87 64.38
CA VAL C 115 -7.82 38.18 64.18
C VAL C 115 -8.01 39.69 64.14
N SER C 116 -8.85 40.14 63.21
CA SER C 116 -9.18 41.55 63.10
C SER C 116 -10.63 41.67 62.66
N ILE C 117 -11.37 42.59 63.28
CA ILE C 117 -12.77 42.83 62.97
C ILE C 117 -12.88 44.21 62.34
N PHE C 118 -13.78 44.34 61.37
CA PHE C 118 -13.96 45.59 60.65
C PHE C 118 -15.45 45.95 60.60
N PRO C 119 -15.82 47.17 60.99
CA PRO C 119 -17.21 47.58 60.89
C PRO C 119 -17.57 47.94 59.46
N PRO C 120 -18.85 48.10 59.16
CA PRO C 120 -19.25 48.40 57.78
C PRO C 120 -18.73 49.77 57.33
N SER C 121 -18.28 49.82 56.08
CA SER C 121 -17.78 51.07 55.53
C SER C 121 -18.91 52.10 55.45
N SER C 122 -18.53 53.38 55.50
CA SER C 122 -19.53 54.43 55.30
C SER C 122 -20.11 54.36 53.90
N GLU C 123 -19.30 53.98 52.91
CA GLU C 123 -19.82 53.80 51.56
C GLU C 123 -20.99 52.82 51.56
N GLN C 124 -20.86 51.71 52.30
CA GLN C 124 -21.89 50.68 52.28
C GLN C 124 -23.14 51.14 53.00
N LEU C 125 -22.99 51.85 54.12
CA LEU C 125 -24.16 52.24 54.91
C LEU C 125 -25.05 53.23 54.15
N THR C 126 -24.48 54.01 53.22
CA THR C 126 -25.32 54.86 52.38
C THR C 126 -26.08 54.03 51.36
N SER C 127 -25.54 52.86 50.98
CA SER C 127 -26.25 51.95 50.10
C SER C 127 -27.40 51.25 50.78
N GLY C 128 -27.53 51.39 52.09
CA GLY C 128 -28.35 50.48 52.87
C GLY C 128 -27.59 49.18 53.06
N GLY C 129 -27.79 48.52 54.19
CA GLY C 129 -27.06 47.29 54.46
C GLY C 129 -25.70 47.57 55.07
N ALA C 130 -25.22 46.61 55.87
CA ALA C 130 -24.00 46.80 56.65
C ALA C 130 -23.32 45.46 56.82
N SER C 131 -22.11 45.32 56.28
CA SER C 131 -21.33 44.10 56.41
C SER C 131 -20.25 44.28 57.47
N VAL C 132 -20.20 43.36 58.43
CA VAL C 132 -19.12 43.30 59.41
C VAL C 132 -18.21 42.15 59.00
N VAL C 133 -16.93 42.45 58.78
CA VAL C 133 -15.98 41.49 58.27
C VAL C 133 -14.95 41.18 59.34
N CYS C 134 -14.60 39.90 59.46
CA CYS C 134 -13.59 39.44 60.40
C CYS C 134 -12.59 38.57 59.67
N PHE C 135 -11.30 38.84 59.89
CA PHE C 135 -10.22 38.12 59.22
C PHE C 135 -9.43 37.32 60.24
N LEU C 136 -9.35 36.01 60.05
CA LEU C 136 -8.46 35.13 60.80
C LEU C 136 -7.36 34.67 59.84
N ASN C 137 -6.11 35.04 60.13
CA ASN C 137 -5.03 34.81 59.18
C ASN C 137 -3.88 34.04 59.79
N ASN C 138 -3.24 33.22 58.94
CA ASN C 138 -2.03 32.47 59.27
C ASN C 138 -2.20 31.66 60.55
N PHE C 139 -2.93 30.55 60.44
CA PHE C 139 -3.12 29.62 61.54
C PHE C 139 -3.01 28.19 61.01
N TYR C 140 -2.44 27.31 61.82
CA TYR C 140 -2.34 25.89 61.54
C TYR C 140 -2.92 25.13 62.72
N PRO C 141 -3.73 24.08 62.49
CA PRO C 141 -4.27 23.47 61.26
C PRO C 141 -5.53 24.13 60.70
N LYS C 142 -6.10 23.51 59.65
CA LYS C 142 -7.20 24.11 58.92
C LYS C 142 -8.50 24.12 59.73
N ASP C 143 -8.68 23.17 60.64
CA ASP C 143 -9.93 23.09 61.40
C ASP C 143 -10.13 24.38 62.20
N ILE C 144 -11.29 25.00 62.01
CA ILE C 144 -11.59 26.26 62.69
C ILE C 144 -13.09 26.44 62.74
N ASN C 145 -13.57 27.20 63.72
CA ASN C 145 -14.98 27.55 63.83
C ASN C 145 -15.10 28.99 64.29
N VAL C 146 -16.09 29.69 63.74
CA VAL C 146 -16.35 31.09 64.03
C VAL C 146 -17.81 31.24 64.41
N LYS C 147 -18.07 32.14 65.36
CA LYS C 147 -19.42 32.45 65.83
C LYS C 147 -19.56 33.95 65.94
N TRP C 148 -20.69 34.47 65.50
CA TRP C 148 -20.95 35.91 65.51
C TRP C 148 -21.86 36.23 66.69
N LYS C 149 -21.40 37.13 67.56
CA LYS C 149 -22.13 37.55 68.75
C LYS C 149 -22.36 39.04 68.67
N ILE C 150 -23.62 39.45 68.75
CA ILE C 150 -23.98 40.87 68.66
C ILE C 150 -24.16 41.38 70.09
N ASP C 151 -25.37 41.74 70.51
CA ASP C 151 -25.57 42.14 71.91
C ASP C 151 -25.91 40.90 72.75
N GLY C 152 -24.92 40.03 72.89
CA GLY C 152 -25.11 38.82 73.66
C GLY C 152 -25.97 37.78 72.97
N SER C 153 -26.11 37.88 71.65
CA SER C 153 -26.93 36.96 70.87
C SER C 153 -26.16 36.47 69.66
N GLU C 154 -26.52 35.27 69.21
CA GLU C 154 -25.94 34.67 68.01
C GLU C 154 -26.98 34.68 66.90
N ARG C 155 -26.59 35.17 65.72
CA ARG C 155 -27.49 35.21 64.58
C ARG C 155 -27.34 33.98 63.67
N GLN C 156 -26.13 33.72 63.20
CA GLN C 156 -25.85 32.57 62.34
C GLN C 156 -26.78 32.51 61.14
N ASN C 157 -27.16 33.67 60.60
CA ASN C 157 -28.07 33.70 59.46
C ASN C 157 -27.48 34.40 58.25
N GLY C 158 -26.98 35.62 58.41
CA GLY C 158 -26.39 36.35 57.31
C GLY C 158 -24.89 36.15 57.14
N VAL C 159 -24.29 35.24 57.92
CA VAL C 159 -22.85 35.04 57.88
C VAL C 159 -22.46 34.33 56.60
N LEU C 160 -21.30 34.71 56.06
CA LEU C 160 -20.69 34.03 54.93
C LEU C 160 -19.19 33.92 55.16
N ASN C 161 -18.62 32.78 54.78
CA ASN C 161 -17.24 32.45 55.09
C ASN C 161 -16.49 31.99 53.86
N SER C 162 -15.19 32.23 53.85
CA SER C 162 -14.31 31.83 52.76
C SER C 162 -12.98 31.37 53.35
N TRP C 163 -12.38 30.35 52.73
CA TRP C 163 -11.13 29.77 53.17
C TRP C 163 -10.09 29.88 52.08
N THR C 164 -8.87 30.25 52.45
CA THR C 164 -7.77 30.28 51.50
C THR C 164 -7.11 28.91 51.42
N ASP C 165 -6.43 28.68 50.31
CA ASP C 165 -5.60 27.50 50.19
C ASP C 165 -4.39 27.61 51.12
N GLN C 166 -3.76 26.46 51.37
CA GLN C 166 -2.55 26.43 52.16
C GLN C 166 -1.44 27.24 51.47
N ASP C 167 -0.88 28.21 52.19
CA ASP C 167 0.13 29.07 51.59
C ASP C 167 1.40 28.27 51.31
N SER C 168 2.10 28.64 50.23
CA SER C 168 3.30 27.92 49.82
C SER C 168 4.48 28.21 50.73
N LYS C 169 4.71 29.48 51.08
CA LYS C 169 5.90 29.86 51.83
C LYS C 169 5.84 29.30 53.25
N ASP C 170 4.71 29.48 53.92
CA ASP C 170 4.44 28.99 55.25
C ASP C 170 3.13 28.21 55.19
N SER C 171 3.09 27.03 55.82
CA SER C 171 1.98 26.12 55.53
C SER C 171 0.64 26.54 56.14
N THR C 172 0.55 27.64 56.90
CA THR C 172 -0.70 28.06 57.52
C THR C 172 -1.77 28.39 56.48
N TYR C 173 -3.02 28.48 56.95
CA TYR C 173 -4.23 28.80 56.18
C TYR C 173 -4.83 30.12 56.69
N SER C 174 -5.92 30.56 56.06
CA SER C 174 -6.60 31.78 56.46
C SER C 174 -8.11 31.66 56.24
N PHE C 175 -8.85 32.50 56.95
CA PHE C 175 -10.31 32.43 57.05
C PHE C 175 -10.87 33.84 57.02
N SER C 176 -11.90 34.06 56.20
CA SER C 176 -12.59 35.34 56.13
C SER C 176 -14.06 35.14 56.45
N SER C 177 -14.60 35.95 57.35
CA SER C 177 -16.00 35.85 57.77
C SER C 177 -16.67 37.21 57.64
N THR C 178 -17.83 37.22 56.99
CA THR C 178 -18.60 38.44 56.77
C THR C 178 -20.04 38.21 57.20
N LEU C 179 -20.53 39.07 58.09
CA LEU C 179 -21.93 39.08 58.50
C LEU C 179 -22.60 40.30 57.86
N THR C 180 -23.70 40.07 57.15
CA THR C 180 -24.40 41.13 56.44
C THR C 180 -25.79 41.31 57.04
N LEU C 181 -26.13 42.56 57.35
CA LEU C 181 -27.42 42.92 57.89
C LEU C 181 -27.95 44.15 57.19
N THR C 182 -29.24 44.43 57.40
CA THR C 182 -29.83 45.66 56.90
C THR C 182 -29.34 46.83 57.73
N LYS C 183 -29.40 48.03 57.14
CA LYS C 183 -28.96 49.22 57.87
C LYS C 183 -29.80 49.42 59.12
N ASP C 184 -31.13 49.36 58.97
CA ASP C 184 -32.01 49.52 60.13
C ASP C 184 -31.66 48.51 61.22
N GLU C 185 -31.46 47.24 60.83
CA GLU C 185 -31.07 46.24 61.81
C GLU C 185 -29.71 46.56 62.41
N TYR C 186 -28.75 46.94 61.58
CA TYR C 186 -27.44 47.33 62.08
C TYR C 186 -27.56 48.49 63.07
N GLU C 187 -28.42 49.46 62.77
CA GLU C 187 -28.56 50.63 63.62
C GLU C 187 -29.23 50.32 64.95
N ARG C 188 -29.93 49.18 65.07
CA ARG C 188 -30.65 48.88 66.29
C ARG C 188 -29.72 48.40 67.41
N HIS C 189 -28.62 47.74 67.06
CA HIS C 189 -27.74 47.11 68.04
C HIS C 189 -26.43 47.89 68.15
N ASN C 190 -25.71 47.64 69.25
CA ASN C 190 -24.54 48.43 69.60
C ASN C 190 -23.23 47.67 69.52
N SER C 191 -23.16 46.47 70.10
CA SER C 191 -21.92 45.71 70.15
C SER C 191 -21.89 44.67 69.03
N TYR C 192 -20.69 44.42 68.52
CA TYR C 192 -20.47 43.45 67.45
C TYR C 192 -19.17 42.72 67.70
N THR C 193 -19.21 41.39 67.66
CA THR C 193 -18.11 40.57 68.14
C THR C 193 -17.84 39.42 67.18
N CYS C 194 -16.59 38.98 67.17
CA CYS C 194 -16.12 37.91 66.28
C CYS C 194 -15.34 36.90 67.12
N GLU C 195 -15.93 35.74 67.36
CA GLU C 195 -15.37 34.73 68.27
C GLU C 195 -14.80 33.57 67.48
N ALA C 196 -13.50 33.33 67.64
CA ALA C 196 -12.80 32.25 66.96
C ALA C 196 -12.45 31.15 67.95
N THR C 197 -12.68 29.91 67.55
CA THR C 197 -12.30 28.74 68.33
C THR C 197 -11.31 27.91 67.52
N HIS C 198 -10.10 27.77 68.03
CA HIS C 198 -9.03 27.04 67.36
C HIS C 198 -8.44 26.02 68.32
N LYS C 199 -7.80 25.00 67.76
CA LYS C 199 -7.23 23.94 68.58
C LYS C 199 -6.10 24.46 69.46
N THR C 200 -5.42 25.53 69.04
CA THR C 200 -4.21 25.95 69.72
C THR C 200 -4.49 26.47 71.13
N SER C 201 -5.65 27.08 71.36
CA SER C 201 -6.02 27.59 72.68
C SER C 201 -7.44 27.17 73.03
N THR C 202 -7.64 26.80 74.30
CA THR C 202 -8.97 26.41 74.76
C THR C 202 -9.90 27.60 74.97
N SER C 203 -9.34 28.81 75.10
CA SER C 203 -10.13 30.01 75.31
C SER C 203 -10.36 30.70 73.98
N PRO C 204 -11.59 30.73 73.46
CA PRO C 204 -11.81 31.33 72.13
C PRO C 204 -11.23 32.74 72.03
N ILE C 205 -10.50 33.00 70.95
CA ILE C 205 -10.04 34.35 70.68
C ILE C 205 -11.23 35.19 70.22
N VAL C 206 -11.34 36.39 70.76
CA VAL C 206 -12.49 37.26 70.54
C VAL C 206 -11.99 38.62 70.09
N LYS C 207 -12.71 39.24 69.16
CA LYS C 207 -12.43 40.58 68.70
C LYS C 207 -13.76 41.26 68.43
N SER C 208 -13.97 42.43 69.03
CA SER C 208 -15.26 43.10 68.95
C SER C 208 -15.10 44.60 68.94
N PHE C 209 -16.20 45.29 68.71
CA PHE C 209 -16.26 46.75 68.73
C PHE C 209 -17.67 47.15 69.12
N ASN C 210 -17.85 48.45 69.37
CA ASN C 210 -19.15 49.01 69.70
C ASN C 210 -19.47 50.14 68.72
N ARG C 211 -20.65 50.05 68.09
CA ARG C 211 -20.99 50.98 67.02
C ARG C 211 -21.03 52.42 67.52
N ASN C 212 -21.70 52.66 68.65
CA ASN C 212 -21.81 54.02 69.16
C ASN C 212 -20.44 54.59 69.52
N GLU C 213 -19.57 53.76 70.09
CA GLU C 213 -18.31 54.23 70.64
C GLU C 213 -17.26 54.41 69.54
N CYS C 214 -16.15 55.03 69.93
CA CYS C 214 -15.01 55.24 69.03
C CYS C 214 -13.75 55.54 69.83
N GLN D 1 4.84 15.92 24.46
CA GLN D 1 4.37 17.31 24.11
C GLN D 1 2.90 17.28 23.73
N VAL D 2 2.14 16.49 24.47
CA VAL D 2 0.69 16.40 24.27
C VAL D 2 0.02 17.53 25.03
N GLN D 3 -0.90 18.23 24.37
CA GLN D 3 -1.59 19.34 24.98
C GLN D 3 -3.06 19.33 24.57
N LEU D 4 -3.95 19.48 25.54
CA LEU D 4 -5.38 19.62 25.30
C LEU D 4 -5.79 21.01 25.79
N GLN D 5 -6.14 21.89 24.85
CA GLN D 5 -6.54 23.26 25.16
C GLN D 5 -8.06 23.36 25.11
N GLN D 6 -8.67 23.65 26.26
CA GLN D 6 -10.12 23.75 26.36
C GLN D 6 -10.57 25.21 26.25
N SER D 7 -11.81 25.38 25.82
CA SER D 7 -12.35 26.72 25.63
C SER D 7 -12.55 27.40 26.98
N GLY D 8 -12.97 28.67 26.93
CA GLY D 8 -13.11 29.48 28.12
C GLY D 8 -14.41 29.21 28.87
N ALA D 9 -14.52 29.90 30.01
CA ALA D 9 -15.68 29.72 30.88
C ALA D 9 -16.97 30.04 30.13
N GLU D 10 -18.00 29.24 30.39
CA GLU D 10 -19.32 29.42 29.81
C GLU D 10 -20.28 29.91 30.89
N LEU D 11 -21.15 30.85 30.53
CA LEU D 11 -22.25 31.29 31.36
C LEU D 11 -23.56 31.05 30.63
N ALA D 12 -24.58 30.60 31.34
CA ALA D 12 -25.85 30.30 30.69
C ALA D 12 -26.98 30.39 31.71
N GLU D 13 -28.16 30.74 31.21
CA GLU D 13 -29.36 30.78 32.02
C GLU D 13 -29.95 29.37 32.16
N PRO D 14 -30.73 29.13 33.21
CA PRO D 14 -31.33 27.80 33.38
C PRO D 14 -32.18 27.42 32.18
N GLY D 15 -32.15 26.13 31.83
CA GLY D 15 -32.86 25.61 30.69
C GLY D 15 -32.13 25.76 29.37
N ALA D 16 -31.11 26.60 29.30
CA ALA D 16 -30.36 26.82 28.06
C ALA D 16 -29.35 25.71 27.84
N SER D 17 -28.39 25.94 26.93
CA SER D 17 -27.34 24.98 26.66
C SER D 17 -26.03 25.72 26.43
N VAL D 18 -24.93 24.97 26.54
CA VAL D 18 -23.60 25.50 26.24
C VAL D 18 -22.84 24.43 25.45
N LYS D 19 -21.84 24.89 24.70
CA LYS D 19 -20.98 24.00 23.92
C LYS D 19 -19.55 24.43 24.14
N MET D 20 -18.73 23.51 24.65
CA MET D 20 -17.33 23.77 24.97
C MET D 20 -16.45 22.90 24.08
N SER D 21 -15.22 23.36 23.85
CA SER D 21 -14.31 22.69 22.95
C SER D 21 -13.08 22.20 23.71
N CYS D 22 -12.22 21.50 22.97
CA CYS D 22 -11.04 20.84 23.52
C CYS D 22 -10.14 20.44 22.36
N LYS D 23 -9.13 21.26 22.06
CA LYS D 23 -8.28 21.04 20.89
C LYS D 23 -7.04 20.27 21.30
N ALA D 24 -6.72 19.23 20.55
CA ALA D 24 -5.61 18.35 20.85
C ALA D 24 -4.42 18.66 19.94
N SER D 25 -3.22 18.49 20.50
CA SER D 25 -1.98 18.62 19.76
C SER D 25 -0.95 17.68 20.39
N GLY D 26 0.07 17.35 19.61
CA GLY D 26 1.12 16.47 20.08
C GLY D 26 0.88 15.00 19.85
N TYR D 27 -0.28 14.63 19.30
CA TYR D 27 -0.55 13.23 18.96
C TYR D 27 -1.64 13.22 17.89
N THR D 28 -1.84 12.05 17.30
CA THR D 28 -2.84 11.87 16.25
C THR D 28 -4.21 11.80 16.92
N PHE D 29 -4.95 12.90 16.82
CA PHE D 29 -6.23 13.04 17.52
C PHE D 29 -7.19 11.92 17.17
N SER D 30 -7.24 11.53 15.89
CA SER D 30 -8.26 10.58 15.44
C SER D 30 -8.06 9.18 16.00
N SER D 31 -6.86 8.84 16.46
CA SER D 31 -6.54 7.47 16.83
C SER D 31 -6.77 7.18 18.32
N PHE D 32 -7.25 8.16 19.09
CA PHE D 32 -7.42 7.96 20.53
C PHE D 32 -8.75 8.53 20.98
N TRP D 33 -9.44 7.77 21.83
CA TRP D 33 -10.68 8.24 22.41
C TRP D 33 -10.44 9.49 23.26
N MET D 34 -11.49 10.29 23.39
CA MET D 34 -11.48 11.47 24.26
C MET D 34 -12.55 11.28 25.32
N HIS D 35 -12.15 11.36 26.58
CA HIS D 35 -13.06 11.26 27.71
C HIS D 35 -13.40 12.64 28.23
N TRP D 36 -14.56 12.73 28.90
CA TRP D 36 -15.00 13.96 29.55
C TRP D 36 -15.32 13.67 31.00
N VAL D 37 -14.98 14.61 31.88
CA VAL D 37 -15.14 14.44 33.31
C VAL D 37 -15.75 15.70 33.91
N LYS D 38 -16.58 15.51 34.93
CA LYS D 38 -17.28 16.59 35.60
C LYS D 38 -16.80 16.69 37.04
N GLN D 39 -16.56 17.93 37.50
CA GLN D 39 -16.13 18.18 38.86
C GLN D 39 -16.88 19.40 39.38
N ARG D 40 -17.83 19.18 40.29
CA ARG D 40 -18.53 20.29 40.90
C ARG D 40 -17.60 21.01 41.89
N PRO D 41 -17.81 22.30 42.10
CA PRO D 41 -16.94 23.03 43.05
C PRO D 41 -16.82 22.31 44.38
N GLY D 42 -15.59 22.11 44.82
CA GLY D 42 -15.32 21.46 46.08
C GLY D 42 -15.68 19.99 46.14
N GLN D 43 -16.08 19.39 45.03
CA GLN D 43 -16.52 18.01 44.99
C GLN D 43 -15.48 17.14 44.27
N GLY D 44 -15.83 15.88 44.06
CA GLY D 44 -14.96 14.92 43.42
C GLY D 44 -15.14 14.88 41.92
N LEU D 45 -14.71 13.78 41.32
CA LEU D 45 -14.69 13.62 39.88
C LEU D 45 -15.77 12.65 39.43
N GLU D 46 -16.46 13.02 38.35
CA GLU D 46 -17.57 12.27 37.81
C GLU D 46 -17.32 12.06 36.32
N TRP D 47 -17.43 10.82 35.86
CA TRP D 47 -17.11 10.47 34.49
C TRP D 47 -18.37 10.53 33.62
N ILE D 48 -18.29 11.29 32.53
CA ILE D 48 -19.43 11.52 31.67
C ILE D 48 -19.51 10.48 30.56
N GLY D 49 -18.41 10.29 29.85
CA GLY D 49 -18.39 9.37 28.72
C GLY D 49 -17.18 9.63 27.86
N TYR D 50 -17.12 8.89 26.75
CA TYR D 50 -16.04 9.03 25.80
C TYR D 50 -16.60 9.04 24.38
N ILE D 51 -15.77 9.49 23.45
CA ILE D 51 -16.11 9.51 22.03
C ILE D 51 -14.92 8.99 21.23
N ASN D 52 -15.22 8.14 20.25
CA ASN D 52 -14.22 7.75 19.26
C ASN D 52 -14.17 8.84 18.20
N PRO D 53 -13.13 9.68 18.19
CA PRO D 53 -13.19 10.87 17.32
C PRO D 53 -13.40 10.55 15.86
N ASN D 54 -12.75 9.51 15.35
CA ASN D 54 -12.82 9.21 13.92
C ASN D 54 -14.17 8.65 13.50
N SER D 55 -14.92 8.06 14.42
CA SER D 55 -16.19 7.41 14.08
C SER D 55 -17.40 8.08 14.71
N GLY D 56 -17.22 8.98 15.66
CA GLY D 56 -18.34 9.60 16.34
C GLY D 56 -19.07 8.73 17.33
N TYR D 57 -18.73 7.44 17.41
CA TYR D 57 -19.35 6.58 18.41
C TYR D 57 -19.06 7.11 19.81
N THR D 58 -20.07 7.04 20.68
CA THR D 58 -19.94 7.51 22.05
C THR D 58 -20.56 6.51 23.01
N GLU D 59 -20.09 6.56 24.26
CA GLU D 59 -20.72 5.90 25.39
C GLU D 59 -20.78 6.90 26.53
N CYS D 60 -21.90 6.89 27.27
CA CYS D 60 -22.10 7.82 28.36
C CYS D 60 -22.44 7.06 29.64
N ASN D 61 -22.07 7.65 30.76
CA ASN D 61 -22.65 7.26 32.03
C ASN D 61 -24.17 7.42 31.93
N GLU D 62 -24.91 6.48 32.51
CA GLU D 62 -26.36 6.56 32.47
C GLU D 62 -26.84 7.93 32.93
N ILE D 63 -26.15 8.55 33.88
CA ILE D 63 -26.54 9.84 34.41
C ILE D 63 -26.70 10.86 33.29
N PHE D 64 -25.64 11.04 32.49
CA PHE D 64 -25.58 12.12 31.52
C PHE D 64 -26.10 11.72 30.14
N ARG D 65 -26.85 10.63 30.04
CA ARG D 65 -27.27 10.14 28.72
C ARG D 65 -28.06 11.21 27.97
N ASP D 66 -29.00 11.86 28.65
CA ASP D 66 -29.79 12.93 28.05
C ASP D 66 -29.21 14.31 28.28
N LYS D 67 -28.21 14.44 29.17
CA LYS D 67 -27.64 15.75 29.46
C LYS D 67 -26.62 16.16 28.40
N ALA D 68 -25.65 15.29 28.12
CA ALA D 68 -24.50 15.63 27.31
C ALA D 68 -24.54 14.94 25.95
N THR D 69 -23.92 15.59 24.97
CA THR D 69 -23.73 15.01 23.64
C THR D 69 -22.33 15.37 23.18
N MET D 70 -21.54 14.38 22.82
CA MET D 70 -20.14 14.59 22.45
C MET D 70 -19.98 14.46 20.94
N THR D 71 -19.15 15.34 20.38
CA THR D 71 -18.86 15.35 18.96
C THR D 71 -17.38 15.62 18.77
N ALA D 72 -16.91 15.52 17.53
CA ALA D 72 -15.49 15.72 17.26
C ALA D 72 -15.30 16.12 15.81
N ASP D 73 -14.40 17.07 15.59
CA ASP D 73 -14.02 17.57 14.27
C ASP D 73 -12.58 17.11 14.01
N THR D 74 -12.43 16.06 13.19
CA THR D 74 -11.12 15.47 12.97
C THR D 74 -10.18 16.43 12.25
N SER D 75 -10.72 17.29 11.37
CA SER D 75 -9.86 18.16 10.58
C SER D 75 -9.14 19.19 11.44
N SER D 76 -9.71 19.57 12.57
CA SER D 76 -9.11 20.55 13.47
C SER D 76 -8.58 19.92 14.75
N SER D 77 -8.69 18.60 14.91
CA SER D 77 -8.25 17.92 16.13
C SER D 77 -8.94 18.52 17.35
N THR D 78 -10.25 18.67 17.27
CA THR D 78 -11.03 19.28 18.34
C THR D 78 -12.20 18.38 18.72
N ALA D 79 -12.41 18.21 20.02
CA ALA D 79 -13.57 17.52 20.55
C ALA D 79 -14.51 18.55 21.18
N TYR D 80 -15.81 18.32 21.04
CA TYR D 80 -16.83 19.22 21.56
C TYR D 80 -17.75 18.44 22.49
N MET D 81 -18.22 19.11 23.54
CA MET D 81 -19.33 18.60 24.34
C MET D 81 -20.36 19.69 24.52
N GLN D 82 -21.63 19.29 24.49
CA GLN D 82 -22.75 20.21 24.63
C GLN D 82 -23.62 19.75 25.80
N LEU D 83 -23.83 20.65 26.75
CA LEU D 83 -24.72 20.40 27.88
C LEU D 83 -26.05 21.08 27.62
N SER D 84 -27.14 20.31 27.72
CA SER D 84 -28.46 20.79 27.36
C SER D 84 -29.41 20.62 28.54
N GLY D 85 -30.42 21.51 28.60
CA GLY D 85 -31.36 21.52 29.69
C GLY D 85 -30.68 21.88 30.99
N LEU D 86 -29.93 22.99 30.98
CA LEU D 86 -29.04 23.31 32.07
C LEU D 86 -29.79 23.60 33.36
N THR D 87 -29.12 23.33 34.47
CA THR D 87 -29.64 23.62 35.81
C THR D 87 -28.49 24.16 36.65
N SER D 88 -28.74 24.35 37.95
CA SER D 88 -27.68 24.75 38.86
C SER D 88 -26.77 23.58 39.22
N GLU D 89 -27.24 22.35 39.07
CA GLU D 89 -26.40 21.18 39.32
C GLU D 89 -25.41 20.93 38.19
N ASP D 90 -25.62 21.53 37.02
CA ASP D 90 -24.65 21.44 35.93
C ASP D 90 -23.52 22.45 36.07
N SER D 91 -23.62 23.38 37.00
CA SER D 91 -22.53 24.33 37.24
C SER D 91 -21.33 23.57 37.80
N ALA D 92 -20.24 23.56 37.04
CA ALA D 92 -19.05 22.81 37.43
C ALA D 92 -17.91 23.02 36.44
N VAL D 93 -16.76 22.42 36.71
CA VAL D 93 -15.65 22.38 35.77
C VAL D 93 -15.76 21.09 34.97
N TYR D 94 -15.59 21.20 33.65
CA TYR D 94 -15.69 20.06 32.74
C TYR D 94 -14.35 19.87 32.07
N TYR D 95 -13.74 18.70 32.28
CA TYR D 95 -12.44 18.37 31.72
C TYR D 95 -12.60 17.42 30.53
N CYS D 96 -11.70 17.56 29.57
CA CYS D 96 -11.47 16.54 28.55
C CYS D 96 -10.15 15.86 28.83
N ALA D 97 -10.07 14.58 28.50
CA ALA D 97 -8.86 13.80 28.78
C ALA D 97 -8.72 12.70 27.74
N SER D 98 -7.52 12.59 27.17
CA SER D 98 -7.27 11.57 26.17
C SER D 98 -7.15 10.20 26.84
N PHE D 99 -7.21 9.16 26.02
CA PHE D 99 -7.26 7.78 26.48
C PHE D 99 -5.86 7.19 26.41
N LEU D 100 -5.32 6.82 27.57
CA LEU D 100 -4.03 6.14 27.59
C LEU D 100 -4.14 4.75 26.98
N GLY D 101 -5.28 4.10 27.15
CA GLY D 101 -5.35 2.65 27.19
C GLY D 101 -5.33 2.18 28.63
N ARG D 102 -5.43 0.87 28.79
CA ARG D 102 -5.42 0.24 30.11
C ARG D 102 -6.41 0.93 31.06
N GLY D 103 -7.54 1.38 30.51
CA GLY D 103 -8.56 1.99 31.35
C GLY D 103 -8.10 3.21 32.11
N ALA D 104 -7.14 3.95 31.55
CA ALA D 104 -6.61 5.16 32.18
C ALA D 104 -6.64 6.30 31.18
N MET D 105 -6.51 7.52 31.70
CA MET D 105 -6.56 8.74 30.88
C MET D 105 -5.30 9.55 31.16
N ASP D 106 -4.43 9.66 30.16
CA ASP D 106 -3.07 10.13 30.40
C ASP D 106 -2.91 11.65 30.40
N TYR D 107 -3.64 12.38 29.57
CA TYR D 107 -3.48 13.83 29.47
C TYR D 107 -4.83 14.52 29.62
N TRP D 108 -4.88 15.54 30.47
CA TRP D 108 -6.10 16.26 30.81
C TRP D 108 -5.99 17.71 30.38
N GLY D 109 -7.13 18.28 29.96
CA GLY D 109 -7.21 19.70 29.70
C GLY D 109 -7.34 20.51 30.99
N GLN D 110 -7.27 21.84 30.83
CA GLN D 110 -7.28 22.71 31.99
C GLN D 110 -8.64 22.80 32.66
N GLY D 111 -9.71 22.41 31.96
CA GLY D 111 -11.05 22.52 32.51
C GLY D 111 -11.77 23.76 32.01
N THR D 112 -13.08 23.62 31.78
CA THR D 112 -13.94 24.72 31.35
C THR D 112 -15.03 24.89 32.41
N SER D 113 -14.97 25.99 33.15
CA SER D 113 -15.99 26.25 34.15
C SER D 113 -17.30 26.63 33.47
N VAL D 114 -18.39 26.06 33.97
CA VAL D 114 -19.73 26.34 33.48
C VAL D 114 -20.55 26.82 34.68
N THR D 115 -21.13 28.02 34.54
CA THR D 115 -21.93 28.62 35.61
C THR D 115 -23.34 28.85 35.08
N VAL D 116 -24.33 28.40 35.85
CA VAL D 116 -25.73 28.44 35.44
C VAL D 116 -26.46 29.31 36.45
N SER D 117 -26.69 30.57 36.09
CA SER D 117 -27.44 31.50 36.93
C SER D 117 -28.31 32.38 36.05
N SER D 118 -29.33 32.97 36.67
CA SER D 118 -30.19 33.92 35.99
C SER D 118 -29.65 35.34 36.05
N ALA D 119 -28.82 35.65 37.04
CA ALA D 119 -28.26 36.98 37.17
C ALA D 119 -27.64 37.44 35.87
N LYS D 120 -27.63 38.75 35.65
CA LYS D 120 -26.95 39.36 34.53
C LYS D 120 -25.74 40.13 35.03
N THR D 121 -24.85 40.46 34.10
CA THR D 121 -23.61 41.15 34.44
C THR D 121 -23.88 42.36 35.32
N THR D 122 -23.14 42.47 36.43
CA THR D 122 -23.33 43.52 37.41
C THR D 122 -22.00 44.00 37.94
N ALA D 123 -21.84 45.33 38.06
CA ALA D 123 -20.59 45.92 38.51
C ALA D 123 -20.44 45.79 40.03
N PRO D 124 -19.21 45.74 40.53
CA PRO D 124 -19.00 45.56 41.97
C PRO D 124 -19.25 46.82 42.79
N SER D 125 -19.43 46.59 44.08
CA SER D 125 -19.42 47.62 45.12
C SER D 125 -18.17 47.39 45.96
N VAL D 126 -17.18 48.26 45.83
CA VAL D 126 -15.91 48.11 46.52
C VAL D 126 -15.93 48.99 47.76
N TYR D 127 -15.76 48.37 48.93
CA TYR D 127 -15.87 49.05 50.20
C TYR D 127 -14.53 48.97 50.94
N PRO D 128 -13.94 50.09 51.33
CA PRO D 128 -12.71 50.01 52.14
C PRO D 128 -13.02 49.53 53.54
N LEU D 129 -12.09 48.76 54.10
CA LEU D 129 -12.21 48.26 55.46
C LEU D 129 -11.03 48.77 56.28
N ALA D 130 -11.27 49.80 57.07
CA ALA D 130 -10.29 50.31 58.02
C ALA D 130 -10.63 49.84 59.43
N PRO D 131 -9.62 49.72 60.30
CA PRO D 131 -9.89 49.24 61.67
C PRO D 131 -10.77 50.19 62.48
N VAL D 132 -11.05 49.83 63.72
CA VAL D 132 -11.85 50.64 64.63
C VAL D 132 -10.93 51.54 65.43
N CYS D 133 -11.44 52.71 65.80
CA CYS D 133 -10.67 53.69 66.54
C CYS D 133 -10.31 53.18 67.94
N GLY D 138 0.77 47.05 69.22
CA GLY D 138 0.39 47.70 67.98
C GLY D 138 1.54 47.77 66.99
N SER D 139 2.05 46.60 66.58
CA SER D 139 3.19 46.52 65.69
C SER D 139 2.80 46.37 64.23
N SER D 140 1.75 45.60 63.94
CA SER D 140 1.25 45.43 62.59
C SER D 140 -0.22 45.82 62.52
N VAL D 141 -0.67 46.16 61.32
CA VAL D 141 -2.04 46.62 61.09
C VAL D 141 -2.62 45.83 59.93
N THR D 142 -3.89 45.45 60.06
CA THR D 142 -4.62 44.73 59.03
C THR D 142 -5.68 45.66 58.45
N LEU D 143 -5.59 45.93 57.16
CA LEU D 143 -6.62 46.62 56.41
C LEU D 143 -7.35 45.62 55.52
N GLY D 144 -8.52 46.01 55.01
CA GLY D 144 -9.34 45.11 54.24
C GLY D 144 -10.02 45.80 53.07
N CYS D 145 -10.59 44.98 52.21
CA CYS D 145 -11.34 45.45 51.06
C CYS D 145 -12.47 44.46 50.78
N LEU D 146 -13.67 44.97 50.60
CA LEU D 146 -14.86 44.16 50.37
C LEU D 146 -15.41 44.46 48.98
N VAL D 147 -15.49 43.42 48.15
CA VAL D 147 -16.03 43.52 46.79
C VAL D 147 -17.33 42.73 46.77
N LYS D 148 -18.45 43.44 46.62
CA LYS D 148 -19.76 42.84 46.82
C LYS D 148 -20.67 43.08 45.63
N GLY D 149 -21.54 42.10 45.37
CA GLY D 149 -22.58 42.23 44.38
C GLY D 149 -22.11 42.39 42.94
N TYR D 150 -21.15 41.60 42.51
CA TYR D 150 -20.64 41.65 41.15
C TYR D 150 -20.88 40.31 40.47
N PHE D 151 -21.03 40.36 39.14
CA PHE D 151 -21.31 39.16 38.37
C PHE D 151 -20.97 39.44 36.91
N PRO D 152 -20.33 38.49 36.20
CA PRO D 152 -19.86 37.19 36.67
C PRO D 152 -18.45 37.25 37.21
N GLU D 153 -17.95 36.13 37.72
CA GLU D 153 -16.51 35.99 37.84
C GLU D 153 -15.89 36.21 36.46
N PRO D 154 -14.63 36.68 36.40
CA PRO D 154 -13.74 36.98 37.52
C PRO D 154 -13.67 38.46 37.89
N VAL D 155 -13.14 38.72 39.07
CA VAL D 155 -12.67 40.03 39.47
C VAL D 155 -11.19 39.88 39.80
N THR D 156 -10.44 40.97 39.66
CA THR D 156 -9.03 40.99 40.01
C THR D 156 -8.79 42.09 41.04
N LEU D 157 -8.02 41.76 42.07
CA LEU D 157 -7.79 42.66 43.18
C LEU D 157 -6.31 42.74 43.49
N THR D 158 -5.84 43.96 43.75
CA THR D 158 -4.45 44.19 44.13
C THR D 158 -4.40 45.32 45.13
N TRP D 159 -3.27 45.42 45.82
CA TRP D 159 -3.03 46.46 46.82
C TRP D 159 -1.87 47.33 46.36
N ASN D 160 -2.09 48.65 46.33
CA ASN D 160 -1.12 49.58 45.78
C ASN D 160 -0.56 49.07 44.47
N SER D 161 -1.46 48.60 43.61
CA SER D 161 -1.13 48.20 42.24
C SER D 161 -0.26 46.96 42.18
N GLY D 162 -0.39 46.07 43.17
CA GLY D 162 0.41 44.86 43.22
C GLY D 162 1.75 45.03 43.91
N SER D 163 2.10 46.24 44.34
CA SER D 163 3.33 46.44 45.07
C SER D 163 3.34 45.65 46.37
N LEU D 164 2.19 45.57 47.04
CA LEU D 164 2.04 44.81 48.27
C LEU D 164 1.53 43.41 47.92
N SER D 165 2.38 42.40 48.10
CA SER D 165 1.99 41.02 47.82
C SER D 165 2.13 40.15 49.07
N ALA D 166 3.33 40.03 49.64
CA ALA D 166 3.47 39.39 50.94
C ALA D 166 2.51 40.04 51.94
N GLY D 167 1.99 39.23 52.85
CA GLY D 167 1.06 39.74 53.83
C GLY D 167 -0.33 40.04 53.31
N VAL D 168 -0.63 39.65 52.07
CA VAL D 168 -1.95 39.81 51.48
C VAL D 168 -2.64 38.45 51.50
N HIS D 169 -3.95 38.45 51.78
CA HIS D 169 -4.76 37.24 51.74
C HIS D 169 -6.06 37.59 51.03
N THR D 170 -6.12 37.27 49.74
CA THR D 170 -7.36 37.41 48.96
C THR D 170 -8.09 36.08 48.99
N PHE D 171 -9.34 36.11 49.43
CA PHE D 171 -10.13 34.90 49.60
C PHE D 171 -10.94 34.60 48.35
N PRO D 172 -11.33 33.34 48.14
CA PRO D 172 -12.20 33.02 47.01
C PRO D 172 -13.60 33.59 47.21
N ALA D 173 -14.26 33.85 46.09
CA ALA D 173 -15.58 34.46 46.11
C ALA D 173 -16.63 33.45 46.59
N VAL D 174 -17.79 33.98 47.01
CA VAL D 174 -18.89 33.17 47.48
C VAL D 174 -20.18 33.71 46.85
N LEU D 175 -21.13 32.81 46.62
CA LEU D 175 -22.45 33.21 46.15
C LEU D 175 -23.25 33.82 47.28
N GLN D 176 -24.00 34.87 46.96
CA GLN D 176 -24.68 35.67 47.98
C GLN D 176 -25.90 36.31 47.31
N SER D 177 -27.06 35.69 47.46
CA SER D 177 -28.28 36.13 46.80
C SER D 177 -28.10 36.14 45.28
N SER D 178 -27.38 35.14 44.78
CA SER D 178 -27.13 34.95 43.35
C SER D 178 -26.14 35.94 42.78
N LEU D 179 -25.26 36.50 43.62
CA LEU D 179 -24.17 37.35 43.16
C LEU D 179 -22.91 37.02 43.94
N TYR D 180 -21.77 37.30 43.34
CA TYR D 180 -20.48 36.96 43.93
C TYR D 180 -20.03 38.04 44.91
N THR D 181 -19.38 37.61 45.98
CA THR D 181 -18.85 38.50 47.01
C THR D 181 -17.43 38.06 47.34
N LEU D 182 -16.51 39.02 47.36
CA LEU D 182 -15.09 38.75 47.59
C LEU D 182 -14.53 39.73 48.59
N SER D 183 -13.54 39.28 49.35
CA SER D 183 -12.88 40.11 50.35
C SER D 183 -11.38 39.84 50.31
N SER D 184 -10.62 40.82 50.80
CA SER D 184 -9.16 40.70 50.81
C SER D 184 -8.60 41.51 51.96
N SER D 185 -7.56 40.97 52.60
CA SER D 185 -6.87 41.63 53.70
C SER D 185 -5.41 41.86 53.32
N VAL D 186 -4.89 43.02 53.75
CA VAL D 186 -3.49 43.35 53.62
C VAL D 186 -2.97 43.70 55.01
N THR D 187 -1.78 43.20 55.34
CA THR D 187 -1.17 43.43 56.64
C THR D 187 0.18 44.10 56.44
N VAL D 188 0.35 45.28 57.05
CA VAL D 188 1.57 46.06 56.93
C VAL D 188 2.04 46.45 58.32
N VAL D 189 3.22 47.05 58.38
CA VAL D 189 3.79 47.49 59.65
C VAL D 189 2.93 48.64 60.21
N ALA D 190 2.79 48.68 61.53
CA ALA D 190 1.98 49.72 62.15
C ALA D 190 2.49 51.12 61.78
N SER D 191 3.80 51.28 61.68
CA SER D 191 4.39 52.58 61.44
C SER D 191 4.27 53.03 59.98
N THR D 192 3.84 52.16 59.07
CA THR D 192 3.74 52.50 57.66
C THR D 192 2.31 52.77 57.21
N TRP D 193 1.34 52.72 58.13
CA TRP D 193 -0.03 53.14 57.84
C TRP D 193 -0.55 53.78 59.11
N PRO D 194 -1.25 54.93 59.02
CA PRO D 194 -1.63 55.63 57.78
C PRO D 194 -0.57 56.57 57.19
N SER D 195 0.68 56.52 57.66
CA SER D 195 1.69 57.45 57.16
C SER D 195 1.84 57.33 55.64
N GLN D 196 1.71 56.12 55.11
CA GLN D 196 1.73 55.87 53.68
C GLN D 196 0.36 55.34 53.27
N SER D 197 -0.03 55.64 52.03
CA SER D 197 -1.39 55.38 51.57
C SER D 197 -1.49 53.98 50.98
N ILE D 198 -2.50 53.24 51.42
CA ILE D 198 -2.78 51.89 50.93
C ILE D 198 -4.11 51.93 50.18
N THR D 199 -4.10 51.41 48.96
CA THR D 199 -5.26 51.46 48.09
C THR D 199 -5.61 50.07 47.59
N CYS D 200 -6.90 49.79 47.51
CA CYS D 200 -7.44 48.55 46.98
C CYS D 200 -7.82 48.78 45.53
N ASN D 201 -7.09 48.16 44.61
CA ASN D 201 -7.36 48.27 43.18
C ASN D 201 -8.19 47.06 42.75
N VAL D 202 -9.43 47.30 42.33
CA VAL D 202 -10.35 46.26 41.91
C VAL D 202 -10.71 46.48 40.45
N ALA D 203 -10.82 45.39 39.70
CA ALA D 203 -11.18 45.44 38.29
C ALA D 203 -12.14 44.32 37.97
N HIS D 204 -13.27 44.66 37.36
CA HIS D 204 -14.26 43.68 36.90
C HIS D 204 -14.37 43.79 35.38
N PRO D 205 -13.67 42.95 34.63
CA PRO D 205 -13.65 43.15 33.17
C PRO D 205 -15.02 43.04 32.53
N ALA D 206 -15.87 42.14 33.03
CA ALA D 206 -17.20 41.96 32.45
C ALA D 206 -17.98 43.27 32.43
N SER D 207 -17.67 44.19 33.33
CA SER D 207 -18.40 45.45 33.44
C SER D 207 -17.56 46.65 33.03
N SER D 208 -16.37 46.44 32.48
CA SER D 208 -15.45 47.54 32.18
C SER D 208 -15.29 48.43 33.42
N THR D 209 -15.20 47.81 34.59
CA THR D 209 -15.11 48.50 35.86
C THR D 209 -13.66 48.54 36.33
N LYS D 210 -13.28 49.66 36.93
CA LYS D 210 -11.96 49.80 37.54
C LYS D 210 -12.06 50.82 38.66
N VAL D 211 -12.05 50.34 39.91
CA VAL D 211 -12.12 51.19 41.08
C VAL D 211 -10.80 51.12 41.82
N ASP D 212 -10.38 52.25 42.37
CA ASP D 212 -9.20 52.35 43.24
C ASP D 212 -9.67 53.00 44.53
N LYS D 213 -10.00 52.18 45.53
CA LYS D 213 -10.57 52.65 46.79
C LYS D 213 -9.44 52.79 47.83
N LYS D 214 -9.08 54.03 48.14
CA LYS D 214 -8.11 54.27 49.20
C LYS D 214 -8.74 54.04 50.57
N ILE D 215 -7.89 53.75 51.55
CA ILE D 215 -8.29 53.54 52.94
C ILE D 215 -7.67 54.67 53.75
N GLU D 216 -8.50 55.44 54.46
CA GLU D 216 -7.97 56.61 55.15
C GLU D 216 -8.00 56.51 56.67
N PRO D 217 -9.13 56.16 57.32
CA PRO D 217 -9.08 56.18 58.78
C PRO D 217 -8.77 54.82 59.39
#